data_1B33
#
_entry.id   1B33
#
_cell.length_a   176.120
_cell.length_b   151.900
_cell.length_c   137.850
_cell.angle_alpha   90.00
_cell.angle_beta   90.00
_cell.angle_gamma   90.00
#
_symmetry.space_group_name_H-M   'P 21 21 21'
#
loop_
_entity.id
_entity.type
_entity.pdbx_description
1 polymer 'ALLOPHYCOCYANIN, ALPHA CHAIN'
2 polymer 'ALLOPHYCOCYANIN, BETA CHAIN'
3 polymer 'PHYCOBILISOME 7.8 KD LINKER POLYPEPTIDE'
4 non-polymer PHYCOCYANOBILIN
5 non-polymer 'BORATE ION'
6 water water
#
loop_
_entity_poly.entity_id
_entity_poly.type
_entity_poly.pdbx_seq_one_letter_code
_entity_poly.pdbx_strand_id
1 'polypeptide(L)'
;SIVTKSIVNADAEARYLSPGELDRIKSFVSSGEKRLRIAQILTDNRERIVKQAGDQLFQKRPDVVSPGGNAYGQEMTATC
LRDLDYYLRLITYGIVAGDVTPIEEIGIVGVREMYKSLGTPIDAVAAGVSAMKNVASSILSAEDAAEAGAYFDYVAGALA
;
A,C,E,H,J,L
2 'polypeptide(L)'
;MQDAITAVINSSDVQGKYLDTAALEKLKSYFSTGELRVRAATTIAANAAAIVKEAVAKSLLYSDITRPGG(MEN)MYTTR
RYAACIRDLDYYLRYATYAMLAGDPSILDERVLNGLKETYNSLGVPISATVQAIQAMKEVTASLVGPDAGKEMGVYFDYI
CSGLS
;
B,D,F,I,K,M
3 'polypeptide(L)' GRLFKITACVPSQTRIRTQRELQNTYFTKLVPYENWFREQQRIQKMGGKIVKVELATGKQGINTGLA N,O
#
# COMPACT_ATOMS: atom_id res chain seq x y z
N SER A 1 15.37 -25.27 7.60
CA SER A 1 16.14 -24.10 7.12
C SER A 1 15.28 -22.87 6.98
N ILE A 2 15.86 -21.73 7.33
CA ILE A 2 15.18 -20.45 7.26
C ILE A 2 14.83 -20.08 5.81
N VAL A 3 15.60 -20.55 4.83
CA VAL A 3 15.32 -20.25 3.44
C VAL A 3 13.98 -20.90 3.05
N THR A 4 13.85 -22.19 3.32
CA THR A 4 12.61 -22.92 3.05
C THR A 4 11.44 -22.31 3.79
N LYS A 5 11.60 -22.06 5.08
CA LYS A 5 10.54 -21.47 5.89
C LYS A 5 10.04 -20.15 5.31
N SER A 6 10.96 -19.31 4.85
CA SER A 6 10.62 -18.03 4.25
C SER A 6 9.89 -18.22 2.92
N ILE A 7 10.37 -19.16 2.10
CA ILE A 7 9.73 -19.41 0.83
C ILE A 7 8.30 -19.92 1.04
N VAL A 8 8.13 -20.86 1.98
CA VAL A 8 6.82 -21.41 2.30
C VAL A 8 5.83 -20.33 2.73
N ASN A 9 6.27 -19.40 3.59
CA ASN A 9 5.41 -18.30 4.03
C ASN A 9 5.02 -17.37 2.88
N ALA A 10 6.01 -16.93 2.11
CA ALA A 10 5.78 -16.05 0.97
C ALA A 10 4.82 -16.71 -0.03
N ASP A 11 5.02 -18.00 -0.27
CA ASP A 11 4.18 -18.77 -1.19
C ASP A 11 2.74 -18.86 -0.68
N ALA A 12 2.60 -18.99 0.64
CA ALA A 12 1.30 -19.06 1.27
C ALA A 12 0.52 -17.79 1.02
N GLU A 13 1.22 -16.66 0.88
CA GLU A 13 0.57 -15.37 0.62
C GLU A 13 0.70 -14.90 -0.83
N ALA A 14 1.02 -15.85 -1.71
CA ALA A 14 1.17 -15.60 -3.15
C ALA A 14 2.01 -14.38 -3.50
N ARG A 15 3.10 -14.17 -2.75
CA ARG A 15 3.98 -13.01 -2.97
C ARG A 15 5.45 -13.37 -2.95
N TYR A 16 6.26 -12.47 -3.47
CA TYR A 16 7.70 -12.65 -3.46
C TYR A 16 8.12 -12.45 -2.00
N LEU A 17 9.36 -12.80 -1.67
CA LEU A 17 9.83 -12.63 -0.30
C LEU A 17 9.89 -11.15 0.07
N SER A 18 9.53 -10.84 1.30
CA SER A 18 9.58 -9.46 1.77
C SER A 18 11.05 -9.07 2.00
N PRO A 19 11.38 -7.77 1.87
CA PRO A 19 12.77 -7.32 2.07
C PRO A 19 13.31 -7.81 3.43
N GLY A 20 12.42 -7.85 4.43
CA GLY A 20 12.81 -8.31 5.75
C GLY A 20 13.21 -9.77 5.72
N GLU A 21 12.44 -10.59 5.01
CA GLU A 21 12.73 -12.01 4.90
C GLU A 21 14.03 -12.26 4.13
N LEU A 22 14.26 -11.48 3.08
CA LEU A 22 15.47 -11.60 2.26
C LEU A 22 16.73 -11.15 3.02
N ASP A 23 16.55 -10.20 3.93
CA ASP A 23 17.66 -9.69 4.74
C ASP A 23 18.05 -10.78 5.74
N ARG A 24 17.07 -11.34 6.45
CA ARG A 24 17.33 -12.43 7.39
C ARG A 24 18.07 -13.58 6.69
N ILE A 25 17.77 -13.80 5.41
CA ILE A 25 18.44 -14.84 4.65
C ILE A 25 19.90 -14.43 4.41
N LYS A 26 20.11 -13.15 4.08
CA LYS A 26 21.46 -12.61 3.85
C LYS A 26 22.30 -12.91 5.09
N SER A 27 21.81 -12.47 6.24
CA SER A 27 22.48 -12.67 7.52
C SER A 27 22.78 -14.15 7.76
N PHE A 28 21.77 -14.98 7.57
CA PHE A 28 21.88 -16.42 7.77
C PHE A 28 23.05 -17.04 7.00
N VAL A 29 23.10 -16.82 5.69
CA VAL A 29 24.16 -17.42 4.87
C VAL A 29 25.58 -16.98 5.19
N SER A 30 25.73 -15.80 5.78
CA SER A 30 27.04 -15.30 6.13
C SER A 30 27.50 -15.74 7.50
N SER A 31 26.59 -15.84 8.46
CA SER A 31 26.96 -16.25 9.80
C SER A 31 26.97 -17.78 9.98
N GLY A 32 27.35 -18.50 8.93
CA GLY A 32 27.40 -19.95 8.99
C GLY A 32 28.65 -20.60 9.55
N GLU A 33 29.81 -19.97 9.34
CA GLU A 33 31.10 -20.51 9.81
C GLU A 33 31.11 -21.19 11.17
N LYS A 34 30.71 -20.46 12.22
CA LYS A 34 30.70 -20.98 13.58
C LYS A 34 29.86 -22.25 13.78
N ARG A 35 28.77 -22.36 13.03
CA ARG A 35 27.89 -23.52 13.11
C ARG A 35 28.48 -24.77 12.44
N LEU A 36 29.10 -24.60 11.27
CA LEU A 36 29.74 -25.72 10.59
C LEU A 36 30.91 -26.25 11.44
N ARG A 37 31.60 -25.33 12.11
CA ARG A 37 32.72 -25.65 13.00
C ARG A 37 32.20 -26.55 14.13
N ILE A 38 31.10 -26.14 14.76
CA ILE A 38 30.49 -26.90 15.84
C ILE A 38 30.11 -28.31 15.37
N ALA A 39 29.46 -28.39 14.20
CA ALA A 39 29.04 -29.66 13.64
C ALA A 39 30.23 -30.60 13.40
N GLN A 40 31.30 -30.06 12.82
CA GLN A 40 32.51 -30.83 12.55
C GLN A 40 33.09 -31.45 13.81
N ILE A 41 33.23 -30.65 14.85
CA ILE A 41 33.75 -31.12 16.13
C ILE A 41 32.92 -32.29 16.70
N LEU A 42 31.59 -32.16 16.67
CA LEU A 42 30.74 -33.23 17.16
C LEU A 42 30.91 -34.49 16.31
N THR A 43 30.99 -34.31 15.00
CA THR A 43 31.18 -35.41 14.06
C THR A 43 32.46 -36.18 14.37
N ASP A 44 33.56 -35.45 14.49
CA ASP A 44 34.87 -36.02 14.79
C ASP A 44 34.92 -36.80 16.09
N ASN A 45 34.22 -36.32 17.11
CA ASN A 45 34.19 -36.97 18.40
C ASN A 45 32.98 -37.86 18.67
N ARG A 46 32.23 -38.16 17.63
CA ARG A 46 31.02 -38.96 17.75
C ARG A 46 31.17 -40.24 18.59
N GLU A 47 32.17 -41.06 18.26
CA GLU A 47 32.41 -42.35 18.93
C GLU A 47 32.52 -42.20 20.43
N ARG A 48 33.20 -41.13 20.85
CA ARG A 48 33.42 -40.87 22.26
C ARG A 48 32.19 -40.27 22.96
N ILE A 49 31.54 -39.30 22.33
CA ILE A 49 30.35 -38.64 22.90
C ILE A 49 29.25 -39.67 23.21
N VAL A 50 28.99 -40.55 22.26
CA VAL A 50 27.97 -41.56 22.44
C VAL A 50 28.39 -42.61 23.46
N LYS A 51 29.60 -43.15 23.32
CA LYS A 51 30.08 -44.17 24.25
C LYS A 51 30.00 -43.71 25.71
N GLN A 52 30.56 -42.54 26.01
CA GLN A 52 30.55 -42.02 27.37
C GLN A 52 29.14 -41.65 27.85
N ALA A 53 28.32 -41.14 26.94
CA ALA A 53 26.93 -40.76 27.26
C ALA A 53 26.16 -42.01 27.70
N GLY A 54 26.43 -43.13 27.03
CA GLY A 54 25.79 -44.39 27.37
C GLY A 54 26.15 -44.73 28.81
N ASP A 55 27.45 -44.72 29.11
CA ASP A 55 27.94 -45.02 30.45
C ASP A 55 27.20 -44.21 31.51
N GLN A 56 27.08 -42.90 31.30
CA GLN A 56 26.37 -42.01 32.24
C GLN A 56 24.92 -42.44 32.38
N LEU A 57 24.26 -42.67 31.26
CA LEU A 57 22.85 -43.08 31.25
C LEU A 57 22.62 -44.35 32.07
N PHE A 58 23.42 -45.38 31.83
CA PHE A 58 23.27 -46.65 32.55
C PHE A 58 23.55 -46.50 34.05
N GLN A 59 24.46 -45.61 34.42
CA GLN A 59 24.77 -45.38 35.84
C GLN A 59 23.53 -44.75 36.49
N LYS A 60 22.96 -43.75 35.84
CA LYS A 60 21.77 -43.07 36.35
C LYS A 60 20.47 -43.87 36.12
N ARG A 61 20.46 -44.69 35.07
CA ARG A 61 19.29 -45.52 34.71
C ARG A 61 19.76 -46.95 34.51
N PRO A 62 20.03 -47.66 35.62
CA PRO A 62 20.49 -49.05 35.57
C PRO A 62 19.38 -50.01 35.18
N ASP A 63 18.14 -49.61 35.44
CA ASP A 63 16.97 -50.41 35.12
C ASP A 63 16.92 -50.86 33.65
N VAL A 64 17.28 -49.96 32.75
CA VAL A 64 17.26 -50.24 31.31
C VAL A 64 18.22 -51.33 30.85
N VAL A 65 19.26 -51.62 31.64
CA VAL A 65 20.23 -52.66 31.28
C VAL A 65 20.25 -53.85 32.24
N SER A 66 19.27 -53.88 33.14
CA SER A 66 19.15 -54.95 34.12
C SER A 66 18.11 -55.93 33.57
N PRO A 67 18.02 -57.15 34.15
CA PRO A 67 17.05 -58.13 33.67
C PRO A 67 15.64 -57.52 33.57
N GLY A 68 15.08 -57.53 32.37
CA GLY A 68 13.78 -56.96 32.15
C GLY A 68 13.82 -55.60 31.46
N GLY A 69 14.96 -54.93 31.50
CA GLY A 69 15.08 -53.62 30.87
C GLY A 69 15.08 -53.75 29.36
N ASN A 70 14.73 -52.67 28.67
CA ASN A 70 14.67 -52.68 27.20
C ASN A 70 16.04 -52.91 26.54
N ALA A 71 17.10 -52.39 27.15
CA ALA A 71 18.44 -52.54 26.60
C ALA A 71 19.25 -53.62 27.34
N TYR A 72 18.57 -54.60 27.92
CA TYR A 72 19.25 -55.65 28.65
C TYR A 72 19.97 -56.59 27.68
N GLY A 73 21.26 -56.73 27.87
CA GLY A 73 22.04 -57.58 27.00
C GLY A 73 23.08 -56.79 26.25
N GLN A 74 24.07 -57.50 25.74
CA GLN A 74 25.15 -56.89 24.99
C GLN A 74 24.65 -56.29 23.68
N GLU A 75 23.89 -57.08 22.92
CA GLU A 75 23.36 -56.64 21.64
C GLU A 75 22.36 -55.50 21.82
N MET A 76 21.42 -55.67 22.75
CA MET A 76 20.40 -54.65 23.01
C MET A 76 21.03 -53.33 23.41
N THR A 77 22.08 -53.39 24.23
CA THR A 77 22.79 -52.20 24.67
C THR A 77 23.46 -51.55 23.48
N ALA A 78 23.97 -52.37 22.57
CA ALA A 78 24.62 -51.84 21.37
C ALA A 78 23.59 -51.09 20.55
N THR A 79 22.36 -51.61 20.50
CA THR A 79 21.29 -50.95 19.75
C THR A 79 20.98 -49.59 20.38
N CYS A 80 20.96 -49.55 21.71
CA CYS A 80 20.71 -48.32 22.43
C CYS A 80 21.71 -47.23 22.01
N LEU A 81 22.99 -47.59 21.95
CA LEU A 81 24.01 -46.62 21.54
C LEU A 81 23.84 -46.21 20.08
N ARG A 82 23.29 -47.12 19.28
CA ARG A 82 23.04 -46.90 17.86
C ARG A 82 22.00 -45.76 17.72
N ASP A 83 20.98 -45.78 18.59
CA ASP A 83 19.96 -44.74 18.58
C ASP A 83 20.53 -43.39 19.01
N LEU A 84 21.42 -43.40 20.01
CA LEU A 84 22.08 -42.16 20.48
C LEU A 84 22.91 -41.60 19.34
N ASP A 85 23.57 -42.50 18.60
CA ASP A 85 24.37 -42.09 17.45
C ASP A 85 23.47 -41.45 16.40
N TYR A 86 22.28 -42.03 16.19
CA TYR A 86 21.30 -41.50 15.25
C TYR A 86 20.99 -40.06 15.63
N TYR A 87 20.62 -39.85 16.89
CA TYR A 87 20.31 -38.52 17.36
C TYR A 87 21.46 -37.53 17.32
N LEU A 88 22.68 -37.98 17.61
CA LEU A 88 23.85 -37.11 17.55
C LEU A 88 23.98 -36.63 16.09
N ARG A 89 23.85 -37.56 15.15
CA ARG A 89 23.93 -37.25 13.73
C ARG A 89 22.84 -36.22 13.38
N LEU A 90 21.61 -36.49 13.77
CA LEU A 90 20.49 -35.58 13.52
C LEU A 90 20.77 -34.19 14.09
N ILE A 91 21.37 -34.17 15.28
CA ILE A 91 21.73 -32.91 15.93
C ILE A 91 22.73 -32.15 15.07
N THR A 92 23.69 -32.83 14.46
CA THR A 92 24.65 -32.14 13.60
C THR A 92 23.97 -31.53 12.36
N TYR A 93 23.00 -32.24 11.80
CA TYR A 93 22.24 -31.76 10.64
C TYR A 93 21.51 -30.46 11.03
N GLY A 94 20.84 -30.49 12.18
CA GLY A 94 20.12 -29.33 12.68
C GLY A 94 21.04 -28.13 12.91
N ILE A 95 22.20 -28.38 13.49
CA ILE A 95 23.18 -27.31 13.74
C ILE A 95 23.61 -26.61 12.45
N VAL A 96 24.01 -27.37 11.44
CA VAL A 96 24.39 -26.74 10.18
C VAL A 96 23.19 -26.01 9.54
N ALA A 97 22.01 -26.61 9.62
CA ALA A 97 20.79 -26.04 9.05
C ALA A 97 20.37 -24.74 9.73
N GLY A 98 20.64 -24.63 11.03
CA GLY A 98 20.28 -23.42 11.74
C GLY A 98 18.97 -23.57 12.49
N ASP A 99 18.31 -24.71 12.31
CA ASP A 99 17.05 -24.98 13.01
C ASP A 99 16.88 -26.48 13.27
N VAL A 100 15.86 -26.84 14.02
CA VAL A 100 15.61 -28.24 14.35
C VAL A 100 14.68 -28.97 13.39
N THR A 101 14.49 -28.42 12.20
CA THR A 101 13.60 -29.04 11.24
C THR A 101 14.08 -30.44 10.79
N PRO A 102 15.38 -30.59 10.46
CA PRO A 102 15.87 -31.91 10.03
C PRO A 102 15.72 -32.92 11.16
N ILE A 103 15.97 -32.47 12.39
CA ILE A 103 15.87 -33.32 13.56
C ILE A 103 14.42 -33.79 13.73
N GLU A 104 13.52 -32.83 13.63
CA GLU A 104 12.09 -33.09 13.77
C GLU A 104 11.57 -34.06 12.70
N GLU A 105 11.93 -33.80 11.44
CA GLU A 105 11.49 -34.63 10.32
C GLU A 105 12.03 -36.05 10.26
N ILE A 106 13.29 -36.23 10.63
CA ILE A 106 13.90 -37.55 10.60
C ILE A 106 13.74 -38.35 11.89
N GLY A 107 13.84 -37.69 13.04
CA GLY A 107 13.74 -38.42 14.29
C GLY A 107 12.76 -38.01 15.37
N ILE A 108 11.86 -37.08 15.15
CA ILE A 108 10.93 -36.72 16.21
C ILE A 108 9.47 -37.06 15.91
N VAL A 109 9.03 -36.79 14.69
CA VAL A 109 7.64 -37.09 14.31
C VAL A 109 7.37 -38.60 14.40
N GLY A 110 6.44 -38.97 15.27
CA GLY A 110 6.09 -40.36 15.45
C GLY A 110 6.99 -41.11 16.43
N VAL A 111 7.99 -40.42 16.96
CA VAL A 111 8.94 -41.04 17.87
C VAL A 111 8.28 -41.73 19.06
N ARG A 112 7.21 -41.16 19.56
CA ARG A 112 6.54 -41.76 20.71
C ARG A 112 5.85 -43.07 20.38
N GLU A 113 5.23 -43.15 19.20
CA GLU A 113 4.56 -44.37 18.80
C GLU A 113 5.60 -45.46 18.52
N MET A 114 6.73 -45.07 17.94
CA MET A 114 7.78 -46.03 17.64
C MET A 114 8.33 -46.66 18.93
N TYR A 115 8.81 -45.83 19.83
CA TYR A 115 9.37 -46.32 21.08
C TYR A 115 8.31 -46.96 21.96
N LYS A 116 7.08 -46.47 21.90
CA LYS A 116 6.01 -47.06 22.69
C LYS A 116 5.81 -48.51 22.26
N SER A 117 5.89 -48.76 20.95
CA SER A 117 5.74 -50.10 20.41
C SER A 117 6.90 -51.00 20.84
N LEU A 118 8.13 -50.53 20.65
CA LEU A 118 9.32 -51.28 21.03
C LEU A 118 9.42 -51.56 22.54
N GLY A 119 8.78 -50.73 23.36
CA GLY A 119 8.87 -50.95 24.79
C GLY A 119 9.99 -50.14 25.41
N THR A 120 10.64 -49.31 24.59
CA THR A 120 11.76 -48.46 25.03
C THR A 120 11.25 -47.27 25.83
N PRO A 121 11.76 -47.09 27.07
CA PRO A 121 11.35 -45.96 27.93
C PRO A 121 11.91 -44.66 27.34
N ILE A 122 11.07 -43.94 26.62
CA ILE A 122 11.50 -42.72 25.95
C ILE A 122 12.18 -41.67 26.82
N ASP A 123 11.75 -41.53 28.07
CA ASP A 123 12.35 -40.55 28.98
C ASP A 123 13.82 -40.89 29.20
N ALA A 124 14.13 -42.19 29.09
CA ALA A 124 15.50 -42.65 29.26
C ALA A 124 16.30 -42.30 28.00
N VAL A 125 15.62 -42.26 26.85
CA VAL A 125 16.29 -41.89 25.61
C VAL A 125 16.64 -40.41 25.73
N ALA A 126 15.73 -39.63 26.32
CA ALA A 126 15.93 -38.19 26.54
C ALA A 126 17.19 -38.00 27.40
N ALA A 127 17.31 -38.83 28.43
CA ALA A 127 18.45 -38.81 29.34
C ALA A 127 19.79 -39.05 28.62
N GLY A 128 19.81 -40.02 27.71
CA GLY A 128 21.03 -40.31 26.95
C GLY A 128 21.45 -39.15 26.07
N VAL A 129 20.47 -38.42 25.55
CA VAL A 129 20.77 -37.27 24.70
C VAL A 129 21.36 -36.16 25.57
N SER A 130 20.76 -35.95 26.75
CA SER A 130 21.25 -34.95 27.70
C SER A 130 22.69 -35.32 28.03
N ALA A 131 22.93 -36.61 28.20
CA ALA A 131 24.26 -37.13 28.49
C ALA A 131 25.21 -36.76 27.36
N MET A 132 24.80 -36.95 26.11
CA MET A 132 25.65 -36.60 24.97
C MET A 132 25.99 -35.11 24.98
N LYS A 133 25.03 -34.28 25.38
CA LYS A 133 25.23 -32.83 25.45
C LYS A 133 26.33 -32.58 26.47
N ASN A 134 26.22 -33.26 27.60
CA ASN A 134 27.16 -33.17 28.70
C ASN A 134 28.57 -33.53 28.22
N VAL A 135 28.71 -34.71 27.62
CA VAL A 135 30.01 -35.15 27.12
C VAL A 135 30.52 -34.18 26.07
N ALA A 136 29.63 -33.72 25.19
CA ALA A 136 29.99 -32.77 24.14
C ALA A 136 30.45 -31.47 24.79
N SER A 137 29.81 -31.12 25.90
CA SER A 137 30.14 -29.89 26.63
C SER A 137 31.57 -29.85 27.15
N SER A 138 32.26 -30.99 27.16
CA SER A 138 33.65 -31.04 27.62
C SER A 138 34.61 -31.04 26.42
N ILE A 139 34.07 -30.78 25.24
CA ILE A 139 34.88 -30.79 24.03
C ILE A 139 34.73 -29.48 23.26
N LEU A 140 33.59 -28.82 23.42
CA LEU A 140 33.32 -27.56 22.74
C LEU A 140 33.65 -26.34 23.58
N SER A 141 33.95 -25.22 22.91
CA SER A 141 34.23 -23.95 23.57
C SER A 141 32.96 -23.63 24.36
N ALA A 142 33.08 -22.94 25.48
CA ALA A 142 31.88 -22.61 26.26
C ALA A 142 30.79 -21.99 25.38
N GLU A 143 31.22 -21.23 24.37
CA GLU A 143 30.27 -20.60 23.45
C GLU A 143 29.66 -21.58 22.45
N ASP A 144 30.49 -22.44 21.87
CA ASP A 144 30.01 -23.45 20.93
C ASP A 144 29.06 -24.39 21.66
N ALA A 145 29.40 -24.71 22.90
CA ALA A 145 28.60 -25.59 23.76
C ALA A 145 27.26 -24.93 24.07
N ALA A 146 27.29 -23.61 24.23
CA ALA A 146 26.07 -22.86 24.52
C ALA A 146 25.14 -22.88 23.31
N GLU A 147 25.70 -22.67 22.12
CA GLU A 147 24.91 -22.64 20.88
C GLU A 147 24.33 -24.01 20.50
N ALA A 148 25.17 -25.04 20.55
CA ALA A 148 24.75 -26.40 20.23
C ALA A 148 23.77 -26.93 21.30
N GLY A 149 23.94 -26.46 22.53
CA GLY A 149 23.07 -26.88 23.62
C GLY A 149 21.60 -26.72 23.32
N ALA A 150 21.22 -25.67 22.60
CA ALA A 150 19.82 -25.42 22.25
C ALA A 150 19.22 -26.59 21.45
N TYR A 151 20.04 -27.20 20.59
CA TYR A 151 19.62 -28.33 19.77
C TYR A 151 19.45 -29.58 20.61
N PHE A 152 20.44 -29.86 21.45
CA PHE A 152 20.41 -31.02 22.35
C PHE A 152 19.16 -30.92 23.23
N ASP A 153 18.94 -29.74 23.82
CA ASP A 153 17.79 -29.52 24.68
C ASP A 153 16.47 -29.78 23.95
N TYR A 154 16.43 -29.48 22.66
CA TYR A 154 15.24 -29.70 21.86
C TYR A 154 14.94 -31.20 21.78
N VAL A 155 15.92 -31.98 21.31
CA VAL A 155 15.74 -33.43 21.19
C VAL A 155 15.31 -34.02 22.53
N ALA A 156 16.02 -33.65 23.59
CA ALA A 156 15.73 -34.14 24.93
C ALA A 156 14.31 -33.79 25.37
N GLY A 157 13.90 -32.55 25.15
CA GLY A 157 12.57 -32.11 25.52
C GLY A 157 11.50 -32.83 24.73
N ALA A 158 11.79 -33.08 23.46
CA ALA A 158 10.87 -33.77 22.58
C ALA A 158 10.78 -35.28 22.88
N LEU A 159 11.85 -35.86 23.43
CA LEU A 159 11.86 -37.28 23.77
C LEU A 159 11.25 -37.57 25.14
N ALA A 160 9.93 -37.43 25.20
CA ALA A 160 9.16 -37.67 26.40
C ALA A 160 7.69 -37.82 25.94
N MET B 1 8.75 -28.97 -0.02
CA MET B 1 9.91 -28.51 -0.84
C MET B 1 11.16 -28.65 0.01
N GLN B 2 12.31 -28.46 -0.62
CA GLN B 2 13.59 -28.52 0.08
C GLN B 2 14.57 -27.52 -0.56
N ASP B 3 15.49 -27.00 0.22
CA ASP B 3 16.49 -26.09 -0.32
C ASP B 3 17.80 -26.86 -0.48
N ALA B 4 18.83 -26.19 -0.98
CA ALA B 4 20.14 -26.80 -1.18
C ALA B 4 20.72 -27.41 0.10
N ILE B 5 20.46 -26.78 1.24
CA ILE B 5 20.96 -27.26 2.53
C ILE B 5 20.28 -28.61 2.87
N THR B 6 18.95 -28.58 2.97
CA THR B 6 18.17 -29.75 3.29
C THR B 6 18.43 -30.87 2.29
N ALA B 7 18.59 -30.51 1.02
CA ALA B 7 18.88 -31.49 -0.02
C ALA B 7 20.13 -32.30 0.29
N VAL B 8 21.17 -31.64 0.81
CA VAL B 8 22.42 -32.31 1.14
C VAL B 8 22.21 -33.16 2.39
N ILE B 9 21.54 -32.60 3.39
CA ILE B 9 21.27 -33.31 4.62
C ILE B 9 20.54 -34.62 4.35
N ASN B 10 19.53 -34.56 3.48
CA ASN B 10 18.75 -35.73 3.12
C ASN B 10 19.55 -36.77 2.33
N SER B 11 20.48 -36.32 1.47
CA SER B 11 21.30 -37.26 0.71
C SER B 11 22.26 -38.03 1.64
N SER B 12 22.71 -37.37 2.71
CA SER B 12 23.59 -38.00 3.70
C SER B 12 22.78 -38.90 4.65
N ASP B 13 21.58 -38.47 5.02
CA ASP B 13 20.72 -39.21 5.93
C ASP B 13 20.23 -40.55 5.35
N VAL B 14 19.94 -40.58 4.06
CA VAL B 14 19.49 -41.80 3.41
C VAL B 14 20.61 -42.85 3.44
N GLN B 15 21.83 -42.39 3.60
CA GLN B 15 22.99 -43.28 3.69
C GLN B 15 23.34 -43.53 5.16
N GLY B 16 22.69 -42.79 6.05
CA GLY B 16 22.93 -42.91 7.48
C GLY B 16 24.27 -42.32 7.88
N LYS B 17 24.78 -41.40 7.07
CA LYS B 17 26.08 -40.78 7.31
C LYS B 17 26.06 -39.36 7.82
N TYR B 18 27.08 -39.05 8.61
CA TYR B 18 27.29 -37.71 9.13
C TYR B 18 27.76 -36.95 7.89
N LEU B 19 27.56 -35.64 7.85
CA LEU B 19 27.99 -34.88 6.67
C LEU B 19 29.52 -35.01 6.53
N ASP B 20 29.96 -35.45 5.36
CA ASP B 20 31.39 -35.60 5.09
C ASP B 20 31.97 -34.37 4.37
N THR B 21 33.20 -34.50 3.91
CA THR B 21 33.89 -33.41 3.23
C THR B 21 33.19 -32.87 1.97
N ALA B 22 32.79 -33.76 1.07
CA ALA B 22 32.12 -33.37 -0.15
C ALA B 22 30.79 -32.69 0.15
N ALA B 23 30.02 -33.29 1.06
CA ALA B 23 28.73 -32.74 1.47
C ALA B 23 28.96 -31.33 1.98
N LEU B 24 29.93 -31.21 2.87
CA LEU B 24 30.29 -29.92 3.44
C LEU B 24 30.73 -28.92 2.35
N GLU B 25 31.33 -29.42 1.28
CA GLU B 25 31.79 -28.58 0.17
C GLU B 25 30.57 -28.00 -0.52
N LYS B 26 29.59 -28.87 -0.80
CA LYS B 26 28.35 -28.44 -1.43
C LYS B 26 27.68 -27.36 -0.58
N LEU B 27 27.61 -27.57 0.73
CA LEU B 27 27.01 -26.59 1.62
C LEU B 27 27.68 -25.22 1.51
N LYS B 28 29.02 -25.19 1.50
CA LYS B 28 29.75 -23.92 1.38
C LYS B 28 29.37 -23.20 0.08
N SER B 29 29.39 -23.93 -1.04
CA SER B 29 29.04 -23.37 -2.35
C SER B 29 27.69 -22.66 -2.30
N TYR B 30 26.74 -23.23 -1.58
CA TYR B 30 25.43 -22.60 -1.48
C TYR B 30 25.52 -21.32 -0.67
N PHE B 31 26.00 -21.44 0.57
CA PHE B 31 26.13 -20.29 1.46
C PHE B 31 26.84 -19.11 0.78
N SER B 32 27.85 -19.42 -0.02
CA SER B 32 28.63 -18.41 -0.74
C SER B 32 27.89 -17.73 -1.90
N THR B 33 26.81 -18.34 -2.37
CA THR B 33 26.03 -17.75 -3.47
C THR B 33 24.78 -17.06 -2.91
N GLY B 34 24.61 -17.18 -1.59
CA GLY B 34 23.48 -16.59 -0.90
C GLY B 34 23.16 -15.15 -1.20
N GLU B 35 24.09 -14.22 -1.00
CA GLU B 35 23.77 -12.82 -1.27
C GLU B 35 23.49 -12.56 -2.75
N LEU B 36 24.19 -13.24 -3.65
CA LEU B 36 23.95 -13.05 -5.06
C LEU B 36 22.52 -13.48 -5.40
N ARG B 37 22.08 -14.58 -4.79
CA ARG B 37 20.72 -15.08 -4.99
C ARG B 37 19.68 -14.10 -4.46
N VAL B 38 19.91 -13.58 -3.26
CA VAL B 38 18.99 -12.60 -2.68
C VAL B 38 18.93 -11.36 -3.56
N ARG B 39 20.07 -10.90 -4.04
CA ARG B 39 20.11 -9.72 -4.91
C ARG B 39 19.27 -9.97 -6.15
N ALA B 40 19.58 -11.04 -6.88
CA ALA B 40 18.85 -11.41 -8.08
C ALA B 40 17.35 -11.44 -7.81
N ALA B 41 16.98 -12.04 -6.67
CA ALA B 41 15.59 -12.15 -6.28
C ALA B 41 14.99 -10.77 -6.10
N THR B 42 15.66 -9.90 -5.34
CA THR B 42 15.18 -8.55 -5.08
C THR B 42 14.92 -7.78 -6.37
N THR B 43 15.83 -7.94 -7.32
CA THR B 43 15.72 -7.31 -8.63
C THR B 43 14.49 -7.86 -9.34
N ILE B 44 14.48 -9.17 -9.56
CA ILE B 44 13.38 -9.86 -10.24
C ILE B 44 12.01 -9.49 -9.70
N ALA B 45 11.85 -9.40 -8.39
CA ALA B 45 10.57 -9.03 -7.81
C ALA B 45 10.12 -7.65 -8.28
N ALA B 46 11.06 -6.71 -8.30
CA ALA B 46 10.82 -5.33 -8.73
C ALA B 46 10.40 -5.28 -10.20
N ASN B 47 11.13 -5.99 -11.04
CA ASN B 47 10.87 -6.09 -12.48
C ASN B 47 9.82 -7.16 -12.86
N ALA B 48 9.13 -7.74 -11.88
CA ALA B 48 8.15 -8.82 -12.15
C ALA B 48 7.21 -8.56 -13.32
N ALA B 49 6.47 -7.46 -13.25
CA ALA B 49 5.52 -7.11 -14.30
C ALA B 49 6.21 -6.82 -15.63
N ALA B 50 7.37 -6.16 -15.59
CA ALA B 50 8.13 -5.80 -16.79
C ALA B 50 8.72 -7.00 -17.52
N ILE B 51 9.14 -8.00 -16.76
CA ILE B 51 9.70 -9.23 -17.33
C ILE B 51 8.62 -9.93 -18.15
N VAL B 52 7.47 -10.15 -17.53
CA VAL B 52 6.33 -10.80 -18.20
C VAL B 52 5.86 -9.97 -19.40
N LYS B 53 5.73 -8.66 -19.21
CA LYS B 53 5.30 -7.77 -20.28
C LYS B 53 6.16 -7.94 -21.52
N GLU B 54 7.47 -7.86 -21.33
CA GLU B 54 8.39 -7.99 -22.44
C GLU B 54 8.38 -9.38 -23.06
N ALA B 55 8.29 -10.40 -22.22
CA ALA B 55 8.25 -11.78 -22.70
C ALA B 55 7.00 -12.00 -23.55
N VAL B 56 5.90 -11.43 -23.11
CA VAL B 56 4.65 -11.54 -23.84
C VAL B 56 4.75 -10.79 -25.16
N ALA B 57 5.31 -9.58 -25.13
CA ALA B 57 5.45 -8.79 -26.35
C ALA B 57 6.36 -9.50 -27.35
N LYS B 58 7.38 -10.16 -26.84
CA LYS B 58 8.33 -10.89 -27.67
C LYS B 58 7.84 -12.23 -28.26
N SER B 59 7.00 -12.96 -27.55
CA SER B 59 6.57 -14.26 -28.03
C SER B 59 5.10 -14.52 -28.31
N LEU B 60 4.23 -13.67 -27.77
CA LEU B 60 2.80 -13.90 -27.95
C LEU B 60 2.01 -12.84 -28.65
N LEU B 61 2.31 -11.57 -28.41
CA LEU B 61 1.52 -10.49 -29.02
C LEU B 61 1.57 -10.38 -30.52
N TYR B 62 0.51 -9.78 -31.06
CA TYR B 62 0.33 -9.54 -32.49
C TYR B 62 0.36 -10.78 -33.36
N SER B 63 -0.03 -11.91 -32.78
CA SER B 63 -0.06 -13.13 -33.54
C SER B 63 -1.48 -13.61 -33.53
N ASP B 64 -1.67 -14.84 -33.99
CA ASP B 64 -2.97 -15.47 -34.04
C ASP B 64 -3.48 -15.79 -32.64
N ILE B 65 -2.57 -16.01 -31.70
CA ILE B 65 -2.92 -16.36 -30.32
C ILE B 65 -3.79 -15.32 -29.60
N THR B 66 -3.58 -14.05 -29.89
CA THR B 66 -4.32 -12.97 -29.26
C THR B 66 -5.53 -12.49 -30.05
N ARG B 67 -5.58 -12.83 -31.33
CA ARG B 67 -6.70 -12.42 -32.17
C ARG B 67 -7.88 -13.38 -31.99
N PRO B 68 -9.09 -12.97 -32.39
CA PRO B 68 -10.25 -13.85 -32.24
C PRO B 68 -9.94 -15.27 -32.72
N GLY B 69 -10.25 -16.23 -31.87
CA GLY B 69 -9.98 -17.63 -32.18
C GLY B 69 -8.72 -18.14 -31.51
N GLY B 70 -7.95 -17.22 -30.92
CA GLY B 70 -6.72 -17.60 -30.25
C GLY B 70 -6.96 -17.96 -28.80
N MET B 72 -5.50 -16.82 -26.33
CA MET B 72 -5.27 -15.66 -25.50
C MET B 72 -6.29 -14.57 -25.84
N TYR B 73 -7.31 -14.91 -26.63
CA TYR B 73 -8.32 -13.93 -26.98
C TYR B 73 -9.35 -13.92 -25.86
N THR B 74 -9.99 -12.77 -25.68
CA THR B 74 -10.98 -12.47 -24.62
C THR B 74 -10.10 -12.01 -23.47
N THR B 75 -10.47 -10.91 -22.82
CA THR B 75 -9.67 -10.38 -21.72
C THR B 75 -9.47 -11.40 -20.60
N ARG B 76 -10.44 -12.29 -20.41
CA ARG B 76 -10.40 -13.33 -19.40
C ARG B 76 -9.20 -14.27 -19.61
N ARG B 77 -9.01 -14.70 -20.86
CA ARG B 77 -7.92 -15.60 -21.20
C ARG B 77 -6.55 -14.92 -21.24
N TYR B 78 -6.51 -13.68 -21.70
CA TYR B 78 -5.26 -12.95 -21.74
C TYR B 78 -4.72 -12.85 -20.30
N ALA B 79 -5.59 -12.40 -19.40
CA ALA B 79 -5.25 -12.24 -17.99
C ALA B 79 -4.81 -13.54 -17.35
N ALA B 80 -5.50 -14.64 -17.66
CA ALA B 80 -5.13 -15.96 -17.10
C ALA B 80 -3.73 -16.35 -17.57
N CYS B 81 -3.44 -16.09 -18.84
CA CYS B 81 -2.13 -16.40 -19.41
C CYS B 81 -1.01 -15.63 -18.74
N ILE B 82 -1.17 -14.31 -18.60
CA ILE B 82 -0.11 -13.53 -17.96
C ILE B 82 0.03 -13.91 -16.49
N ARG B 83 -1.08 -14.30 -15.86
CA ARG B 83 -1.05 -14.74 -14.47
C ARG B 83 -0.16 -15.98 -14.33
N ASP B 84 -0.28 -16.91 -15.28
CA ASP B 84 0.53 -18.11 -15.26
C ASP B 84 1.98 -17.70 -15.38
N LEU B 85 2.26 -16.78 -16.30
CA LEU B 85 3.62 -16.29 -16.49
C LEU B 85 4.14 -15.72 -15.16
N ASP B 86 3.26 -15.03 -14.43
CA ASP B 86 3.59 -14.47 -13.11
C ASP B 86 4.00 -15.61 -12.17
N TYR B 87 3.19 -16.67 -12.15
CA TYR B 87 3.47 -17.84 -11.32
C TYR B 87 4.84 -18.42 -11.61
N TYR B 88 5.10 -18.69 -12.88
CA TYR B 88 6.36 -19.27 -13.32
C TYR B 88 7.55 -18.46 -12.87
N LEU B 89 7.45 -17.14 -13.00
CA LEU B 89 8.52 -16.24 -12.60
C LEU B 89 8.71 -16.33 -11.10
N ARG B 90 7.64 -16.13 -10.35
CA ARG B 90 7.69 -16.17 -8.90
C ARG B 90 8.27 -17.51 -8.41
N TYR B 91 7.72 -18.62 -8.91
CA TYR B 91 8.19 -19.94 -8.51
C TYR B 91 9.62 -20.23 -8.89
N ALA B 92 10.04 -19.78 -10.07
CA ALA B 92 11.41 -20.00 -10.50
C ALA B 92 12.32 -19.22 -9.58
N THR B 93 11.88 -18.03 -9.16
CA THR B 93 12.66 -17.21 -8.26
C THR B 93 12.82 -17.94 -6.93
N TYR B 94 11.74 -18.57 -6.48
CA TYR B 94 11.76 -19.35 -5.25
C TYR B 94 12.83 -20.44 -5.37
N ALA B 95 12.75 -21.21 -6.45
CA ALA B 95 13.68 -22.28 -6.68
C ALA B 95 15.13 -21.77 -6.71
N MET B 96 15.36 -20.62 -7.32
CA MET B 96 16.70 -20.03 -7.41
C MET B 96 17.19 -19.62 -6.02
N LEU B 97 16.30 -19.00 -5.25
CA LEU B 97 16.60 -18.58 -3.89
C LEU B 97 17.01 -19.80 -3.08
N ALA B 98 16.29 -20.90 -3.29
CA ALA B 98 16.53 -22.17 -2.60
C ALA B 98 17.66 -23.00 -3.19
N GLY B 99 18.01 -22.74 -4.45
CA GLY B 99 19.05 -23.52 -5.10
C GLY B 99 18.61 -24.97 -5.29
N ASP B 100 17.31 -25.20 -5.42
CA ASP B 100 16.77 -26.54 -5.59
C ASP B 100 15.42 -26.47 -6.31
N PRO B 101 15.18 -27.36 -7.29
CA PRO B 101 13.94 -27.41 -8.07
C PRO B 101 12.73 -28.16 -7.47
N SER B 102 12.88 -28.74 -6.28
CA SER B 102 11.78 -29.49 -5.68
C SER B 102 10.47 -28.72 -5.55
N ILE B 103 10.54 -27.42 -5.25
CA ILE B 103 9.34 -26.60 -5.13
C ILE B 103 8.59 -26.53 -6.48
N LEU B 104 9.33 -26.66 -7.58
CA LEU B 104 8.76 -26.62 -8.91
C LEU B 104 7.95 -27.87 -9.16
N ASP B 105 8.47 -29.01 -8.78
CA ASP B 105 7.75 -30.27 -8.96
C ASP B 105 6.53 -30.32 -8.07
N GLU B 106 6.71 -29.92 -6.82
CA GLU B 106 5.66 -29.91 -5.82
C GLU B 106 4.57 -28.88 -6.03
N ARG B 107 4.92 -27.69 -6.50
CA ARG B 107 3.95 -26.62 -6.67
C ARG B 107 3.62 -26.11 -8.06
N VAL B 108 4.41 -26.46 -9.07
CA VAL B 108 4.14 -25.97 -10.42
C VAL B 108 3.79 -27.08 -11.40
N LEU B 109 4.72 -28.01 -11.56
CA LEU B 109 4.57 -29.12 -12.49
C LEU B 109 3.56 -30.19 -12.07
N ASN B 110 3.08 -30.10 -10.83
CA ASN B 110 2.13 -31.05 -10.26
C ASN B 110 0.71 -30.97 -10.84
N GLY B 111 0.44 -31.75 -11.89
CA GLY B 111 -0.86 -31.77 -12.52
C GLY B 111 -1.09 -30.70 -13.57
N LEU B 112 -0.02 -30.00 -13.94
CA LEU B 112 -0.10 -28.91 -14.89
C LEU B 112 -0.27 -29.31 -16.33
N LYS B 113 0.55 -30.26 -16.79
CA LYS B 113 0.48 -30.69 -18.17
C LYS B 113 -0.92 -31.17 -18.50
N GLU B 114 -1.53 -31.85 -17.53
CA GLU B 114 -2.88 -32.40 -17.65
C GLU B 114 -3.91 -31.28 -17.77
N THR B 115 -3.81 -30.28 -16.89
CA THR B 115 -4.74 -29.14 -16.92
C THR B 115 -4.67 -28.40 -18.25
N TYR B 116 -3.47 -28.13 -18.73
CA TYR B 116 -3.27 -27.45 -20.00
C TYR B 116 -3.84 -28.24 -21.16
N ASN B 117 -3.49 -29.52 -21.25
CA ASN B 117 -3.99 -30.38 -22.33
C ASN B 117 -5.51 -30.46 -22.29
N SER B 118 -6.07 -30.47 -21.09
CA SER B 118 -7.51 -30.52 -20.89
C SER B 118 -8.22 -29.24 -21.31
N LEU B 119 -7.71 -28.09 -20.86
CA LEU B 119 -8.30 -26.79 -21.20
C LEU B 119 -8.00 -26.34 -22.63
N GLY B 120 -6.97 -26.92 -23.24
CA GLY B 120 -6.61 -26.55 -24.60
C GLY B 120 -5.55 -25.47 -24.69
N VAL B 121 -4.84 -25.23 -23.59
CA VAL B 121 -3.79 -24.22 -23.55
C VAL B 121 -2.61 -24.75 -24.37
N PRO B 122 -2.22 -24.01 -25.43
CA PRO B 122 -1.10 -24.44 -26.27
C PRO B 122 0.21 -24.55 -25.49
N ILE B 123 0.67 -25.77 -25.29
CA ILE B 123 1.89 -26.03 -24.53
C ILE B 123 3.12 -25.38 -25.17
N SER B 124 3.24 -25.51 -26.49
CA SER B 124 4.39 -24.95 -27.19
C SER B 124 4.54 -23.44 -27.02
N ALA B 125 3.43 -22.72 -27.21
CA ALA B 125 3.40 -21.26 -27.08
C ALA B 125 3.79 -20.83 -25.67
N THR B 126 3.35 -21.60 -24.67
CA THR B 126 3.66 -21.35 -23.27
C THR B 126 5.16 -21.52 -23.04
N VAL B 127 5.72 -22.58 -23.61
CA VAL B 127 7.15 -22.85 -23.48
C VAL B 127 7.94 -21.68 -24.10
N GLN B 128 7.50 -21.22 -25.26
CA GLN B 128 8.16 -20.09 -25.93
C GLN B 128 8.15 -18.87 -25.02
N ALA B 129 7.01 -18.61 -24.38
CA ALA B 129 6.85 -17.48 -23.46
C ALA B 129 7.76 -17.59 -22.24
N ILE B 130 7.81 -18.78 -21.62
CA ILE B 130 8.65 -19.00 -20.46
C ILE B 130 10.10 -18.78 -20.86
N GLN B 131 10.46 -19.20 -22.07
CA GLN B 131 11.83 -19.01 -22.53
C GLN B 131 12.14 -17.56 -22.86
N ALA B 132 11.12 -16.80 -23.26
CA ALA B 132 11.29 -15.37 -23.55
C ALA B 132 11.61 -14.69 -22.22
N MET B 133 10.93 -15.12 -21.15
CA MET B 133 11.19 -14.57 -19.82
C MET B 133 12.60 -14.91 -19.40
N LYS B 134 13.13 -16.04 -19.85
CA LYS B 134 14.48 -16.45 -19.51
C LYS B 134 15.46 -15.43 -20.08
N GLU B 135 15.31 -15.13 -21.37
CA GLU B 135 16.17 -14.15 -22.04
C GLU B 135 16.02 -12.80 -21.35
N VAL B 136 14.79 -12.40 -21.09
CA VAL B 136 14.51 -11.11 -20.44
C VAL B 136 15.12 -11.04 -19.04
N THR B 137 14.88 -12.04 -18.22
CA THR B 137 15.39 -12.08 -16.86
C THR B 137 16.92 -12.06 -16.85
N ALA B 138 17.56 -12.82 -17.74
CA ALA B 138 19.01 -12.89 -17.82
C ALA B 138 19.65 -11.52 -18.06
N SER B 139 19.14 -10.79 -19.03
CA SER B 139 19.67 -9.46 -19.34
C SER B 139 19.52 -8.49 -18.16
N LEU B 140 18.67 -8.84 -17.19
CA LEU B 140 18.45 -7.98 -16.03
C LEU B 140 19.29 -8.36 -14.81
N VAL B 141 19.47 -9.65 -14.59
CA VAL B 141 20.23 -10.11 -13.42
C VAL B 141 21.70 -10.45 -13.70
N GLY B 142 22.12 -10.43 -14.96
CA GLY B 142 23.50 -10.74 -15.29
C GLY B 142 23.65 -12.19 -15.70
N PRO B 143 24.74 -12.57 -16.39
CA PRO B 143 24.97 -13.94 -16.84
C PRO B 143 24.89 -15.05 -15.77
N ASP B 144 25.49 -14.81 -14.61
CA ASP B 144 25.48 -15.81 -13.53
C ASP B 144 24.10 -16.09 -12.97
N ALA B 145 23.44 -15.04 -12.46
CA ALA B 145 22.10 -15.20 -11.91
C ALA B 145 21.17 -15.65 -13.02
N GLY B 146 21.46 -15.20 -14.24
CA GLY B 146 20.66 -15.57 -15.40
C GLY B 146 20.78 -17.04 -15.75
N LYS B 147 21.97 -17.61 -15.53
CA LYS B 147 22.22 -19.02 -15.81
C LYS B 147 21.42 -19.83 -14.78
N GLU B 148 21.49 -19.41 -13.51
CA GLU B 148 20.77 -20.08 -12.44
C GLU B 148 19.27 -20.06 -12.70
N MET B 149 18.69 -18.86 -12.78
CA MET B 149 17.25 -18.70 -13.05
C MET B 149 16.85 -19.57 -14.24
N GLY B 150 17.73 -19.59 -15.25
CA GLY B 150 17.52 -20.36 -16.46
C GLY B 150 17.33 -21.85 -16.26
N VAL B 151 18.11 -22.45 -15.37
CA VAL B 151 17.96 -23.89 -15.13
C VAL B 151 16.54 -24.17 -14.64
N TYR B 152 15.99 -23.23 -13.88
CA TYR B 152 14.65 -23.36 -13.35
C TYR B 152 13.57 -23.08 -14.38
N PHE B 153 13.82 -22.12 -15.26
CA PHE B 153 12.89 -21.81 -16.34
C PHE B 153 12.79 -23.03 -17.26
N ASP B 154 13.95 -23.63 -17.51
CA ASP B 154 14.03 -24.81 -18.36
C ASP B 154 13.42 -26.02 -17.67
N TYR B 155 13.52 -26.06 -16.35
CA TYR B 155 12.95 -27.16 -15.57
C TYR B 155 11.43 -27.16 -15.74
N ILE B 156 10.81 -25.99 -15.65
CA ILE B 156 9.38 -25.85 -15.83
C ILE B 156 9.06 -26.26 -17.28
N CYS B 157 9.82 -25.74 -18.23
CA CYS B 157 9.60 -26.07 -19.64
C CYS B 157 9.63 -27.57 -19.92
N SER B 158 10.69 -28.23 -19.49
CA SER B 158 10.85 -29.67 -19.66
C SER B 158 9.68 -30.46 -19.08
N GLY B 159 9.14 -29.99 -17.96
CA GLY B 159 8.01 -30.66 -17.34
C GLY B 159 6.70 -30.48 -18.07
N LEU B 160 6.67 -29.57 -19.04
CA LEU B 160 5.46 -29.29 -19.82
C LEU B 160 5.39 -30.16 -21.07
N SER B 161 6.56 -30.49 -21.58
CA SER B 161 6.69 -31.32 -22.77
C SER B 161 7.31 -32.66 -22.38
N SER C 1 -27.93 -13.44 -21.74
CA SER C 1 -29.33 -13.48 -22.26
C SER C 1 -30.27 -13.84 -21.12
N ILE C 2 -31.46 -13.23 -21.11
CA ILE C 2 -32.45 -13.50 -20.06
C ILE C 2 -32.86 -14.97 -20.07
N VAL C 3 -32.82 -15.61 -21.23
CA VAL C 3 -33.19 -17.02 -21.32
C VAL C 3 -32.21 -17.84 -20.50
N THR C 4 -30.91 -17.63 -20.72
CA THR C 4 -29.88 -18.37 -19.99
C THR C 4 -29.91 -18.08 -18.47
N LYS C 5 -30.11 -16.81 -18.11
CA LYS C 5 -30.18 -16.46 -16.70
C LYS C 5 -31.36 -17.13 -15.98
N SER C 6 -32.54 -17.09 -16.58
CA SER C 6 -33.73 -17.71 -16.00
C SER C 6 -33.53 -19.21 -15.79
N ILE C 7 -32.92 -19.87 -16.77
CA ILE C 7 -32.64 -21.30 -16.70
C ILE C 7 -31.65 -21.60 -15.56
N VAL C 8 -30.56 -20.83 -15.49
CA VAL C 8 -29.57 -21.00 -14.43
C VAL C 8 -30.22 -20.82 -13.04
N ASN C 9 -31.04 -19.78 -12.89
CA ASN C 9 -31.75 -19.53 -11.63
C ASN C 9 -32.68 -20.70 -11.33
N ALA C 10 -33.48 -21.09 -12.32
CA ALA C 10 -34.41 -22.20 -12.17
C ALA C 10 -33.72 -23.51 -11.76
N ASP C 11 -32.59 -23.81 -12.41
CA ASP C 11 -31.82 -25.02 -12.12
C ASP C 11 -31.18 -24.98 -10.73
N ALA C 12 -30.77 -23.81 -10.28
CA ALA C 12 -30.16 -23.67 -8.96
C ALA C 12 -31.15 -24.12 -7.89
N GLU C 13 -32.44 -24.06 -8.21
CA GLU C 13 -33.48 -24.49 -7.29
C GLU C 13 -34.16 -25.78 -7.75
N ALA C 14 -33.57 -26.44 -8.75
CA ALA C 14 -34.09 -27.71 -9.30
C ALA C 14 -35.58 -27.62 -9.62
N ARG C 15 -35.99 -26.50 -10.19
CA ARG C 15 -37.39 -26.27 -10.53
C ARG C 15 -37.58 -25.83 -11.98
N TYR C 16 -38.83 -25.86 -12.46
CA TYR C 16 -39.11 -25.41 -13.81
C TYR C 16 -39.13 -23.88 -13.67
N LEU C 17 -39.05 -23.16 -14.78
CA LEU C 17 -39.09 -21.71 -14.70
C LEU C 17 -40.44 -21.27 -14.15
N SER C 18 -40.46 -20.15 -13.44
CA SER C 18 -41.71 -19.64 -12.89
C SER C 18 -42.46 -18.92 -14.00
N PRO C 19 -43.75 -18.58 -13.77
CA PRO C 19 -44.57 -17.86 -14.75
C PRO C 19 -43.92 -16.52 -15.09
N GLY C 20 -43.29 -15.92 -14.09
CA GLY C 20 -42.63 -14.65 -14.31
C GLY C 20 -41.43 -14.77 -15.23
N GLU C 21 -40.60 -15.78 -15.00
CA GLU C 21 -39.43 -15.99 -15.83
C GLU C 21 -39.85 -16.26 -17.27
N LEU C 22 -40.86 -17.10 -17.45
CA LEU C 22 -41.39 -17.42 -18.77
C LEU C 22 -41.94 -16.18 -19.46
N ASP C 23 -42.61 -15.31 -18.70
CA ASP C 23 -43.15 -14.06 -19.25
C ASP C 23 -42.04 -13.13 -19.69
N ARG C 24 -41.00 -12.99 -18.87
CA ARG C 24 -39.86 -12.15 -19.22
C ARG C 24 -39.23 -12.63 -20.53
N ILE C 25 -39.13 -13.95 -20.70
CA ILE C 25 -38.61 -14.54 -21.92
C ILE C 25 -39.50 -14.16 -23.11
N LYS C 26 -40.82 -14.12 -22.91
CA LYS C 26 -41.72 -13.74 -23.99
C LYS C 26 -41.47 -12.30 -24.44
N SER C 27 -41.33 -11.36 -23.50
CA SER C 27 -41.06 -9.96 -23.85
C SER C 27 -39.73 -9.86 -24.60
N PHE C 28 -38.74 -10.54 -24.06
CA PHE C 28 -37.41 -10.56 -24.65
C PHE C 28 -37.45 -10.92 -26.13
N VAL C 29 -38.07 -12.06 -26.45
CA VAL C 29 -38.14 -12.50 -27.84
C VAL C 29 -38.93 -11.57 -28.74
N SER C 30 -40.11 -11.12 -28.30
CA SER C 30 -40.89 -10.22 -29.12
C SER C 30 -40.11 -8.92 -29.38
N SER C 31 -39.32 -8.50 -28.40
CA SER C 31 -38.52 -7.30 -28.52
C SER C 31 -37.28 -7.52 -29.39
N GLY C 32 -37.13 -8.74 -29.92
CA GLY C 32 -35.99 -9.12 -30.75
C GLY C 32 -35.65 -8.26 -31.95
N GLU C 33 -36.62 -8.03 -32.84
CA GLU C 33 -36.40 -7.21 -34.04
C GLU C 33 -35.94 -5.79 -33.70
N LYS C 34 -36.50 -5.23 -32.64
CA LYS C 34 -36.13 -3.88 -32.22
C LYS C 34 -34.64 -3.84 -31.83
N ARG C 35 -34.22 -4.72 -30.93
CA ARG C 35 -32.83 -4.77 -30.51
C ARG C 35 -31.89 -5.03 -31.68
N LEU C 36 -32.32 -5.88 -32.61
CA LEU C 36 -31.51 -6.19 -33.79
C LEU C 36 -31.33 -4.96 -34.67
N ARG C 37 -32.35 -4.11 -34.72
CA ARG C 37 -32.29 -2.90 -35.54
C ARG C 37 -31.24 -1.93 -34.98
N ILE C 38 -31.31 -1.67 -33.68
CA ILE C 38 -30.38 -0.78 -33.01
C ILE C 38 -28.94 -1.29 -33.20
N ALA C 39 -28.75 -2.58 -32.99
CA ALA C 39 -27.45 -3.19 -33.16
C ALA C 39 -26.97 -3.04 -34.60
N GLN C 40 -27.90 -3.05 -35.56
CA GLN C 40 -27.54 -2.91 -36.96
C GLN C 40 -27.07 -1.49 -37.27
N ILE C 41 -27.77 -0.50 -36.74
CA ILE C 41 -27.37 0.87 -36.95
C ILE C 41 -25.91 1.07 -36.52
N LEU C 42 -25.55 0.49 -35.38
CA LEU C 42 -24.18 0.59 -34.87
C LEU C 42 -23.21 -0.12 -35.79
N THR C 43 -23.56 -1.33 -36.20
CA THR C 43 -22.72 -2.13 -37.11
C THR C 43 -22.46 -1.39 -38.42
N ASP C 44 -23.52 -0.82 -39.00
CA ASP C 44 -23.44 -0.08 -40.26
C ASP C 44 -22.52 1.15 -40.18
N ASN C 45 -22.63 1.90 -39.08
CA ASN C 45 -21.81 3.09 -38.87
C ASN C 45 -20.56 2.86 -38.03
N ARG C 46 -20.10 1.62 -37.95
CA ARG C 46 -18.93 1.31 -37.13
C ARG C 46 -17.65 2.05 -37.42
N GLU C 47 -17.32 2.27 -38.69
CA GLU C 47 -16.09 2.98 -39.01
C GLU C 47 -16.08 4.43 -38.49
N ARG C 48 -17.13 5.18 -38.82
CA ARG C 48 -17.26 6.55 -38.38
C ARG C 48 -17.30 6.63 -36.85
N ILE C 49 -18.08 5.75 -36.23
CA ILE C 49 -18.17 5.74 -34.77
C ILE C 49 -16.79 5.60 -34.13
N VAL C 50 -16.02 4.62 -34.57
CA VAL C 50 -14.70 4.39 -34.02
C VAL C 50 -13.70 5.49 -34.39
N LYS C 51 -13.66 5.87 -35.67
CA LYS C 51 -12.75 6.90 -36.16
C LYS C 51 -12.94 8.23 -35.44
N GLN C 52 -14.18 8.72 -35.39
CA GLN C 52 -14.48 9.99 -34.74
C GLN C 52 -14.37 9.94 -33.24
N ALA C 53 -14.49 8.75 -32.67
CA ALA C 53 -14.35 8.58 -31.22
C ALA C 53 -12.89 8.76 -30.86
N GLY C 54 -12.01 8.21 -31.70
CA GLY C 54 -10.58 8.32 -31.50
C GLY C 54 -10.19 9.79 -31.54
N ASP C 55 -10.69 10.50 -32.55
CA ASP C 55 -10.43 11.93 -32.73
C ASP C 55 -10.74 12.71 -31.44
N GLN C 56 -11.91 12.43 -30.85
CA GLN C 56 -12.33 13.07 -29.61
C GLN C 56 -11.40 12.71 -28.46
N LEU C 57 -11.09 11.43 -28.33
CA LEU C 57 -10.22 10.94 -27.27
C LEU C 57 -8.84 11.56 -27.32
N PHE C 58 -8.20 11.49 -28.48
CA PHE C 58 -6.86 12.04 -28.61
C PHE C 58 -6.84 13.55 -28.40
N GLN C 59 -7.96 14.21 -28.64
CA GLN C 59 -8.05 15.64 -28.42
C GLN C 59 -8.05 15.85 -26.91
N LYS C 60 -8.91 15.14 -26.20
CA LYS C 60 -9.01 15.23 -24.75
C LYS C 60 -7.85 14.56 -24.01
N ARG C 61 -7.19 13.61 -24.66
CA ARG C 61 -6.08 12.87 -24.07
C ARG C 61 -4.87 12.81 -25.00
N PRO C 62 -4.31 13.98 -25.35
CA PRO C 62 -3.16 14.00 -26.26
C PRO C 62 -1.95 13.22 -25.73
N ASP C 63 -1.88 13.01 -24.43
CA ASP C 63 -0.78 12.28 -23.83
C ASP C 63 -0.63 10.84 -24.31
N VAL C 64 -1.76 10.17 -24.61
CA VAL C 64 -1.72 8.77 -25.05
C VAL C 64 -1.09 8.60 -26.43
N VAL C 65 -1.18 9.62 -27.28
CA VAL C 65 -0.59 9.57 -28.63
C VAL C 65 0.67 10.43 -28.76
N SER C 66 1.22 10.88 -27.63
CA SER C 66 2.44 11.69 -27.64
C SER C 66 3.59 10.76 -27.24
N PRO C 67 4.84 11.13 -27.58
CA PRO C 67 5.97 10.25 -27.21
C PRO C 67 5.90 9.76 -25.76
N GLY C 68 6.12 8.47 -25.55
CA GLY C 68 6.04 7.90 -24.22
C GLY C 68 4.64 7.42 -23.91
N GLY C 69 3.66 7.86 -24.70
CA GLY C 69 2.28 7.45 -24.52
C GLY C 69 2.08 6.06 -25.09
N ASN C 70 1.08 5.34 -24.60
CA ASN C 70 0.80 3.97 -25.04
C ASN C 70 0.44 3.78 -26.52
N ALA C 71 -0.31 4.74 -27.07
CA ALA C 71 -0.73 4.72 -28.47
C ALA C 71 0.11 5.62 -29.38
N TYR C 72 1.30 6.02 -28.93
CA TYR C 72 2.16 6.88 -29.75
C TYR C 72 2.61 6.14 -31.01
N GLY C 73 2.48 6.80 -32.16
CA GLY C 73 2.86 6.20 -33.43
C GLY C 73 1.63 5.75 -34.18
N GLN C 74 1.70 5.72 -35.50
CA GLN C 74 0.51 5.34 -36.28
C GLN C 74 0.06 3.89 -36.13
N GLU C 75 1.00 2.97 -36.00
CA GLU C 75 0.65 1.57 -35.81
C GLU C 75 -0.09 1.46 -34.49
N MET C 76 0.56 1.96 -33.44
CA MET C 76 0.00 1.94 -32.09
C MET C 76 -1.36 2.63 -32.03
N THR C 77 -1.50 3.75 -32.74
CA THR C 77 -2.78 4.45 -32.77
C THR C 77 -3.83 3.58 -33.45
N ALA C 78 -3.41 2.79 -34.43
CA ALA C 78 -4.32 1.90 -35.16
C ALA C 78 -4.82 0.79 -34.24
N THR C 79 -3.92 0.25 -33.42
CA THR C 79 -4.30 -0.80 -32.45
C THR C 79 -5.28 -0.25 -31.42
N CYS C 80 -5.12 1.03 -31.06
CA CYS C 80 -6.04 1.65 -30.11
C CYS C 80 -7.45 1.68 -30.72
N LEU C 81 -7.52 2.10 -31.98
CA LEU C 81 -8.80 2.14 -32.66
C LEU C 81 -9.35 0.71 -32.83
N ARG C 82 -8.47 -0.27 -32.98
CA ARG C 82 -8.91 -1.64 -33.11
C ARG C 82 -9.62 -2.14 -31.84
N ASP C 83 -9.12 -1.71 -30.69
CA ASP C 83 -9.71 -2.08 -29.41
C ASP C 83 -11.07 -1.43 -29.26
N LEU C 84 -11.19 -0.17 -29.67
CA LEU C 84 -12.48 0.52 -29.61
C LEU C 84 -13.47 -0.24 -30.49
N ASP C 85 -13.00 -0.71 -31.65
CA ASP C 85 -13.85 -1.48 -32.56
C ASP C 85 -14.27 -2.80 -31.87
N TYR C 86 -13.34 -3.45 -31.16
CA TYR C 86 -13.64 -4.67 -30.40
C TYR C 86 -14.80 -4.41 -29.47
N TYR C 87 -14.68 -3.35 -28.66
CA TYR C 87 -15.71 -2.97 -27.71
C TYR C 87 -17.02 -2.59 -28.38
N LEU C 88 -16.96 -1.98 -29.55
CA LEU C 88 -18.18 -1.61 -30.27
C LEU C 88 -18.87 -2.91 -30.74
N ARG C 89 -18.05 -3.86 -31.19
CA ARG C 89 -18.56 -5.14 -31.63
C ARG C 89 -19.21 -5.86 -30.47
N LEU C 90 -18.55 -5.86 -29.32
CA LEU C 90 -19.09 -6.50 -28.13
C LEU C 90 -20.38 -5.83 -27.71
N ILE C 91 -20.45 -4.50 -27.85
CA ILE C 91 -21.65 -3.75 -27.49
C ILE C 91 -22.87 -4.19 -28.32
N THR C 92 -22.69 -4.37 -29.64
CA THR C 92 -23.80 -4.82 -30.49
C THR C 92 -24.27 -6.21 -30.07
N TYR C 93 -23.34 -7.07 -29.62
CA TYR C 93 -23.66 -8.42 -29.14
C TYR C 93 -24.55 -8.29 -27.90
N GLY C 94 -24.14 -7.41 -26.98
CA GLY C 94 -24.90 -7.17 -25.78
C GLY C 94 -26.32 -6.76 -26.10
N ILE C 95 -26.47 -5.75 -26.95
CA ILE C 95 -27.78 -5.26 -27.36
C ILE C 95 -28.70 -6.39 -27.81
N VAL C 96 -28.19 -7.27 -28.67
CA VAL C 96 -28.97 -8.40 -29.17
C VAL C 96 -29.42 -9.36 -28.06
N ALA C 97 -28.51 -9.63 -27.12
CA ALA C 97 -28.79 -10.54 -26.00
C ALA C 97 -29.68 -9.93 -24.91
N GLY C 98 -29.83 -8.61 -24.91
CA GLY C 98 -30.66 -7.95 -23.93
C GLY C 98 -29.94 -7.62 -22.62
N ASP C 99 -28.68 -8.05 -22.51
CA ASP C 99 -27.88 -7.79 -21.31
C ASP C 99 -26.37 -7.73 -21.58
N VAL C 100 -25.60 -7.46 -20.54
CA VAL C 100 -24.15 -7.32 -20.68
C VAL C 100 -23.29 -8.55 -20.55
N THR C 101 -23.89 -9.73 -20.43
CA THR C 101 -23.10 -10.94 -20.27
C THR C 101 -22.10 -11.22 -21.41
N PRO C 102 -22.47 -10.94 -22.68
CA PRO C 102 -21.52 -11.19 -23.77
C PRO C 102 -20.29 -10.30 -23.60
N ILE C 103 -20.54 -9.05 -23.24
CA ILE C 103 -19.49 -8.06 -23.07
C ILE C 103 -18.53 -8.40 -21.93
N GLU C 104 -19.06 -8.77 -20.77
CA GLU C 104 -18.16 -9.09 -19.67
C GLU C 104 -17.35 -10.38 -19.84
N GLU C 105 -17.95 -11.42 -20.39
CA GLU C 105 -17.25 -12.67 -20.58
C GLU C 105 -16.13 -12.56 -21.62
N ILE C 106 -16.38 -11.77 -22.66
CA ILE C 106 -15.42 -11.57 -23.74
C ILE C 106 -14.43 -10.43 -23.49
N GLY C 107 -14.92 -9.31 -22.98
CA GLY C 107 -14.03 -8.18 -22.79
C GLY C 107 -13.94 -7.42 -21.49
N ILE C 108 -14.49 -7.95 -20.40
CA ILE C 108 -14.42 -7.26 -19.11
C ILE C 108 -13.68 -8.07 -18.05
N VAL C 109 -13.95 -9.35 -17.95
CA VAL C 109 -13.25 -10.18 -16.97
C VAL C 109 -11.76 -10.17 -17.30
N GLY C 110 -10.95 -9.74 -16.34
CA GLY C 110 -9.51 -9.68 -16.52
C GLY C 110 -9.02 -8.50 -17.33
N VAL C 111 -9.91 -7.59 -17.73
CA VAL C 111 -9.49 -6.44 -18.53
C VAL C 111 -8.46 -5.51 -17.85
N ARG C 112 -8.60 -5.34 -16.53
CA ARG C 112 -7.67 -4.47 -15.80
C ARG C 112 -6.26 -5.04 -15.78
N GLU C 113 -6.16 -6.36 -15.62
CA GLU C 113 -4.86 -7.04 -15.59
C GLU C 113 -4.22 -6.98 -16.96
N MET C 114 -5.04 -7.15 -18.00
CA MET C 114 -4.56 -7.09 -19.37
C MET C 114 -3.95 -5.72 -19.69
N TYR C 115 -4.73 -4.65 -19.50
CA TYR C 115 -4.25 -3.29 -19.77
C TYR C 115 -3.11 -2.82 -18.88
N LYS C 116 -3.11 -3.23 -17.60
CA LYS C 116 -2.04 -2.87 -16.69
C LYS C 116 -0.72 -3.47 -17.22
N SER C 117 -0.76 -4.71 -17.69
CA SER C 117 0.44 -5.35 -18.25
C SER C 117 0.88 -4.64 -19.55
N LEU C 118 -0.08 -4.35 -20.42
CA LEU C 118 0.24 -3.66 -21.68
C LEU C 118 0.73 -2.24 -21.45
N GLY C 119 0.32 -1.65 -20.32
CA GLY C 119 0.71 -0.30 -19.98
C GLY C 119 -0.25 0.70 -20.57
N THR C 120 -1.45 0.22 -20.86
CA THR C 120 -2.50 1.04 -21.45
C THR C 120 -3.36 1.64 -20.34
N PRO C 121 -3.51 2.98 -20.34
CA PRO C 121 -4.31 3.69 -19.33
C PRO C 121 -5.80 3.37 -19.52
N ILE C 122 -6.29 2.39 -18.77
CA ILE C 122 -7.68 1.95 -18.88
C ILE C 122 -8.73 3.05 -18.80
N ASP C 123 -8.47 4.06 -17.98
CA ASP C 123 -9.42 5.18 -17.85
C ASP C 123 -9.55 5.91 -19.20
N ALA C 124 -8.50 5.88 -20.02
CA ALA C 124 -8.54 6.49 -21.35
C ALA C 124 -9.34 5.61 -22.33
N VAL C 125 -9.32 4.30 -22.09
CA VAL C 125 -10.09 3.37 -22.92
C VAL C 125 -11.57 3.65 -22.63
N ALA C 126 -11.90 3.85 -21.35
CA ALA C 126 -13.26 4.16 -20.92
C ALA C 126 -13.73 5.43 -21.61
N ALA C 127 -12.87 6.43 -21.63
CA ALA C 127 -13.16 7.71 -22.28
C ALA C 127 -13.43 7.48 -23.77
N GLY C 128 -12.62 6.63 -24.40
CA GLY C 128 -12.80 6.32 -25.81
C GLY C 128 -14.15 5.65 -26.05
N VAL C 129 -14.55 4.79 -25.13
CA VAL C 129 -15.83 4.10 -25.24
C VAL C 129 -16.97 5.12 -25.09
N SER C 130 -16.80 6.05 -24.15
CA SER C 130 -17.80 7.09 -23.94
C SER C 130 -17.91 7.98 -25.19
N ALA C 131 -16.79 8.19 -25.88
CA ALA C 131 -16.79 8.97 -27.12
C ALA C 131 -17.60 8.25 -28.20
N MET C 132 -17.45 6.92 -28.26
CA MET C 132 -18.21 6.14 -29.24
C MET C 132 -19.70 6.29 -28.97
N LYS C 133 -20.07 6.44 -27.71
CA LYS C 133 -21.47 6.64 -27.34
C LYS C 133 -21.91 7.99 -27.89
N ASN C 134 -21.10 9.03 -27.63
CA ASN C 134 -21.39 10.38 -28.09
C ASN C 134 -21.65 10.40 -29.60
N VAL C 135 -20.76 9.76 -30.36
CA VAL C 135 -20.89 9.67 -31.81
C VAL C 135 -22.14 8.88 -32.22
N ALA C 136 -22.35 7.70 -31.61
CA ALA C 136 -23.52 6.88 -31.92
C ALA C 136 -24.83 7.64 -31.65
N SER C 137 -24.82 8.50 -30.63
CA SER C 137 -25.98 9.28 -30.28
C SER C 137 -26.38 10.30 -31.36
N SER C 138 -25.53 10.46 -32.37
CA SER C 138 -25.83 11.38 -33.47
C SER C 138 -26.49 10.64 -34.64
N ILE C 139 -26.89 9.39 -34.42
CA ILE C 139 -27.55 8.62 -35.46
C ILE C 139 -28.65 7.71 -34.90
N LEU C 140 -28.83 7.75 -33.58
CA LEU C 140 -29.85 6.95 -32.93
C LEU C 140 -30.94 7.88 -32.41
N SER C 141 -32.20 7.47 -32.54
CA SER C 141 -33.31 8.29 -32.05
C SER C 141 -33.15 8.36 -30.54
N ALA C 142 -33.75 9.35 -29.91
CA ALA C 142 -33.64 9.49 -28.47
C ALA C 142 -33.93 8.18 -27.71
N GLU C 143 -34.93 7.42 -28.16
CA GLU C 143 -35.29 6.15 -27.53
C GLU C 143 -34.19 5.09 -27.74
N ASP C 144 -33.74 4.94 -28.98
CA ASP C 144 -32.69 3.98 -29.34
C ASP C 144 -31.36 4.31 -28.67
N ALA C 145 -31.04 5.59 -28.59
CA ALA C 145 -29.81 6.03 -27.96
C ALA C 145 -29.86 5.70 -26.49
N ALA C 146 -31.03 5.88 -25.89
CA ALA C 146 -31.21 5.59 -24.47
C ALA C 146 -30.99 4.11 -24.19
N GLU C 147 -31.47 3.26 -25.09
CA GLU C 147 -31.32 1.82 -24.96
C GLU C 147 -29.87 1.35 -25.15
N ALA C 148 -29.27 1.72 -26.27
CA ALA C 148 -27.88 1.35 -26.56
C ALA C 148 -26.95 1.99 -25.55
N GLY C 149 -27.32 3.20 -25.11
CA GLY C 149 -26.51 3.94 -24.17
C GLY C 149 -26.12 3.22 -22.91
N ALA C 150 -27.03 2.44 -22.34
CA ALA C 150 -26.76 1.68 -21.12
C ALA C 150 -25.63 0.65 -21.29
N TYR C 151 -25.40 0.21 -22.53
CA TYR C 151 -24.35 -0.76 -22.81
C TYR C 151 -22.98 -0.05 -22.87
N PHE C 152 -22.94 1.11 -23.50
CA PHE C 152 -21.72 1.90 -23.56
C PHE C 152 -21.35 2.31 -22.13
N ASP C 153 -22.36 2.73 -21.37
CA ASP C 153 -22.17 3.13 -19.99
C ASP C 153 -21.68 1.98 -19.12
N TYR C 154 -22.17 0.78 -19.38
CA TYR C 154 -21.70 -0.37 -18.62
C TYR C 154 -20.22 -0.57 -18.92
N VAL C 155 -19.84 -0.56 -20.18
CA VAL C 155 -18.45 -0.77 -20.57
C VAL C 155 -17.54 0.32 -20.02
N ALA C 156 -17.95 1.58 -20.16
CA ALA C 156 -17.16 2.71 -19.67
C ALA C 156 -16.99 2.61 -18.15
N GLY C 157 -18.07 2.28 -17.45
CA GLY C 157 -17.98 2.15 -16.01
C GLY C 157 -17.07 1.01 -15.59
N ALA C 158 -17.09 -0.08 -16.36
CA ALA C 158 -16.26 -1.25 -16.06
C ALA C 158 -14.79 -1.07 -16.43
N LEU C 159 -14.51 -0.19 -17.40
CA LEU C 159 -13.15 0.06 -17.81
C LEU C 159 -12.52 1.12 -16.94
N ALA C 160 -13.26 2.21 -16.73
CA ALA C 160 -12.79 3.34 -15.92
C ALA C 160 -12.04 2.89 -14.68
N MET D 1 -23.12 -22.74 -20.16
CA MET D 1 -24.17 -23.12 -21.15
C MET D 1 -24.53 -21.89 -21.96
N GLN D 2 -25.13 -22.11 -23.11
CA GLN D 2 -25.55 -21.02 -23.96
C GLN D 2 -26.89 -21.35 -24.62
N ASP D 3 -27.63 -20.31 -24.96
CA ASP D 3 -28.90 -20.48 -25.64
C ASP D 3 -28.62 -20.19 -27.09
N ALA D 4 -29.66 -20.21 -27.93
CA ALA D 4 -29.50 -19.94 -29.36
C ALA D 4 -28.91 -18.57 -29.65
N ILE D 5 -29.26 -17.57 -28.84
CA ILE D 5 -28.77 -16.21 -29.01
C ILE D 5 -27.25 -16.17 -28.82
N THR D 6 -26.83 -16.59 -27.64
CA THR D 6 -25.42 -16.60 -27.28
C THR D 6 -24.56 -17.52 -28.15
N ALA D 7 -25.11 -18.64 -28.60
CA ALA D 7 -24.37 -19.56 -29.45
C ALA D 7 -23.91 -18.86 -30.73
N VAL D 8 -24.80 -18.04 -31.31
CA VAL D 8 -24.50 -17.29 -32.52
C VAL D 8 -23.46 -16.20 -32.22
N ILE D 9 -23.70 -15.44 -31.16
CA ILE D 9 -22.78 -14.38 -30.73
C ILE D 9 -21.38 -14.97 -30.59
N ASN D 10 -21.28 -16.14 -29.98
CA ASN D 10 -20.00 -16.80 -29.77
C ASN D 10 -19.31 -17.24 -31.03
N SER D 11 -20.08 -17.71 -32.01
CA SER D 11 -19.49 -18.14 -33.27
C SER D 11 -19.00 -16.92 -34.03
N SER D 12 -19.72 -15.81 -33.95
CA SER D 12 -19.31 -14.59 -34.62
C SER D 12 -18.02 -14.06 -33.97
N ASP D 13 -18.01 -14.04 -32.63
CA ASP D 13 -16.88 -13.59 -31.85
C ASP D 13 -15.58 -14.35 -32.12
N VAL D 14 -15.66 -15.67 -32.21
CA VAL D 14 -14.48 -16.48 -32.50
C VAL D 14 -13.91 -16.10 -33.87
N GLN D 15 -14.75 -15.51 -34.71
CA GLN D 15 -14.30 -15.07 -36.03
C GLN D 15 -13.92 -13.60 -35.98
N GLY D 16 -14.29 -12.94 -34.87
CA GLY D 16 -14.01 -11.53 -34.67
C GLY D 16 -14.92 -10.68 -35.53
N LYS D 17 -16.05 -11.26 -35.95
CA LYS D 17 -16.99 -10.57 -36.82
C LYS D 17 -18.22 -9.98 -36.14
N TYR D 18 -18.76 -8.92 -36.73
CA TYR D 18 -20.00 -8.34 -36.25
C TYR D 18 -21.02 -9.33 -36.82
N LEU D 19 -22.25 -9.32 -36.32
CA LEU D 19 -23.26 -10.26 -36.83
C LEU D 19 -23.57 -10.07 -38.32
N ASP D 20 -23.26 -11.10 -39.11
CA ASP D 20 -23.52 -11.06 -40.55
C ASP D 20 -24.92 -11.55 -40.84
N THR D 21 -25.32 -11.54 -42.10
CA THR D 21 -26.65 -11.96 -42.50
C THR D 21 -27.03 -13.36 -42.00
N ALA D 22 -26.15 -14.32 -42.23
CA ALA D 22 -26.39 -15.69 -41.80
C ALA D 22 -26.70 -15.75 -40.32
N ALA D 23 -25.91 -15.04 -39.53
CA ALA D 23 -26.09 -14.99 -38.08
C ALA D 23 -27.38 -14.25 -37.70
N LEU D 24 -27.68 -13.15 -38.37
CA LEU D 24 -28.90 -12.40 -38.10
C LEU D 24 -30.15 -13.23 -38.40
N GLU D 25 -30.06 -14.12 -39.39
CA GLU D 25 -31.21 -14.96 -39.71
C GLU D 25 -31.36 -15.99 -38.61
N LYS D 26 -30.25 -16.58 -38.15
CA LYS D 26 -30.31 -17.56 -37.05
C LYS D 26 -30.98 -16.95 -35.82
N LEU D 27 -30.69 -15.68 -35.55
CA LEU D 27 -31.27 -14.96 -34.42
C LEU D 27 -32.76 -14.68 -34.62
N LYS D 28 -33.14 -14.20 -35.80
CA LYS D 28 -34.56 -13.91 -36.10
C LYS D 28 -35.40 -15.19 -35.97
N SER D 29 -34.84 -16.33 -36.40
CA SER D 29 -35.54 -17.60 -36.30
C SER D 29 -35.86 -17.94 -34.86
N TYR D 30 -34.91 -17.69 -33.97
CA TYR D 30 -35.13 -17.98 -32.56
C TYR D 30 -36.22 -17.09 -31.98
N PHE D 31 -36.12 -15.80 -32.26
CA PHE D 31 -37.08 -14.83 -31.76
C PHE D 31 -38.50 -15.12 -32.17
N SER D 32 -38.68 -15.62 -33.40
CA SER D 32 -40.01 -15.96 -33.91
C SER D 32 -40.63 -17.22 -33.32
N THR D 33 -39.84 -18.02 -32.62
CA THR D 33 -40.32 -19.27 -32.02
C THR D 33 -40.36 -19.19 -30.50
N GLY D 34 -39.92 -18.08 -29.95
CA GLY D 34 -39.89 -17.91 -28.51
C GLY D 34 -41.17 -18.20 -27.76
N GLU D 35 -42.26 -17.55 -28.15
CA GLU D 35 -43.55 -17.75 -27.50
C GLU D 35 -43.96 -19.22 -27.54
N LEU D 36 -43.68 -19.90 -28.64
CA LEU D 36 -44.02 -21.31 -28.80
C LEU D 36 -43.24 -22.21 -27.86
N ARG D 37 -41.97 -21.87 -27.62
CA ARG D 37 -41.13 -22.64 -26.71
C ARG D 37 -41.64 -22.43 -25.28
N VAL D 38 -42.04 -21.20 -24.96
CA VAL D 38 -42.56 -20.86 -23.64
C VAL D 38 -43.86 -21.61 -23.32
N ARG D 39 -44.74 -21.66 -24.31
CA ARG D 39 -46.02 -22.36 -24.21
C ARG D 39 -45.81 -23.84 -23.88
N ALA D 40 -44.90 -24.49 -24.61
CA ALA D 40 -44.57 -25.90 -24.42
C ALA D 40 -44.00 -26.17 -23.03
N ALA D 41 -43.12 -25.29 -22.57
CA ALA D 41 -42.50 -25.42 -21.26
C ALA D 41 -43.58 -25.29 -20.19
N THR D 42 -44.51 -24.36 -20.40
CA THR D 42 -45.62 -24.18 -19.46
C THR D 42 -46.40 -25.47 -19.34
N THR D 43 -46.75 -26.06 -20.48
CA THR D 43 -47.49 -27.31 -20.50
C THR D 43 -46.71 -28.45 -19.85
N ILE D 44 -45.45 -28.59 -20.22
CA ILE D 44 -44.64 -29.65 -19.67
C ILE D 44 -44.55 -29.57 -18.15
N ALA D 45 -44.33 -28.38 -17.61
CA ALA D 45 -44.23 -28.22 -16.16
C ALA D 45 -45.50 -28.63 -15.46
N ALA D 46 -46.64 -28.37 -16.10
CA ALA D 46 -47.94 -28.71 -15.55
C ALA D 46 -48.26 -30.19 -15.61
N ASN D 47 -47.51 -30.95 -16.39
CA ASN D 47 -47.78 -32.38 -16.56
C ASN D 47 -46.56 -33.25 -16.32
N ALA D 48 -45.52 -32.67 -15.72
CA ALA D 48 -44.25 -33.37 -15.45
C ALA D 48 -44.34 -34.75 -14.82
N ALA D 49 -45.09 -34.86 -13.72
CA ALA D 49 -45.22 -36.15 -13.05
C ALA D 49 -46.01 -37.10 -13.94
N ALA D 50 -47.00 -36.57 -14.65
CA ALA D 50 -47.84 -37.37 -15.53
C ALA D 50 -47.00 -37.96 -16.65
N ILE D 51 -46.14 -37.14 -17.24
CA ILE D 51 -45.29 -37.59 -18.33
C ILE D 51 -44.42 -38.76 -17.88
N VAL D 52 -43.76 -38.61 -16.73
CA VAL D 52 -42.90 -39.66 -16.19
C VAL D 52 -43.69 -40.92 -15.85
N LYS D 53 -44.85 -40.76 -15.23
CA LYS D 53 -45.68 -41.92 -14.90
C LYS D 53 -46.06 -42.74 -16.14
N GLU D 54 -46.60 -42.10 -17.17
CA GLU D 54 -46.98 -42.84 -18.37
C GLU D 54 -45.78 -43.45 -19.06
N ALA D 55 -44.68 -42.71 -19.11
CA ALA D 55 -43.46 -43.20 -19.76
C ALA D 55 -42.95 -44.46 -19.06
N VAL D 56 -42.92 -44.43 -17.75
CA VAL D 56 -42.45 -45.58 -16.98
C VAL D 56 -43.38 -46.76 -17.21
N ALA D 57 -44.68 -46.50 -17.22
CA ALA D 57 -45.67 -47.54 -17.41
C ALA D 57 -45.52 -48.19 -18.77
N LYS D 58 -45.21 -47.40 -19.78
CA LYS D 58 -45.05 -47.91 -21.12
C LYS D 58 -43.75 -48.62 -21.39
N SER D 59 -42.69 -48.24 -20.67
CA SER D 59 -41.38 -48.82 -20.94
C SER D 59 -40.65 -49.65 -19.90
N LEU D 60 -40.99 -49.48 -18.64
CA LEU D 60 -40.26 -50.17 -17.58
C LEU D 60 -41.08 -51.13 -16.73
N LEU D 61 -42.32 -50.75 -16.44
CA LEU D 61 -43.18 -51.56 -15.59
C LEU D 61 -43.48 -52.93 -16.11
N TYR D 62 -43.70 -53.84 -15.16
CA TYR D 62 -44.03 -55.22 -15.43
C TYR D 62 -43.01 -55.97 -16.25
N SER D 63 -41.73 -55.76 -15.92
CA SER D 63 -40.65 -56.43 -16.63
C SER D 63 -39.58 -56.85 -15.65
N ASP D 64 -38.57 -57.56 -16.18
CA ASP D 64 -37.45 -58.03 -15.38
C ASP D 64 -36.77 -56.89 -14.64
N ILE D 65 -36.87 -55.70 -15.21
CA ILE D 65 -36.26 -54.50 -14.66
C ILE D 65 -36.82 -54.16 -13.30
N THR D 66 -38.12 -54.36 -13.11
CA THR D 66 -38.77 -54.04 -11.84
C THR D 66 -38.94 -55.23 -10.89
N ARG D 67 -38.73 -56.44 -11.40
CA ARG D 67 -38.84 -57.65 -10.57
C ARG D 67 -37.50 -57.90 -9.88
N PRO D 68 -37.49 -58.75 -8.83
CA PRO D 68 -36.29 -59.09 -8.08
C PRO D 68 -35.17 -59.44 -9.06
N GLY D 69 -34.02 -58.80 -8.88
CA GLY D 69 -32.91 -59.05 -9.78
C GLY D 69 -32.78 -57.95 -10.82
N GLY D 70 -33.80 -57.09 -10.94
CA GLY D 70 -33.77 -56.01 -11.90
C GLY D 70 -33.16 -54.78 -11.24
N MET D 72 -34.26 -51.86 -11.29
CA MET D 72 -35.31 -50.97 -10.82
C MET D 72 -36.09 -51.61 -9.68
N TYR D 73 -35.59 -52.74 -9.18
CA TYR D 73 -36.19 -53.44 -8.04
C TYR D 73 -35.66 -52.74 -6.77
N THR D 74 -36.46 -52.79 -5.70
CA THR D 74 -36.25 -52.16 -4.37
C THR D 74 -36.86 -50.79 -4.59
N THR D 75 -37.63 -50.29 -3.62
CA THR D 75 -38.25 -48.98 -3.75
C THR D 75 -37.19 -47.90 -3.88
N ARG D 76 -36.03 -48.16 -3.28
CA ARG D 76 -34.91 -47.23 -3.30
C ARG D 76 -34.44 -46.99 -4.73
N ARG D 77 -34.28 -48.05 -5.50
CA ARG D 77 -33.85 -47.89 -6.87
C ARG D 77 -34.94 -47.41 -7.84
N TYR D 78 -36.18 -47.74 -7.51
CA TYR D 78 -37.32 -47.29 -8.31
C TYR D 78 -37.36 -45.75 -8.21
N ALA D 79 -37.19 -45.22 -6.99
CA ALA D 79 -37.20 -43.78 -6.79
C ALA D 79 -36.03 -43.10 -7.49
N ALA D 80 -34.85 -43.72 -7.45
CA ALA D 80 -33.67 -43.16 -8.12
C ALA D 80 -33.95 -43.02 -9.61
N CYS D 81 -34.51 -44.07 -10.20
CA CYS D 81 -34.86 -44.09 -11.62
C CYS D 81 -35.91 -43.03 -12.01
N ILE D 82 -37.04 -42.97 -11.31
CA ILE D 82 -38.01 -41.96 -11.70
C ILE D 82 -37.47 -40.54 -11.43
N ARG D 83 -36.54 -40.41 -10.49
CA ARG D 83 -35.92 -39.13 -10.17
C ARG D 83 -35.07 -38.70 -11.39
N ASP D 84 -34.37 -39.67 -11.97
CA ASP D 84 -33.54 -39.40 -13.14
C ASP D 84 -34.43 -38.93 -14.29
N LEU D 85 -35.54 -39.63 -14.50
CA LEU D 85 -36.51 -39.28 -15.54
C LEU D 85 -37.00 -37.85 -15.33
N ASP D 86 -37.32 -37.50 -14.08
CA ASP D 86 -37.76 -36.14 -13.73
C ASP D 86 -36.68 -35.15 -14.16
N TYR D 87 -35.42 -35.53 -13.94
CA TYR D 87 -34.28 -34.70 -14.32
C TYR D 87 -34.14 -34.56 -15.82
N TYR D 88 -34.28 -35.66 -16.56
CA TYR D 88 -34.19 -35.62 -18.02
C TYR D 88 -35.25 -34.73 -18.60
N LEU D 89 -36.47 -34.87 -18.09
CA LEU D 89 -37.57 -34.06 -18.58
C LEU D 89 -37.32 -32.59 -18.32
N ARG D 90 -36.85 -32.25 -17.11
CA ARG D 90 -36.61 -30.84 -16.77
C ARG D 90 -35.47 -30.21 -17.58
N TYR D 91 -34.37 -30.94 -17.75
CA TYR D 91 -33.25 -30.43 -18.55
C TYR D 91 -33.58 -30.33 -20.04
N ALA D 92 -34.35 -31.28 -20.56
CA ALA D 92 -34.76 -31.27 -21.96
C ALA D 92 -35.63 -30.03 -22.20
N THR D 93 -36.49 -29.70 -21.23
CA THR D 93 -37.35 -28.52 -21.34
C THR D 93 -36.47 -27.25 -21.36
N TYR D 94 -35.46 -27.19 -20.48
CA TYR D 94 -34.53 -26.05 -20.46
C TYR D 94 -33.84 -25.93 -21.84
N ALA D 95 -33.32 -27.05 -22.34
CA ALA D 95 -32.64 -27.07 -23.64
C ALA D 95 -33.58 -26.58 -24.73
N MET D 96 -34.84 -27.03 -24.64
CA MET D 96 -35.86 -26.63 -25.60
C MET D 96 -36.07 -25.11 -25.56
N LEU D 97 -36.24 -24.55 -24.36
CA LEU D 97 -36.40 -23.12 -24.18
C LEU D 97 -35.18 -22.38 -24.71
N ALA D 98 -33.99 -22.87 -24.36
CA ALA D 98 -32.74 -22.25 -24.79
C ALA D 98 -32.52 -22.42 -26.29
N GLY D 99 -33.14 -23.42 -26.89
CA GLY D 99 -32.96 -23.66 -28.30
C GLY D 99 -31.53 -24.09 -28.56
N ASP D 100 -30.92 -24.72 -27.58
CA ASP D 100 -29.52 -25.12 -27.68
C ASP D 100 -29.27 -26.26 -26.72
N PRO D 101 -28.54 -27.30 -27.17
CA PRO D 101 -28.21 -28.49 -26.38
C PRO D 101 -27.03 -28.42 -25.40
N SER D 102 -26.28 -27.32 -25.41
CA SER D 102 -25.11 -27.20 -24.55
C SER D 102 -25.39 -27.52 -23.08
N ILE D 103 -26.50 -27.02 -22.54
CA ILE D 103 -26.84 -27.31 -21.14
C ILE D 103 -26.90 -28.83 -20.87
N LEU D 104 -27.20 -29.61 -21.89
CA LEU D 104 -27.29 -31.06 -21.72
C LEU D 104 -25.90 -31.66 -21.60
N ASP D 105 -24.97 -31.13 -22.38
CA ASP D 105 -23.59 -31.60 -22.36
C ASP D 105 -22.95 -31.23 -21.04
N GLU D 106 -23.22 -30.02 -20.60
CA GLU D 106 -22.67 -29.51 -19.36
C GLU D 106 -23.28 -30.06 -18.08
N ARG D 107 -24.60 -30.13 -18.03
CA ARG D 107 -25.29 -30.57 -16.84
C ARG D 107 -25.99 -31.93 -16.82
N VAL D 108 -25.92 -32.68 -17.90
CA VAL D 108 -26.59 -33.98 -17.90
C VAL D 108 -25.61 -35.05 -18.30
N LEU D 109 -25.15 -34.97 -19.54
CA LEU D 109 -24.28 -35.95 -20.11
C LEU D 109 -22.89 -35.98 -19.51
N ASN D 110 -22.54 -34.86 -18.88
CA ASN D 110 -21.24 -34.65 -18.21
C ASN D 110 -20.97 -35.75 -17.17
N GLY D 111 -20.32 -36.85 -17.60
CA GLY D 111 -20.01 -37.95 -16.71
C GLY D 111 -21.12 -38.97 -16.40
N LEU D 112 -22.24 -38.87 -17.13
CA LEU D 112 -23.39 -39.74 -16.92
C LEU D 112 -23.21 -41.18 -17.37
N LYS D 113 -22.74 -41.37 -18.60
CA LYS D 113 -22.55 -42.71 -19.13
C LYS D 113 -21.65 -43.52 -18.20
N GLU D 114 -20.62 -42.87 -17.65
CA GLU D 114 -19.69 -43.53 -16.74
C GLU D 114 -20.30 -43.91 -15.40
N THR D 115 -21.02 -42.98 -14.80
CA THR D 115 -21.69 -43.28 -13.55
C THR D 115 -22.62 -44.48 -13.76
N TYR D 116 -23.42 -44.41 -14.81
CA TYR D 116 -24.35 -45.48 -15.12
C TYR D 116 -23.68 -46.81 -15.33
N ASN D 117 -22.63 -46.84 -16.15
CA ASN D 117 -21.94 -48.10 -16.39
C ASN D 117 -21.28 -48.68 -15.15
N SER D 118 -20.66 -47.83 -14.33
CA SER D 118 -20.02 -48.33 -13.10
C SER D 118 -21.06 -48.87 -12.11
N LEU D 119 -22.24 -48.24 -12.07
CA LEU D 119 -23.31 -48.67 -11.19
C LEU D 119 -24.06 -49.88 -11.74
N GLY D 120 -23.99 -50.07 -13.05
CA GLY D 120 -24.69 -51.18 -13.67
C GLY D 120 -26.14 -50.79 -14.01
N VAL D 121 -26.39 -49.49 -14.21
CA VAL D 121 -27.72 -49.00 -14.59
C VAL D 121 -27.90 -49.32 -16.07
N PRO D 122 -28.95 -50.07 -16.43
CA PRO D 122 -29.19 -50.43 -17.84
C PRO D 122 -29.47 -49.23 -18.74
N ILE D 123 -28.52 -48.93 -19.63
CA ILE D 123 -28.66 -47.80 -20.52
C ILE D 123 -29.69 -47.96 -21.63
N SER D 124 -29.87 -49.19 -22.12
CA SER D 124 -30.84 -49.44 -23.15
C SER D 124 -32.25 -49.13 -22.62
N ALA D 125 -32.52 -49.59 -21.40
CA ALA D 125 -33.82 -49.36 -20.81
C ALA D 125 -34.03 -47.87 -20.50
N THR D 126 -32.97 -47.17 -20.10
CA THR D 126 -33.08 -45.75 -19.80
C THR D 126 -33.45 -45.00 -21.08
N VAL D 127 -32.77 -45.36 -22.17
CA VAL D 127 -33.04 -44.73 -23.46
C VAL D 127 -34.49 -44.96 -23.89
N GLN D 128 -34.98 -46.20 -23.73
CA GLN D 128 -36.37 -46.52 -24.06
C GLN D 128 -37.36 -45.67 -23.27
N ALA D 129 -37.07 -45.45 -21.99
CA ALA D 129 -37.92 -44.65 -21.11
C ALA D 129 -37.91 -43.17 -21.49
N ILE D 130 -36.77 -42.65 -21.92
CA ILE D 130 -36.71 -41.26 -22.37
C ILE D 130 -37.46 -41.15 -23.71
N GLN D 131 -37.35 -42.20 -24.53
CA GLN D 131 -38.03 -42.26 -25.82
C GLN D 131 -39.53 -42.22 -25.56
N ALA D 132 -39.97 -42.97 -24.56
CA ALA D 132 -41.38 -42.98 -24.18
C ALA D 132 -41.81 -41.58 -23.73
N MET D 133 -40.98 -40.92 -22.92
CA MET D 133 -41.31 -39.56 -22.47
C MET D 133 -41.48 -38.63 -23.67
N LYS D 134 -40.66 -38.84 -24.71
CA LYS D 134 -40.72 -38.02 -25.90
C LYS D 134 -42.09 -38.12 -26.54
N GLU D 135 -42.62 -39.35 -26.56
CA GLU D 135 -43.94 -39.63 -27.14
C GLU D 135 -45.05 -39.01 -26.30
N VAL D 136 -44.99 -39.22 -24.99
CA VAL D 136 -45.98 -38.68 -24.06
C VAL D 136 -46.00 -37.15 -24.07
N THR D 137 -44.81 -36.54 -24.12
CA THR D 137 -44.72 -35.10 -24.17
C THR D 137 -45.35 -34.54 -25.45
N ALA D 138 -45.03 -35.18 -26.57
CA ALA D 138 -45.56 -34.76 -27.86
C ALA D 138 -47.08 -34.74 -27.91
N SER D 139 -47.73 -35.69 -27.25
CA SER D 139 -49.20 -35.75 -27.24
C SER D 139 -49.86 -34.65 -26.41
N LEU D 140 -49.08 -33.89 -25.66
CA LEU D 140 -49.56 -32.79 -24.82
C LEU D 140 -49.24 -31.41 -25.42
N VAL D 141 -48.07 -31.29 -26.03
CA VAL D 141 -47.61 -30.02 -26.60
C VAL D 141 -47.88 -29.79 -28.09
N GLY D 142 -48.38 -30.81 -28.79
CA GLY D 142 -48.64 -30.64 -30.20
C GLY D 142 -47.46 -31.13 -31.04
N PRO D 143 -47.67 -31.34 -32.35
CA PRO D 143 -46.67 -31.82 -33.30
C PRO D 143 -45.37 -31.03 -33.40
N ASP D 144 -45.47 -29.73 -33.57
CA ASP D 144 -44.28 -28.89 -33.69
C ASP D 144 -43.45 -28.87 -32.44
N ALA D 145 -44.06 -28.51 -31.31
CA ALA D 145 -43.32 -28.47 -30.06
C ALA D 145 -42.86 -29.87 -29.69
N GLY D 146 -43.62 -30.89 -30.08
CA GLY D 146 -43.24 -32.26 -29.81
C GLY D 146 -41.98 -32.64 -30.54
N LYS D 147 -41.79 -32.11 -31.76
CA LYS D 147 -40.59 -32.39 -32.55
C LYS D 147 -39.38 -31.65 -31.98
N GLU D 148 -39.59 -30.40 -31.56
CA GLU D 148 -38.49 -29.63 -30.96
C GLU D 148 -38.03 -30.29 -29.66
N MET D 149 -38.97 -30.68 -28.81
CA MET D 149 -38.61 -31.37 -27.58
C MET D 149 -37.90 -32.68 -27.94
N GLY D 150 -38.40 -33.37 -28.97
CA GLY D 150 -37.79 -34.62 -29.42
C GLY D 150 -36.32 -34.49 -29.74
N VAL D 151 -35.93 -33.33 -30.28
CA VAL D 151 -34.54 -33.05 -30.58
C VAL D 151 -33.68 -33.16 -29.32
N TYR D 152 -34.18 -32.64 -28.22
CA TYR D 152 -33.44 -32.67 -26.96
C TYR D 152 -33.50 -34.00 -26.22
N PHE D 153 -34.61 -34.73 -26.34
CA PHE D 153 -34.72 -36.05 -25.74
C PHE D 153 -33.72 -36.94 -26.46
N ASP D 154 -33.69 -36.85 -27.79
CA ASP D 154 -32.78 -37.64 -28.60
C ASP D 154 -31.33 -37.30 -28.28
N TYR D 155 -31.05 -36.02 -28.08
CA TYR D 155 -29.70 -35.57 -27.74
C TYR D 155 -29.20 -36.31 -26.52
N ILE D 156 -30.04 -36.36 -25.47
CA ILE D 156 -29.68 -37.07 -24.26
C ILE D 156 -29.41 -38.54 -24.57
N CYS D 157 -30.32 -39.18 -25.31
CA CYS D 157 -30.17 -40.59 -25.67
C CYS D 157 -28.87 -40.88 -26.41
N SER D 158 -28.52 -40.01 -27.35
CA SER D 158 -27.29 -40.17 -28.12
C SER D 158 -26.07 -40.09 -27.22
N GLY D 159 -26.13 -39.23 -26.20
CA GLY D 159 -25.02 -39.10 -25.27
C GLY D 159 -24.88 -40.31 -24.37
N LEU D 160 -25.94 -41.08 -24.19
CA LEU D 160 -25.91 -42.26 -23.34
C LEU D 160 -25.42 -43.49 -24.09
N SER D 161 -25.69 -43.51 -25.39
CA SER D 161 -25.31 -44.63 -26.24
C SER D 161 -23.83 -44.54 -26.64
N SER E 1 -27.72 -56.07 10.18
CA SER E 1 -27.97 -56.65 11.51
C SER E 1 -27.17 -55.91 12.57
N ILE E 2 -27.28 -56.35 13.82
CA ILE E 2 -26.56 -55.72 14.92
C ILE E 2 -25.05 -55.86 14.75
N VAL E 3 -24.62 -56.89 14.03
CA VAL E 3 -23.19 -57.11 13.79
C VAL E 3 -22.61 -55.97 12.96
N THR E 4 -23.32 -55.62 11.88
CA THR E 4 -22.91 -54.53 11.00
C THR E 4 -22.98 -53.19 11.75
N LYS E 5 -24.09 -52.95 12.44
CA LYS E 5 -24.27 -51.71 13.19
C LYS E 5 -23.15 -51.44 14.18
N SER E 6 -22.83 -52.45 14.98
CA SER E 6 -21.77 -52.37 15.97
C SER E 6 -20.44 -52.09 15.29
N ILE E 7 -20.19 -52.78 14.18
CA ILE E 7 -18.94 -52.59 13.44
C ILE E 7 -18.87 -51.19 12.84
N VAL E 8 -20.00 -50.73 12.30
CA VAL E 8 -20.07 -49.39 11.72
C VAL E 8 -19.79 -48.34 12.78
N ASN E 9 -20.36 -48.51 13.96
CA ASN E 9 -20.16 -47.58 15.07
C ASN E 9 -18.73 -47.60 15.59
N ALA E 10 -18.16 -48.80 15.70
CA ALA E 10 -16.79 -48.98 16.18
C ALA E 10 -15.83 -48.35 15.20
N ASP E 11 -16.08 -48.54 13.91
CA ASP E 11 -15.21 -47.98 12.91
C ASP E 11 -15.31 -46.45 12.95
N ALA E 12 -16.50 -45.93 13.22
CA ALA E 12 -16.70 -44.49 13.32
C ALA E 12 -15.78 -43.90 14.40
N GLU E 13 -15.54 -44.68 15.46
CA GLU E 13 -14.67 -44.23 16.54
C GLU E 13 -13.26 -44.80 16.50
N ALA E 14 -12.90 -45.43 15.37
CA ALA E 14 -11.58 -46.05 15.17
C ALA E 14 -11.18 -46.92 16.35
N ARG E 15 -12.11 -47.75 16.80
CA ARG E 15 -11.88 -48.60 17.95
C ARG E 15 -12.40 -50.01 17.71
N TYR E 16 -12.03 -50.93 18.58
CA TYR E 16 -12.48 -52.30 18.53
C TYR E 16 -13.90 -52.22 19.12
N LEU E 17 -14.69 -53.27 18.98
CA LEU E 17 -16.04 -53.27 19.54
C LEU E 17 -16.01 -53.26 21.08
N SER E 18 -16.98 -52.58 21.67
CA SER E 18 -17.08 -52.47 23.10
C SER E 18 -17.58 -53.78 23.65
N PRO E 19 -17.39 -54.02 24.96
CA PRO E 19 -17.87 -55.25 25.59
C PRO E 19 -19.39 -55.37 25.40
N GLY E 20 -20.09 -54.24 25.46
CA GLY E 20 -21.53 -54.23 25.28
C GLY E 20 -21.94 -54.65 23.88
N GLU E 21 -21.26 -54.12 22.86
CA GLU E 21 -21.54 -54.46 21.46
C GLU E 21 -21.30 -55.95 21.27
N LEU E 22 -20.18 -56.44 21.77
CA LEU E 22 -19.87 -57.85 21.69
C LEU E 22 -20.92 -58.70 22.43
N ASP E 23 -21.36 -58.23 23.59
CA ASP E 23 -22.40 -58.92 24.36
C ASP E 23 -23.73 -58.96 23.59
N ARG E 24 -24.04 -57.86 22.91
CA ARG E 24 -25.25 -57.76 22.09
C ARG E 24 -25.18 -58.75 20.90
N ILE E 25 -24.00 -58.90 20.32
CA ILE E 25 -23.84 -59.86 19.24
C ILE E 25 -24.05 -61.28 19.80
N LYS E 26 -23.57 -61.53 21.01
CA LYS E 26 -23.77 -62.84 21.65
C LYS E 26 -25.25 -63.16 21.79
N SER E 27 -26.05 -62.19 22.25
CA SER E 27 -27.50 -62.40 22.39
C SER E 27 -28.13 -62.60 21.04
N PHE E 28 -27.71 -61.80 20.06
CA PHE E 28 -28.22 -61.88 18.70
C PHE E 28 -28.06 -63.29 18.12
N VAL E 29 -26.85 -63.84 18.14
CA VAL E 29 -26.63 -65.17 17.60
C VAL E 29 -27.30 -66.30 18.39
N SER E 30 -27.33 -66.20 19.72
CA SER E 30 -27.97 -67.24 20.51
C SER E 30 -29.49 -67.26 20.28
N SER E 31 -30.08 -66.08 20.09
CA SER E 31 -31.51 -66.04 19.84
C SER E 31 -31.80 -66.26 18.35
N GLY E 32 -30.78 -66.67 17.61
CA GLY E 32 -30.93 -66.91 16.19
C GLY E 32 -31.97 -67.96 15.82
N GLU E 33 -31.91 -69.12 16.45
CA GLU E 33 -32.84 -70.20 16.16
C GLU E 33 -34.29 -69.83 16.41
N LYS E 34 -34.53 -69.00 17.43
CA LYS E 34 -35.89 -68.57 17.71
C LYS E 34 -36.43 -67.68 16.61
N ARG E 35 -35.64 -66.68 16.20
CA ARG E 35 -36.05 -65.75 15.14
C ARG E 35 -36.26 -66.49 13.83
N LEU E 36 -35.45 -67.52 13.60
CA LEU E 36 -35.57 -68.33 12.39
C LEU E 36 -36.91 -69.06 12.41
N ARG E 37 -37.28 -69.56 13.59
CA ARG E 37 -38.53 -70.28 13.76
C ARG E 37 -39.73 -69.37 13.48
N ILE E 38 -39.76 -68.20 14.12
CA ILE E 38 -40.85 -67.23 13.94
C ILE E 38 -41.01 -66.85 12.47
N ALA E 39 -39.90 -66.50 11.84
CA ALA E 39 -39.91 -66.12 10.43
C ALA E 39 -40.41 -67.30 9.59
N GLN E 40 -40.00 -68.52 9.95
CA GLN E 40 -40.40 -69.71 9.23
C GLN E 40 -41.90 -69.96 9.25
N ILE E 41 -42.54 -69.76 10.40
CA ILE E 41 -43.99 -69.98 10.43
C ILE E 41 -44.69 -68.95 9.52
N LEU E 42 -44.23 -67.70 9.53
CA LEU E 42 -44.78 -66.66 8.67
C LEU E 42 -44.60 -67.09 7.22
N THR E 43 -43.41 -67.60 6.92
CA THR E 43 -43.09 -68.08 5.58
C THR E 43 -44.03 -69.21 5.18
N ASP E 44 -44.27 -70.14 6.11
CA ASP E 44 -45.14 -71.28 5.84
C ASP E 44 -46.59 -70.94 5.61
N ASN E 45 -47.05 -69.85 6.21
CA ASN E 45 -48.45 -69.41 6.07
C ASN E 45 -48.60 -68.18 5.19
N ARG E 46 -47.56 -67.89 4.41
CA ARG E 46 -47.55 -66.72 3.52
C ARG E 46 -48.81 -66.58 2.66
N GLU E 47 -49.18 -67.63 1.92
CA GLU E 47 -50.34 -67.64 1.03
C GLU E 47 -51.62 -67.20 1.75
N ARG E 48 -51.88 -67.81 2.90
CA ARG E 48 -53.07 -67.50 3.68
C ARG E 48 -53.02 -66.09 4.27
N ILE E 49 -51.85 -65.71 4.82
CA ILE E 49 -51.68 -64.38 5.44
C ILE E 49 -51.97 -63.24 4.45
N VAL E 50 -51.43 -63.38 3.24
CA VAL E 50 -51.61 -62.38 2.17
C VAL E 50 -53.05 -62.33 1.66
N LYS E 51 -53.61 -63.50 1.35
CA LYS E 51 -54.98 -63.61 0.85
C LYS E 51 -55.97 -62.98 1.82
N GLN E 52 -55.95 -63.45 3.07
CA GLN E 52 -56.85 -62.96 4.09
C GLN E 52 -56.70 -61.49 4.44
N ALA E 53 -55.47 -61.02 4.43
CA ALA E 53 -55.18 -59.61 4.70
C ALA E 53 -55.81 -58.81 3.56
N GLY E 54 -55.76 -59.39 2.36
CA GLY E 54 -56.35 -58.77 1.18
C GLY E 54 -57.84 -58.56 1.37
N ASP E 55 -58.57 -59.65 1.57
CA ASP E 55 -60.02 -59.58 1.78
C ASP E 55 -60.35 -58.57 2.85
N GLN E 56 -59.62 -58.66 3.96
CA GLN E 56 -59.82 -57.75 5.09
C GLN E 56 -59.62 -56.30 4.65
N LEU E 57 -58.56 -56.04 3.89
CA LEU E 57 -58.27 -54.69 3.39
C LEU E 57 -59.34 -54.17 2.46
N PHE E 58 -59.76 -55.02 1.52
CA PHE E 58 -60.77 -54.66 0.53
C PHE E 58 -62.16 -54.46 1.13
N GLN E 59 -62.47 -55.17 2.21
CA GLN E 59 -63.76 -55.02 2.87
C GLN E 59 -63.74 -53.66 3.56
N LYS E 60 -62.57 -53.28 4.06
CA LYS E 60 -62.36 -52.02 4.76
C LYS E 60 -62.16 -50.82 3.83
N ARG E 61 -61.43 -51.03 2.73
CA ARG E 61 -61.15 -49.98 1.76
C ARG E 61 -61.60 -50.45 0.37
N PRO E 62 -62.92 -50.53 0.14
CA PRO E 62 -63.46 -50.98 -1.15
C PRO E 62 -63.16 -50.03 -2.29
N ASP E 63 -62.88 -48.77 -1.95
CA ASP E 63 -62.56 -47.73 -2.93
C ASP E 63 -61.36 -48.09 -3.79
N VAL E 64 -60.38 -48.78 -3.20
CA VAL E 64 -59.18 -49.18 -3.95
C VAL E 64 -59.47 -50.24 -5.00
N VAL E 65 -60.50 -51.05 -4.77
CA VAL E 65 -60.90 -52.10 -5.70
C VAL E 65 -62.17 -51.73 -6.50
N SER E 66 -62.64 -50.49 -6.35
CA SER E 66 -63.80 -50.01 -7.08
C SER E 66 -63.30 -49.27 -8.33
N PRO E 67 -64.20 -48.94 -9.29
CA PRO E 67 -63.80 -48.23 -10.51
C PRO E 67 -62.98 -46.98 -10.23
N GLY E 68 -61.88 -46.82 -10.98
CA GLY E 68 -61.02 -45.68 -10.77
C GLY E 68 -59.99 -45.90 -9.66
N GLY E 69 -60.19 -46.95 -8.84
CA GLY E 69 -59.28 -47.25 -7.77
C GLY E 69 -57.99 -47.82 -8.30
N ASN E 70 -56.90 -47.72 -7.53
CA ASN E 70 -55.61 -48.22 -7.99
C ASN E 70 -55.56 -49.73 -8.20
N ALA E 71 -56.27 -50.47 -7.36
CA ALA E 71 -56.28 -51.93 -7.47
C ALA E 71 -57.48 -52.48 -8.24
N TYR E 72 -58.24 -51.58 -8.87
CA TYR E 72 -59.42 -51.97 -9.64
C TYR E 72 -59.12 -52.93 -10.79
N GLY E 73 -59.82 -54.06 -10.79
CA GLY E 73 -59.63 -55.06 -11.81
C GLY E 73 -58.92 -56.26 -11.23
N GLN E 74 -59.02 -57.38 -11.92
CA GLN E 74 -58.40 -58.61 -11.45
C GLN E 74 -56.87 -58.57 -11.43
N GLU E 75 -56.26 -58.10 -12.52
CA GLU E 75 -54.79 -58.01 -12.63
C GLU E 75 -54.22 -57.06 -11.60
N MET E 76 -54.84 -55.89 -11.46
CA MET E 76 -54.40 -54.89 -10.50
C MET E 76 -54.51 -55.43 -9.08
N THR E 77 -55.60 -56.11 -8.80
CA THR E 77 -55.83 -56.71 -7.50
C THR E 77 -54.74 -57.73 -7.16
N ALA E 78 -54.37 -58.56 -8.12
CA ALA E 78 -53.32 -59.56 -7.90
C ALA E 78 -51.98 -58.89 -7.62
N THR E 79 -51.72 -57.79 -8.32
CA THR E 79 -50.49 -57.00 -8.15
C THR E 79 -50.45 -56.42 -6.73
N CYS E 80 -51.61 -55.98 -6.25
CA CYS E 80 -51.69 -55.43 -4.91
C CYS E 80 -51.28 -56.50 -3.87
N LEU E 81 -51.78 -57.71 -4.05
CA LEU E 81 -51.46 -58.81 -3.15
C LEU E 81 -49.99 -59.19 -3.32
N ARG E 82 -49.50 -59.11 -4.55
CA ARG E 82 -48.10 -59.38 -4.89
C ARG E 82 -47.25 -58.50 -3.98
N ASP E 83 -47.66 -57.24 -3.81
CA ASP E 83 -46.96 -56.27 -2.97
C ASP E 83 -47.02 -56.64 -1.49
N LEU E 84 -48.16 -57.14 -1.03
CA LEU E 84 -48.29 -57.54 0.38
C LEU E 84 -47.31 -58.68 0.64
N ASP E 85 -47.22 -59.61 -0.30
CA ASP E 85 -46.32 -60.75 -0.21
C ASP E 85 -44.87 -60.25 -0.21
N TYR E 86 -44.61 -59.19 -0.98
CA TYR E 86 -43.27 -58.60 -1.04
C TYR E 86 -42.89 -58.20 0.37
N TYR E 87 -43.79 -57.47 1.03
CA TYR E 87 -43.59 -56.99 2.39
C TYR E 87 -43.53 -58.09 3.44
N LEU E 88 -44.31 -59.16 3.25
CA LEU E 88 -44.28 -60.28 4.20
C LEU E 88 -42.87 -60.85 4.12
N ARG E 89 -42.40 -61.14 2.91
CA ARG E 89 -41.07 -61.68 2.70
C ARG E 89 -39.98 -60.80 3.34
N LEU E 90 -40.10 -59.49 3.16
CA LEU E 90 -39.16 -58.51 3.72
C LEU E 90 -39.20 -58.58 5.24
N ILE E 91 -40.41 -58.73 5.79
CA ILE E 91 -40.59 -58.86 7.24
C ILE E 91 -39.87 -60.10 7.77
N THR E 92 -39.93 -61.22 7.05
CA THR E 92 -39.24 -62.43 7.49
C THR E 92 -37.72 -62.21 7.48
N TYR E 93 -37.23 -61.40 6.54
CA TYR E 93 -35.81 -61.10 6.47
C TYR E 93 -35.43 -60.29 7.70
N GLY E 94 -36.23 -59.28 8.02
CA GLY E 94 -35.98 -58.42 9.17
C GLY E 94 -35.94 -59.19 10.48
N ILE E 95 -36.87 -60.13 10.63
CA ILE E 95 -36.95 -60.97 11.82
C ILE E 95 -35.67 -61.77 11.97
N VAL E 96 -35.19 -62.34 10.87
CA VAL E 96 -33.96 -63.11 10.92
C VAL E 96 -32.73 -62.23 11.18
N ALA E 97 -32.71 -61.03 10.60
CA ALA E 97 -31.60 -60.11 10.80
C ALA E 97 -31.64 -59.46 12.18
N GLY E 98 -32.82 -59.45 12.79
CA GLY E 98 -32.97 -58.87 14.10
C GLY E 98 -33.34 -57.40 14.10
N ASP E 99 -33.30 -56.77 12.92
CA ASP E 99 -33.65 -55.37 12.81
C ASP E 99 -34.37 -55.12 11.50
N VAL E 100 -34.89 -53.92 11.33
CA VAL E 100 -35.62 -53.56 10.13
C VAL E 100 -34.78 -53.08 8.97
N THR E 101 -33.46 -53.06 9.12
CA THR E 101 -32.59 -52.58 8.04
C THR E 101 -32.81 -53.22 6.67
N PRO E 102 -33.04 -54.55 6.60
CA PRO E 102 -33.27 -55.17 5.29
C PRO E 102 -34.54 -54.63 4.68
N ILE E 103 -35.56 -54.45 5.51
CA ILE E 103 -36.85 -53.95 5.03
C ILE E 103 -36.70 -52.51 4.56
N GLU E 104 -36.02 -51.69 5.36
CA GLU E 104 -35.83 -50.31 5.01
C GLU E 104 -35.12 -50.13 3.66
N GLU E 105 -34.00 -50.81 3.49
CA GLU E 105 -33.20 -50.72 2.27
C GLU E 105 -33.87 -51.29 1.04
N ILE E 106 -34.64 -52.36 1.23
CA ILE E 106 -35.34 -52.98 0.12
C ILE E 106 -36.71 -52.40 -0.21
N GLY E 107 -37.52 -52.16 0.81
CA GLY E 107 -38.86 -51.63 0.56
C GLY E 107 -39.35 -50.36 1.21
N ILE E 108 -38.51 -49.62 1.92
CA ILE E 108 -38.99 -48.40 2.57
C ILE E 108 -38.40 -47.13 1.95
N VAL E 109 -37.10 -47.12 1.73
CA VAL E 109 -36.45 -45.95 1.14
C VAL E 109 -36.97 -45.75 -0.29
N GLY E 110 -37.55 -44.58 -0.54
CA GLY E 110 -38.11 -44.25 -1.84
C GLY E 110 -39.54 -44.75 -2.06
N VAL E 111 -40.09 -45.43 -1.06
CA VAL E 111 -41.41 -45.99 -1.19
C VAL E 111 -42.52 -44.98 -1.44
N ARG E 112 -42.42 -43.81 -0.82
CA ARG E 112 -43.44 -42.80 -1.02
C ARG E 112 -43.41 -42.23 -2.44
N GLU E 113 -42.21 -42.17 -3.03
CA GLU E 113 -42.03 -41.66 -4.38
C GLU E 113 -42.57 -42.67 -5.40
N MET E 114 -42.27 -43.94 -5.18
CA MET E 114 -42.73 -45.00 -6.06
C MET E 114 -44.26 -45.05 -6.12
N TYR E 115 -44.90 -45.27 -4.98
CA TYR E 115 -46.36 -45.35 -4.92
C TYR E 115 -47.08 -44.09 -5.37
N LYS E 116 -46.51 -42.92 -5.08
CA LYS E 116 -47.09 -41.64 -5.50
C LYS E 116 -47.14 -41.60 -7.03
N SER E 117 -46.04 -42.01 -7.66
CA SER E 117 -45.94 -42.04 -9.11
C SER E 117 -46.98 -43.00 -9.65
N LEU E 118 -47.05 -44.20 -9.05
CA LEU E 118 -48.01 -45.23 -9.46
C LEU E 118 -49.46 -44.84 -9.18
N GLY E 119 -49.65 -43.92 -8.26
CA GLY E 119 -51.01 -43.50 -7.91
C GLY E 119 -51.62 -44.39 -6.82
N THR E 120 -50.81 -45.23 -6.21
CA THR E 120 -51.26 -46.13 -5.17
C THR E 120 -51.44 -45.41 -3.86
N PRO E 121 -52.60 -45.56 -3.19
CA PRO E 121 -52.84 -44.88 -1.91
C PRO E 121 -51.97 -45.60 -0.85
N ILE E 122 -50.89 -44.94 -0.44
CA ILE E 122 -49.94 -45.53 0.49
C ILE E 122 -50.55 -45.97 1.82
N ASP E 123 -51.45 -45.16 2.36
CA ASP E 123 -52.12 -45.49 3.62
C ASP E 123 -52.84 -46.84 3.53
N ALA E 124 -53.42 -47.15 2.38
CA ALA E 124 -54.10 -48.42 2.20
C ALA E 124 -53.08 -49.56 2.21
N VAL E 125 -51.89 -49.35 1.60
CA VAL E 125 -50.86 -50.41 1.60
C VAL E 125 -50.50 -50.66 3.06
N ALA E 126 -50.41 -49.58 3.83
CA ALA E 126 -50.11 -49.66 5.25
C ALA E 126 -51.18 -50.52 5.92
N ALA E 127 -52.44 -50.15 5.73
CA ALA E 127 -53.56 -50.90 6.29
C ALA E 127 -53.52 -52.37 5.88
N GLY E 128 -53.05 -52.65 4.67
CA GLY E 128 -52.95 -54.02 4.21
C GLY E 128 -51.90 -54.78 5.00
N VAL E 129 -50.81 -54.10 5.36
CA VAL E 129 -49.73 -54.69 6.15
C VAL E 129 -50.24 -54.97 7.57
N SER E 130 -51.01 -54.03 8.13
CA SER E 130 -51.59 -54.21 9.46
C SER E 130 -52.54 -55.41 9.42
N ALA E 131 -53.25 -55.57 8.31
CA ALA E 131 -54.17 -56.69 8.12
C ALA E 131 -53.38 -57.99 8.16
N MET E 132 -52.14 -57.97 7.66
CA MET E 132 -51.30 -59.16 7.68
C MET E 132 -50.85 -59.48 9.10
N LYS E 133 -50.61 -58.43 9.90
CA LYS E 133 -50.22 -58.58 11.28
C LYS E 133 -51.34 -59.34 12.00
N ASN E 134 -52.59 -58.90 11.77
CA ASN E 134 -53.78 -59.53 12.36
C ASN E 134 -53.88 -61.00 11.97
N VAL E 135 -53.73 -61.31 10.69
CA VAL E 135 -53.80 -62.69 10.23
C VAL E 135 -52.68 -63.53 10.84
N ALA E 136 -51.49 -62.94 11.01
CA ALA E 136 -50.36 -63.64 11.60
C ALA E 136 -50.62 -63.91 13.09
N SER E 137 -51.40 -63.03 13.72
CA SER E 137 -51.76 -63.18 15.13
C SER E 137 -52.50 -64.49 15.37
N SER E 138 -53.37 -64.86 14.43
CA SER E 138 -54.14 -66.09 14.51
C SER E 138 -53.31 -67.35 14.29
N ILE E 139 -52.00 -67.21 14.21
CA ILE E 139 -51.16 -68.38 13.98
C ILE E 139 -49.83 -68.29 14.77
N LEU E 140 -49.68 -67.24 15.56
CA LEU E 140 -48.48 -67.03 16.37
C LEU E 140 -48.82 -66.92 17.85
N SER E 141 -48.01 -67.53 18.70
CA SER E 141 -48.24 -67.47 20.14
C SER E 141 -48.11 -66.01 20.52
N ALA E 142 -48.63 -65.61 21.68
CA ALA E 142 -48.53 -64.22 22.10
C ALA E 142 -47.08 -63.68 22.14
N GLU E 143 -46.13 -64.55 22.50
CA GLU E 143 -44.72 -64.14 22.58
C GLU E 143 -44.17 -63.87 21.18
N ASP E 144 -44.49 -64.77 20.24
CA ASP E 144 -44.07 -64.66 18.85
C ASP E 144 -44.73 -63.50 18.13
N ALA E 145 -46.05 -63.38 18.31
CA ALA E 145 -46.83 -62.32 17.70
C ALA E 145 -46.32 -60.95 18.14
N ALA E 146 -45.89 -60.83 19.39
CA ALA E 146 -45.38 -59.57 19.92
C ALA E 146 -44.01 -59.24 19.33
N GLU E 147 -43.18 -60.27 19.18
CA GLU E 147 -41.85 -60.10 18.60
C GLU E 147 -41.93 -59.76 17.12
N ALA E 148 -42.72 -60.54 16.37
CA ALA E 148 -42.93 -60.33 14.93
C ALA E 148 -43.68 -59.03 14.64
N GLY E 149 -44.68 -58.74 15.47
CA GLY E 149 -45.48 -57.54 15.30
C GLY E 149 -44.73 -56.22 15.23
N ALA E 150 -43.64 -56.09 15.97
CA ALA E 150 -42.85 -54.86 15.95
C ALA E 150 -42.37 -54.52 14.54
N TYR E 151 -42.09 -55.56 13.75
CA TYR E 151 -41.66 -55.39 12.36
C TYR E 151 -42.85 -54.93 11.53
N PHE E 152 -43.96 -55.66 11.61
CA PHE E 152 -45.20 -55.32 10.90
C PHE E 152 -45.60 -53.86 11.18
N ASP E 153 -45.46 -53.44 12.43
CA ASP E 153 -45.79 -52.07 12.83
C ASP E 153 -44.81 -51.09 12.23
N TYR E 154 -43.55 -51.48 12.14
CA TYR E 154 -42.55 -50.62 11.55
C TYR E 154 -42.96 -50.35 10.10
N VAL E 155 -43.24 -51.43 9.36
CA VAL E 155 -43.63 -51.32 7.97
C VAL E 155 -44.88 -50.46 7.78
N ALA E 156 -45.94 -50.76 8.53
CA ALA E 156 -47.18 -49.99 8.46
C ALA E 156 -46.95 -48.53 8.85
N GLY E 157 -46.07 -48.29 9.81
CA GLY E 157 -45.77 -46.93 10.23
C GLY E 157 -45.04 -46.14 9.16
N ALA E 158 -44.10 -46.79 8.47
CA ALA E 158 -43.33 -46.16 7.39
C ALA E 158 -44.15 -45.94 6.11
N LEU E 159 -45.16 -46.78 5.89
CA LEU E 159 -46.03 -46.67 4.72
C LEU E 159 -47.24 -45.75 4.93
N ALA E 160 -47.13 -44.77 5.82
CA ALA E 160 -48.24 -43.87 6.09
C ALA E 160 -48.38 -42.74 5.06
N MET F 1 -21.46 -52.50 3.38
CA MET F 1 -20.84 -53.77 3.83
C MET F 1 -21.97 -54.68 4.25
N GLN F 2 -21.67 -55.97 4.24
CA GLN F 2 -22.63 -56.98 4.66
C GLN F 2 -21.95 -57.89 5.65
N ASP F 3 -22.75 -58.58 6.44
CA ASP F 3 -22.23 -59.56 7.37
C ASP F 3 -22.81 -60.85 6.78
N ALA F 4 -22.40 -62.00 7.30
CA ALA F 4 -22.88 -63.28 6.81
C ALA F 4 -24.40 -63.34 6.70
N ILE F 5 -25.07 -62.71 7.65
CA ILE F 5 -26.52 -62.68 7.68
C ILE F 5 -27.07 -61.84 6.52
N THR F 6 -26.81 -60.55 6.53
CA THR F 6 -27.31 -59.66 5.47
C THR F 6 -26.84 -60.07 4.08
N ALA F 7 -25.75 -60.86 4.01
CA ALA F 7 -25.24 -61.34 2.73
C ALA F 7 -26.19 -62.40 2.17
N VAL F 8 -26.64 -63.29 3.03
CA VAL F 8 -27.58 -64.33 2.62
C VAL F 8 -28.92 -63.65 2.27
N ILE F 9 -29.38 -62.76 3.14
CA ILE F 9 -30.63 -62.06 2.88
C ILE F 9 -30.61 -61.35 1.52
N ASN F 10 -29.56 -60.55 1.25
CA ASN F 10 -29.45 -59.84 -0.01
C ASN F 10 -29.54 -60.79 -1.22
N SER F 11 -28.93 -61.96 -1.12
CA SER F 11 -28.99 -62.92 -2.22
C SER F 11 -30.37 -63.57 -2.38
N SER F 12 -31.09 -63.79 -1.29
CA SER F 12 -32.44 -64.34 -1.39
C SER F 12 -33.34 -63.28 -2.01
N ASP F 13 -33.13 -62.02 -1.64
CA ASP F 13 -33.91 -60.91 -2.16
C ASP F 13 -33.73 -60.76 -3.67
N VAL F 14 -32.50 -60.87 -4.15
CA VAL F 14 -32.20 -60.78 -5.58
C VAL F 14 -32.97 -61.85 -6.39
N GLN F 15 -33.30 -62.98 -5.75
CA GLN F 15 -34.06 -64.05 -6.40
C GLN F 15 -35.55 -63.84 -6.13
N GLY F 16 -35.88 -62.96 -5.19
CA GLY F 16 -37.26 -62.70 -4.83
C GLY F 16 -37.85 -63.86 -4.05
N LYS F 17 -36.99 -64.61 -3.35
CA LYS F 17 -37.43 -65.79 -2.59
C LYS F 17 -37.33 -65.70 -1.09
N TYR F 18 -38.27 -66.36 -0.42
CA TYR F 18 -38.26 -66.45 1.04
C TYR F 18 -37.04 -67.36 1.27
N LEU F 19 -36.38 -67.23 2.42
CA LEU F 19 -35.19 -68.02 2.70
C LEU F 19 -35.33 -69.53 2.44
N ASP F 20 -34.58 -70.06 1.47
CA ASP F 20 -34.66 -71.49 1.17
C ASP F 20 -33.72 -72.31 2.04
N THR F 21 -33.72 -73.64 1.84
CA THR F 21 -32.88 -74.53 2.63
C THR F 21 -31.42 -74.11 2.72
N ALA F 22 -30.79 -73.91 1.57
CA ALA F 22 -29.38 -73.52 1.52
C ALA F 22 -29.13 -72.25 2.34
N ALA F 23 -30.04 -71.28 2.19
CA ALA F 23 -29.94 -70.01 2.89
C ALA F 23 -30.01 -70.22 4.41
N LEU F 24 -30.96 -71.05 4.82
CA LEU F 24 -31.16 -71.36 6.23
C LEU F 24 -29.93 -72.05 6.82
N GLU F 25 -29.33 -72.98 6.06
CA GLU F 25 -28.14 -73.67 6.55
C GLU F 25 -27.04 -72.66 6.81
N LYS F 26 -26.85 -71.75 5.86
CA LYS F 26 -25.83 -70.71 5.96
C LYS F 26 -26.05 -69.82 7.18
N LEU F 27 -27.28 -69.39 7.40
CA LEU F 27 -27.61 -68.55 8.56
C LEU F 27 -27.29 -69.32 9.84
N LYS F 28 -27.81 -70.53 9.95
CA LYS F 28 -27.57 -71.39 11.10
C LYS F 28 -26.07 -71.57 11.33
N SER F 29 -25.34 -71.86 10.25
CA SER F 29 -23.91 -72.05 10.31
C SER F 29 -23.23 -70.83 10.93
N TYR F 30 -23.67 -69.63 10.55
CA TYR F 30 -23.07 -68.43 11.11
C TYR F 30 -23.39 -68.35 12.58
N PHE F 31 -24.68 -68.50 12.89
CA PHE F 31 -25.17 -68.45 14.25
C PHE F 31 -24.47 -69.41 15.21
N SER F 32 -24.15 -70.62 14.77
CA SER F 32 -23.47 -71.60 15.62
C SER F 32 -22.01 -71.25 15.97
N THR F 33 -21.41 -70.35 15.19
CA THR F 33 -20.03 -69.94 15.41
C THR F 33 -19.94 -68.55 16.05
N GLY F 34 -21.05 -67.84 16.05
CA GLY F 34 -21.09 -66.50 16.62
C GLY F 34 -20.29 -66.23 17.89
N GLU F 35 -20.46 -67.06 18.93
CA GLU F 35 -19.75 -66.85 20.20
C GLU F 35 -18.23 -67.02 20.01
N LEU F 36 -17.83 -67.95 19.14
CA LEU F 36 -16.42 -68.19 18.89
C LEU F 36 -15.78 -66.97 18.25
N ARG F 37 -16.55 -66.26 17.45
CA ARG F 37 -16.05 -65.06 16.80
C ARG F 37 -15.88 -63.94 17.82
N VAL F 38 -16.89 -63.76 18.67
CA VAL F 38 -16.85 -62.74 19.72
C VAL F 38 -15.66 -63.01 20.64
N ARG F 39 -15.55 -64.26 21.09
CA ARG F 39 -14.47 -64.69 21.98
C ARG F 39 -13.13 -64.30 21.37
N ALA F 40 -12.95 -64.62 20.10
CA ALA F 40 -11.71 -64.31 19.40
C ALA F 40 -11.47 -62.80 19.31
N ALA F 41 -12.50 -62.02 19.02
CA ALA F 41 -12.36 -60.57 18.92
C ALA F 41 -11.96 -59.96 20.26
N THR F 42 -12.48 -60.53 21.34
CA THR F 42 -12.16 -60.08 22.69
C THR F 42 -10.66 -60.25 22.93
N THR F 43 -10.14 -61.44 22.64
CA THR F 43 -8.71 -61.73 22.82
C THR F 43 -7.84 -60.79 22.00
N ILE F 44 -8.13 -60.67 20.72
CA ILE F 44 -7.38 -59.79 19.82
C ILE F 44 -7.35 -58.36 20.32
N ALA F 45 -8.51 -57.83 20.71
CA ALA F 45 -8.62 -56.48 21.23
C ALA F 45 -7.68 -56.28 22.42
N ALA F 46 -7.67 -57.25 23.33
CA ALA F 46 -6.85 -57.18 24.54
C ALA F 46 -5.34 -57.31 24.26
N ASN F 47 -4.99 -57.98 23.17
CA ASN F 47 -3.58 -58.18 22.81
C ASN F 47 -3.19 -57.42 21.55
N ALA F 48 -4.02 -56.46 21.14
CA ALA F 48 -3.81 -55.68 19.92
C ALA F 48 -2.40 -55.13 19.69
N ALA F 49 -1.89 -54.36 20.65
CA ALA F 49 -0.55 -53.80 20.53
C ALA F 49 0.53 -54.89 20.47
N ALA F 50 0.36 -55.91 21.30
CA ALA F 50 1.30 -57.03 21.40
C ALA F 50 1.43 -57.81 20.11
N ILE F 51 0.31 -57.99 19.42
CA ILE F 51 0.30 -58.72 18.15
C ILE F 51 1.16 -57.98 17.13
N VAL F 52 0.92 -56.69 17.00
CA VAL F 52 1.68 -55.87 16.07
C VAL F 52 3.17 -55.87 16.47
N LYS F 53 3.44 -55.68 17.77
CA LYS F 53 4.81 -55.66 18.23
C LYS F 53 5.60 -56.90 17.83
N GLU F 54 5.05 -58.08 18.10
CA GLU F 54 5.75 -59.32 17.74
C GLU F 54 5.84 -59.50 16.23
N ALA F 55 4.80 -59.15 15.50
CA ALA F 55 4.81 -59.27 14.05
C ALA F 55 5.94 -58.43 13.48
N VAL F 56 6.04 -57.18 13.93
CA VAL F 56 7.08 -56.25 13.46
C VAL F 56 8.46 -56.83 13.79
N ALA F 57 8.65 -57.28 15.02
CA ALA F 57 9.91 -57.86 15.45
C ALA F 57 10.30 -59.09 14.63
N LYS F 58 9.30 -59.91 14.30
CA LYS F 58 9.49 -61.13 13.51
C LYS F 58 9.83 -60.88 12.03
N SER F 59 9.13 -59.92 11.42
CA SER F 59 9.31 -59.66 10.00
C SER F 59 9.93 -58.36 9.51
N LEU F 60 10.03 -57.34 10.36
CA LEU F 60 10.54 -56.06 9.89
C LEU F 60 11.81 -55.49 10.53
N LEU F 61 11.98 -55.69 11.83
CA LEU F 61 13.14 -55.14 12.52
C LEU F 61 14.50 -55.74 12.12
N TYR F 62 15.54 -54.94 12.37
CA TYR F 62 16.92 -55.34 12.09
C TYR F 62 17.20 -55.74 10.66
N SER F 63 16.55 -55.05 9.74
CA SER F 63 16.70 -55.32 8.31
C SER F 63 16.90 -53.99 7.61
N ASP F 64 17.09 -54.03 6.30
CA ASP F 64 17.28 -52.83 5.50
C ASP F 64 16.06 -51.91 5.54
N ILE F 65 14.90 -52.47 5.86
CA ILE F 65 13.66 -51.71 5.90
C ILE F 65 13.69 -50.63 6.98
N THR F 66 14.31 -50.94 8.12
CA THR F 66 14.38 -50.00 9.24
C THR F 66 15.62 -49.11 9.22
N ARG F 67 16.64 -49.52 8.46
CA ARG F 67 17.85 -48.75 8.37
C ARG F 67 17.72 -47.65 7.33
N PRO F 68 18.58 -46.62 7.40
CA PRO F 68 18.55 -45.50 6.45
C PRO F 68 18.40 -46.02 5.01
N GLY F 69 17.43 -45.48 4.28
CA GLY F 69 17.23 -45.94 2.92
C GLY F 69 16.04 -46.87 2.80
N GLY F 70 15.63 -47.48 3.92
CA GLY F 70 14.49 -48.38 3.91
C GLY F 70 13.22 -47.58 4.19
N MET F 72 10.92 -47.92 6.28
CA MET F 72 10.55 -47.78 7.68
C MET F 72 11.55 -46.88 8.42
N TYR F 73 12.51 -46.32 7.70
CA TYR F 73 13.48 -45.43 8.33
C TYR F 73 12.81 -44.07 8.55
N THR F 74 13.16 -43.44 9.68
CA THR F 74 12.66 -42.16 10.19
C THR F 74 11.48 -42.56 11.10
N THR F 75 11.42 -41.96 12.27
CA THR F 75 10.37 -42.25 13.23
C THR F 75 8.97 -42.07 12.66
N ARG F 76 8.82 -41.18 11.68
CA ARG F 76 7.53 -40.91 11.03
C ARG F 76 7.05 -42.12 10.24
N ARG F 77 7.95 -42.72 9.46
CA ARG F 77 7.59 -43.88 8.65
C ARG F 77 7.39 -45.14 9.51
N TYR F 78 8.18 -45.27 10.57
CA TYR F 78 8.05 -46.40 11.47
C TYR F 78 6.64 -46.34 12.06
N ALA F 79 6.28 -45.18 12.61
CA ALA F 79 4.97 -44.98 13.22
C ALA F 79 3.84 -45.25 12.24
N ALA F 80 4.00 -44.78 10.99
CA ALA F 80 3.00 -44.96 9.94
C ALA F 80 2.81 -46.43 9.64
N CYS F 81 3.91 -47.15 9.53
CA CYS F 81 3.87 -48.57 9.25
C CYS F 81 3.11 -49.36 10.32
N ILE F 82 3.46 -49.19 11.59
CA ILE F 82 2.76 -49.92 12.64
C ILE F 82 1.30 -49.47 12.78
N ARG F 83 1.03 -48.23 12.37
CA ARG F 83 -0.33 -47.70 12.40
C ARG F 83 -1.13 -48.52 11.37
N ASP F 84 -0.50 -48.85 10.25
CA ASP F 84 -1.14 -49.66 9.21
C ASP F 84 -1.46 -51.03 9.78
N LEU F 85 -0.45 -51.65 10.37
CA LEU F 85 -0.62 -52.96 10.97
C LEU F 85 -1.81 -52.91 11.94
N ASP F 86 -1.93 -51.82 12.70
CA ASP F 86 -3.05 -51.65 13.62
C ASP F 86 -4.37 -51.68 12.85
N TYR F 87 -4.40 -50.97 11.72
CA TYR F 87 -5.59 -50.93 10.85
C TYR F 87 -5.95 -52.31 10.37
N TYR F 88 -4.97 -53.03 9.83
CA TYR F 88 -5.20 -54.38 9.32
C TYR F 88 -5.80 -55.30 10.36
N LEU F 89 -5.20 -55.30 11.56
CA LEU F 89 -5.66 -56.13 12.67
C LEU F 89 -7.08 -55.76 13.04
N ARG F 90 -7.32 -54.47 13.25
CA ARG F 90 -8.65 -54.04 13.60
C ARG F 90 -9.69 -54.37 12.54
N TYR F 91 -9.34 -54.21 11.26
CA TYR F 91 -10.28 -54.51 10.17
C TYR F 91 -10.49 -55.99 9.95
N ALA F 92 -9.41 -56.77 10.01
CA ALA F 92 -9.52 -58.21 9.86
C ALA F 92 -10.45 -58.71 10.97
N THR F 93 -10.34 -58.14 12.17
CA THR F 93 -11.21 -58.55 13.26
C THR F 93 -12.68 -58.23 12.94
N TYR F 94 -12.94 -57.03 12.42
CA TYR F 94 -14.30 -56.66 12.03
C TYR F 94 -14.84 -57.70 11.06
N ALA F 95 -14.08 -57.94 10.00
CA ALA F 95 -14.45 -58.90 8.98
C ALA F 95 -14.67 -60.30 9.56
N MET F 96 -13.77 -60.74 10.43
CA MET F 96 -13.89 -62.05 11.04
C MET F 96 -15.20 -62.09 11.83
N LEU F 97 -15.47 -61.03 12.57
CA LEU F 97 -16.70 -60.88 13.36
C LEU F 97 -17.93 -60.99 12.43
N ALA F 98 -17.91 -60.27 11.32
CA ALA F 98 -19.01 -60.27 10.36
C ALA F 98 -19.15 -61.55 9.54
N GLY F 99 -18.04 -62.28 9.40
CA GLY F 99 -18.04 -63.51 8.63
C GLY F 99 -18.14 -63.17 7.16
N ASP F 100 -17.67 -61.98 6.80
CA ASP F 100 -17.75 -61.48 5.42
C ASP F 100 -16.63 -60.46 5.13
N PRO F 101 -16.00 -60.58 3.94
CA PRO F 101 -14.93 -59.67 3.53
C PRO F 101 -15.32 -58.30 2.93
N SER F 102 -16.61 -58.04 2.72
CA SER F 102 -17.04 -56.79 2.12
C SER F 102 -16.48 -55.53 2.78
N ILE F 103 -16.42 -55.49 4.11
CA ILE F 103 -15.87 -54.32 4.79
C ILE F 103 -14.41 -54.09 4.36
N LEU F 104 -13.70 -55.15 4.00
CA LEU F 104 -12.31 -55.03 3.59
C LEU F 104 -12.17 -54.34 2.23
N ASP F 105 -13.06 -54.67 1.30
CA ASP F 105 -13.06 -54.06 -0.02
C ASP F 105 -13.54 -52.62 0.05
N GLU F 106 -14.63 -52.41 0.76
CA GLU F 106 -15.23 -51.10 0.89
C GLU F 106 -14.43 -50.09 1.68
N ARG F 107 -13.85 -50.51 2.80
CA ARG F 107 -13.11 -49.57 3.64
C ARG F 107 -11.61 -49.67 3.70
N VAL F 108 -11.03 -50.72 3.13
CA VAL F 108 -9.58 -50.90 3.22
C VAL F 108 -8.83 -50.99 1.90
N LEU F 109 -9.15 -52.03 1.14
CA LEU F 109 -8.49 -52.33 -0.14
C LEU F 109 -8.70 -51.33 -1.23
N ASN F 110 -9.87 -50.72 -1.25
CA ASN F 110 -10.21 -49.73 -2.24
C ASN F 110 -9.09 -48.69 -2.55
N GLY F 111 -8.35 -48.94 -3.63
CA GLY F 111 -7.28 -48.05 -4.06
C GLY F 111 -6.07 -47.94 -3.14
N LEU F 112 -5.87 -48.98 -2.32
CA LEU F 112 -4.76 -49.02 -1.38
C LEU F 112 -3.45 -49.31 -2.11
N LYS F 113 -3.50 -50.27 -3.04
CA LYS F 113 -2.34 -50.64 -3.82
C LYS F 113 -1.78 -49.43 -4.55
N GLU F 114 -2.65 -48.61 -5.13
CA GLU F 114 -2.23 -47.41 -5.87
C GLU F 114 -1.54 -46.41 -4.95
N THR F 115 -2.13 -46.16 -3.78
CA THR F 115 -1.54 -45.25 -2.81
C THR F 115 -0.13 -45.73 -2.42
N TYR F 116 0.00 -47.02 -2.12
CA TYR F 116 1.29 -47.57 -1.74
C TYR F 116 2.33 -47.39 -2.82
N ASN F 117 1.98 -47.79 -4.03
CA ASN F 117 2.89 -47.66 -5.17
C ASN F 117 3.38 -46.22 -5.32
N SER F 118 2.47 -45.26 -5.23
CA SER F 118 2.87 -43.86 -5.36
C SER F 118 3.76 -43.37 -4.21
N LEU F 119 3.58 -43.92 -3.01
CA LEU F 119 4.38 -43.51 -1.85
C LEU F 119 5.67 -44.29 -1.72
N GLY F 120 5.78 -45.42 -2.42
CA GLY F 120 6.99 -46.20 -2.33
C GLY F 120 6.97 -47.20 -1.18
N VAL F 121 5.77 -47.47 -0.66
CA VAL F 121 5.58 -48.41 0.44
C VAL F 121 5.70 -49.81 -0.15
N PRO F 122 6.74 -50.59 0.27
CA PRO F 122 6.93 -51.94 -0.25
C PRO F 122 5.80 -52.92 0.07
N ILE F 123 5.02 -53.28 -0.94
CA ILE F 123 3.90 -54.18 -0.77
C ILE F 123 4.36 -55.56 -0.30
N SER F 124 5.50 -56.02 -0.79
CA SER F 124 6.01 -57.32 -0.38
C SER F 124 6.29 -57.37 1.13
N ALA F 125 7.03 -56.40 1.63
CA ALA F 125 7.35 -56.36 3.06
C ALA F 125 6.08 -56.24 3.90
N THR F 126 5.09 -55.52 3.39
CA THR F 126 3.82 -55.34 4.07
C THR F 126 3.07 -56.68 4.20
N VAL F 127 3.04 -57.45 3.12
CA VAL F 127 2.38 -58.74 3.11
C VAL F 127 3.04 -59.64 4.16
N GLN F 128 4.37 -59.59 4.21
CA GLN F 128 5.15 -60.36 5.17
C GLN F 128 4.69 -60.04 6.58
N ALA F 129 4.63 -58.74 6.89
CA ALA F 129 4.21 -58.27 8.20
C ALA F 129 2.80 -58.76 8.54
N ILE F 130 1.90 -58.73 7.57
CA ILE F 130 0.53 -59.19 7.80
C ILE F 130 0.52 -60.68 8.06
N GLN F 131 1.36 -61.41 7.32
CA GLN F 131 1.47 -62.84 7.48
C GLN F 131 1.99 -63.16 8.88
N ALA F 132 2.93 -62.35 9.36
CA ALA F 132 3.47 -62.53 10.71
C ALA F 132 2.36 -62.27 11.73
N MET F 133 1.52 -61.27 11.48
CA MET F 133 0.41 -60.97 12.37
C MET F 133 -0.53 -62.16 12.45
N LYS F 134 -0.72 -62.83 11.33
CA LYS F 134 -1.59 -64.00 11.30
C LYS F 134 -1.12 -65.07 12.28
N GLU F 135 0.18 -65.31 12.30
CA GLU F 135 0.76 -66.32 13.18
C GLU F 135 0.66 -65.92 14.65
N VAL F 136 1.03 -64.68 14.94
CA VAL F 136 0.98 -64.15 16.30
C VAL F 136 -0.47 -64.20 16.82
N THR F 137 -1.41 -63.77 15.99
CA THR F 137 -2.81 -63.78 16.34
C THR F 137 -3.30 -65.20 16.66
N ALA F 138 -2.94 -66.16 15.80
CA ALA F 138 -3.36 -67.54 16.00
C ALA F 138 -2.81 -68.17 17.27
N SER F 139 -1.64 -67.72 17.72
CA SER F 139 -1.05 -68.26 18.93
C SER F 139 -1.83 -67.87 20.18
N LEU F 140 -2.72 -66.87 20.06
CA LEU F 140 -3.55 -66.37 21.17
C LEU F 140 -4.99 -66.85 21.14
N VAL F 141 -5.57 -66.91 19.95
CA VAL F 141 -6.95 -67.32 19.78
C VAL F 141 -7.17 -68.80 19.48
N GLY F 142 -6.10 -69.55 19.33
CA GLY F 142 -6.30 -70.96 19.06
C GLY F 142 -6.38 -71.24 17.57
N PRO F 143 -6.12 -72.49 17.15
CA PRO F 143 -6.16 -72.88 15.73
C PRO F 143 -7.40 -72.54 14.89
N ASP F 144 -8.60 -72.83 15.37
CA ASP F 144 -9.82 -72.53 14.62
C ASP F 144 -10.00 -71.05 14.35
N ALA F 145 -9.92 -70.24 15.40
CA ALA F 145 -10.08 -68.81 15.27
C ALA F 145 -8.89 -68.22 14.52
N GLY F 146 -7.73 -68.86 14.64
CA GLY F 146 -6.54 -68.40 13.94
C GLY F 146 -6.68 -68.59 12.44
N LYS F 147 -7.33 -69.69 12.06
CA LYS F 147 -7.60 -70.06 10.68
C LYS F 147 -8.64 -69.10 10.10
N GLU F 148 -9.69 -68.82 10.86
CA GLU F 148 -10.73 -67.89 10.42
C GLU F 148 -10.16 -66.46 10.30
N MET F 149 -9.33 -66.04 11.24
CA MET F 149 -8.71 -64.73 11.14
C MET F 149 -7.76 -64.76 9.93
N GLY F 150 -7.08 -65.89 9.75
CA GLY F 150 -6.16 -66.08 8.64
C GLY F 150 -6.85 -65.80 7.32
N VAL F 151 -8.10 -66.20 7.19
CA VAL F 151 -8.88 -65.96 5.99
C VAL F 151 -8.88 -64.48 5.64
N TYR F 152 -9.21 -63.64 6.62
CA TYR F 152 -9.27 -62.20 6.41
C TYR F 152 -7.92 -61.52 6.28
N PHE F 153 -6.89 -62.09 6.91
CA PHE F 153 -5.54 -61.55 6.79
C PHE F 153 -5.08 -61.84 5.35
N ASP F 154 -5.38 -63.05 4.89
CA ASP F 154 -5.01 -63.50 3.54
C ASP F 154 -5.75 -62.69 2.48
N TYR F 155 -7.00 -62.35 2.77
CA TYR F 155 -7.81 -61.55 1.87
C TYR F 155 -7.17 -60.16 1.70
N ILE F 156 -6.79 -59.52 2.80
CA ILE F 156 -6.16 -58.22 2.74
C ILE F 156 -4.88 -58.34 1.93
N CYS F 157 -4.14 -59.42 2.14
CA CYS F 157 -2.91 -59.66 1.41
C CYS F 157 -3.13 -59.80 -0.10
N SER F 158 -4.17 -60.53 -0.50
CA SER F 158 -4.48 -60.71 -1.92
C SER F 158 -4.91 -59.41 -2.58
N GLY F 159 -5.57 -58.54 -1.81
CA GLY F 159 -6.00 -57.26 -2.34
C GLY F 159 -4.87 -56.28 -2.64
N LEU F 160 -3.70 -56.49 -2.02
CA LEU F 160 -2.55 -55.63 -2.23
C LEU F 160 -1.72 -56.08 -3.41
N SER F 161 -1.86 -57.36 -3.77
CA SER F 161 -1.12 -57.95 -4.88
C SER F 161 -1.72 -57.53 -6.23
N GLY G 1 -19.41 -48.12 2.79
CA GLY G 1 -20.50 -48.21 1.78
C GLY G 1 -19.96 -48.08 0.37
N ARG G 2 -20.86 -47.82 -0.57
CA ARG G 2 -20.50 -47.66 -1.99
C ARG G 2 -19.74 -46.34 -2.19
N LEU G 3 -18.67 -46.38 -2.97
CA LEU G 3 -17.84 -45.21 -3.22
C LEU G 3 -17.48 -45.02 -4.69
N PHE G 4 -17.52 -43.77 -5.15
CA PHE G 4 -17.16 -43.41 -6.52
C PHE G 4 -15.74 -42.82 -6.54
N LYS G 5 -14.97 -43.16 -7.56
CA LYS G 5 -13.62 -42.63 -7.75
C LYS G 5 -13.79 -41.72 -8.97
N ILE G 6 -13.72 -40.41 -8.74
CA ILE G 6 -13.92 -39.44 -9.81
C ILE G 6 -12.74 -38.51 -10.09
N THR G 7 -12.69 -37.99 -11.31
CA THR G 7 -11.67 -37.05 -11.79
C THR G 7 -12.40 -35.99 -12.62
N ALA G 8 -12.09 -34.73 -12.36
CA ALA G 8 -12.72 -33.62 -13.06
C ALA G 8 -11.78 -32.44 -13.17
N CYS G 9 -12.17 -31.46 -13.98
CA CYS G 9 -11.40 -30.24 -14.17
C CYS G 9 -12.42 -29.14 -14.04
N VAL G 10 -12.21 -28.22 -13.11
CA VAL G 10 -13.13 -27.10 -12.90
C VAL G 10 -12.35 -25.82 -13.16
N PRO G 11 -12.76 -25.03 -14.18
CA PRO G 11 -12.08 -23.78 -14.52
C PRO G 11 -12.52 -22.60 -13.68
N SER G 12 -11.95 -21.44 -13.99
CA SER G 12 -12.28 -20.20 -13.31
C SER G 12 -13.05 -19.38 -14.35
N GLN G 13 -14.34 -19.15 -14.10
CA GLN G 13 -15.18 -18.40 -15.04
C GLN G 13 -15.51 -16.96 -14.58
N THR G 14 -15.23 -16.64 -13.31
CA THR G 14 -15.53 -15.32 -12.75
C THR G 14 -14.39 -14.33 -12.43
N ARG G 15 -13.25 -14.82 -11.94
CA ARG G 15 -12.14 -13.93 -11.56
C ARG G 15 -10.77 -14.53 -11.88
N ILE G 16 -9.77 -13.68 -12.08
CA ILE G 16 -8.41 -14.14 -12.36
C ILE G 16 -7.73 -14.41 -11.00
N ARG G 17 -7.92 -15.63 -10.50
CA ARG G 17 -7.37 -16.07 -9.22
C ARG G 17 -5.85 -16.09 -9.26
N THR G 18 -5.22 -15.38 -8.33
CA THR G 18 -3.76 -15.26 -8.25
C THR G 18 -3.06 -16.25 -7.30
N GLN G 19 -3.83 -16.91 -6.45
CA GLN G 19 -3.27 -17.88 -5.52
C GLN G 19 -3.25 -19.24 -6.23
N ARG G 20 -2.31 -20.11 -5.86
CA ARG G 20 -2.18 -21.43 -6.47
C ARG G 20 -3.52 -22.21 -6.41
N GLU G 21 -4.22 -22.23 -7.54
CA GLU G 21 -5.52 -22.91 -7.65
C GLU G 21 -5.43 -24.20 -8.48
N LEU G 22 -4.25 -24.52 -9.00
CA LEU G 22 -4.06 -25.74 -9.80
C LEU G 22 -4.46 -26.99 -9.06
N GLN G 23 -4.36 -26.92 -7.72
CA GLN G 23 -4.71 -28.02 -6.84
C GLN G 23 -6.23 -28.17 -6.79
N ASN G 24 -6.93 -27.05 -6.98
CA ASN G 24 -8.40 -27.03 -6.95
C ASN G 24 -9.00 -27.13 -8.36
N THR G 25 -8.14 -27.04 -9.37
CA THR G 25 -8.56 -27.11 -10.77
C THR G 25 -8.70 -28.53 -11.30
N TYR G 26 -7.58 -29.26 -11.39
CA TYR G 26 -7.65 -30.64 -11.88
C TYR G 26 -7.58 -31.55 -10.64
N PHE G 27 -8.59 -32.42 -10.43
CA PHE G 27 -8.58 -33.29 -9.26
C PHE G 27 -9.13 -34.70 -9.43
N THR G 28 -8.75 -35.57 -8.51
CA THR G 28 -9.18 -36.97 -8.46
C THR G 28 -9.51 -37.22 -6.99
N LYS G 29 -10.68 -37.78 -6.74
CA LYS G 29 -11.07 -38.04 -5.36
C LYS G 29 -12.19 -39.04 -5.23
N LEU G 30 -12.31 -39.60 -4.03
CA LEU G 30 -13.33 -40.57 -3.72
C LEU G 30 -14.53 -39.79 -3.17
N VAL G 31 -15.72 -40.14 -3.64
CA VAL G 31 -16.94 -39.47 -3.22
C VAL G 31 -17.95 -40.56 -2.87
N PRO G 32 -18.43 -40.59 -1.61
CA PRO G 32 -19.41 -41.60 -1.17
C PRO G 32 -20.65 -41.53 -2.07
N TYR G 33 -21.21 -42.70 -2.36
CA TYR G 33 -22.38 -42.82 -3.22
C TYR G 33 -23.43 -41.75 -2.96
N GLU G 34 -23.81 -41.61 -1.69
CA GLU G 34 -24.84 -40.66 -1.25
C GLU G 34 -24.50 -39.18 -1.42
N ASN G 35 -23.31 -38.89 -1.94
CA ASN G 35 -22.85 -37.53 -2.17
C ASN G 35 -22.54 -37.24 -3.63
N TRP G 36 -22.47 -38.29 -4.45
CA TRP G 36 -22.15 -38.12 -5.86
C TRP G 36 -23.14 -37.28 -6.68
N PHE G 37 -24.44 -37.48 -6.51
CA PHE G 37 -25.41 -36.70 -7.28
C PHE G 37 -25.24 -35.19 -7.04
N ARG G 38 -25.11 -34.79 -5.78
CA ARG G 38 -24.96 -33.38 -5.38
C ARG G 38 -23.59 -32.81 -5.82
N GLU G 39 -22.54 -33.61 -5.69
CA GLU G 39 -21.19 -33.21 -6.09
C GLU G 39 -21.05 -33.07 -7.61
N GLN G 40 -21.51 -34.08 -8.35
CA GLN G 40 -21.48 -34.09 -9.81
C GLN G 40 -22.16 -32.82 -10.33
N GLN G 41 -23.36 -32.53 -9.85
CA GLN G 41 -24.09 -31.34 -10.26
C GLN G 41 -23.36 -30.04 -9.93
N ARG G 42 -22.70 -30.01 -8.77
CA ARG G 42 -21.93 -28.84 -8.32
C ARG G 42 -20.85 -28.49 -9.36
N ILE G 43 -20.09 -29.51 -9.77
CA ILE G 43 -19.03 -29.37 -10.77
C ILE G 43 -19.61 -28.95 -12.14
N GLN G 44 -20.73 -29.58 -12.51
CA GLN G 44 -21.42 -29.31 -13.79
C GLN G 44 -21.83 -27.84 -13.95
N LYS G 45 -22.44 -27.27 -12.90
CA LYS G 45 -22.87 -25.87 -12.88
C LYS G 45 -21.69 -24.88 -12.91
N MET G 46 -20.53 -25.31 -12.41
CA MET G 46 -19.34 -24.47 -12.40
C MET G 46 -18.55 -24.53 -13.70
N GLY G 47 -19.16 -25.03 -14.77
CA GLY G 47 -18.47 -25.14 -16.04
C GLY G 47 -17.34 -26.14 -16.03
N GLY G 48 -17.30 -26.98 -15.00
CA GLY G 48 -16.27 -28.01 -14.89
C GLY G 48 -16.60 -29.22 -15.74
N LYS G 49 -15.57 -29.92 -16.19
CA LYS G 49 -15.73 -31.09 -17.04
C LYS G 49 -15.32 -32.38 -16.32
N ILE G 50 -16.21 -33.37 -16.29
CA ILE G 50 -15.95 -34.67 -15.64
C ILE G 50 -15.26 -35.65 -16.59
N VAL G 51 -14.02 -36.02 -16.20
CA VAL G 51 -13.14 -36.89 -16.98
C VAL G 51 -13.27 -38.40 -16.70
N LYS G 52 -13.48 -38.78 -15.44
CA LYS G 52 -13.58 -40.20 -15.11
C LYS G 52 -14.47 -40.45 -13.89
N VAL G 53 -15.30 -41.49 -13.97
CA VAL G 53 -16.19 -41.90 -12.86
C VAL G 53 -16.13 -43.43 -12.77
N GLU G 54 -15.84 -43.94 -11.59
CA GLU G 54 -15.75 -45.38 -11.35
C GLU G 54 -16.42 -45.69 -10.02
N LEU G 55 -16.89 -46.93 -9.86
CA LEU G 55 -17.47 -47.35 -8.59
C LEU G 55 -16.28 -48.03 -7.93
N ALA G 56 -15.63 -47.28 -7.04
CA ALA G 56 -14.46 -47.71 -6.32
C ALA G 56 -14.66 -48.96 -5.46
N THR G 57 -15.81 -49.05 -4.79
CA THR G 57 -16.13 -50.19 -3.93
C THR G 57 -16.60 -51.44 -4.68
N GLY G 58 -16.73 -51.30 -6.00
CA GLY G 58 -17.11 -52.41 -6.86
C GLY G 58 -18.51 -52.99 -6.97
N LYS G 59 -19.08 -53.43 -5.85
CA LYS G 59 -20.40 -54.05 -5.85
C LYS G 59 -21.56 -53.18 -6.36
N GLN G 60 -22.11 -53.59 -7.49
CA GLN G 60 -23.23 -52.88 -8.11
C GLN G 60 -24.55 -53.58 -7.85
N GLY G 61 -25.60 -52.79 -7.64
CA GLY G 61 -26.93 -53.34 -7.40
C GLY G 61 -27.12 -53.98 -6.03
N ILE G 62 -26.56 -53.36 -4.99
CA ILE G 62 -26.73 -53.88 -3.63
C ILE G 62 -28.16 -53.57 -3.19
N ASN G 63 -28.87 -54.57 -2.70
CA ASN G 63 -30.24 -54.37 -2.24
C ASN G 63 -30.24 -53.99 -0.77
N THR G 64 -29.40 -54.69 0.00
CA THR G 64 -29.26 -54.47 1.44
C THR G 64 -27.79 -54.64 1.87
N GLY G 65 -27.29 -53.70 2.68
CA GLY G 65 -25.91 -53.73 3.14
C GLY G 65 -25.14 -52.57 2.51
N LEU G 66 -25.67 -51.36 2.71
CA LEU G 66 -25.10 -50.14 2.14
C LEU G 66 -24.16 -49.33 3.05
N ALA G 67 -24.11 -49.66 4.35
CA ALA G 67 -23.26 -48.95 5.31
C ALA G 67 -21.76 -49.25 5.16
N SER H 1 11.84 16.98 -21.49
CA SER H 1 11.14 15.84 -22.16
C SER H 1 10.34 15.08 -21.11
N ILE H 2 9.81 13.92 -21.49
CA ILE H 2 9.03 13.09 -20.60
C ILE H 2 9.91 12.64 -19.43
N VAL H 3 11.21 12.53 -19.67
CA VAL H 3 12.14 12.12 -18.63
C VAL H 3 12.12 13.13 -17.49
N THR H 4 12.23 14.40 -17.84
CA THR H 4 12.20 15.47 -16.85
C THR H 4 10.86 15.51 -16.14
N LYS H 5 9.77 15.38 -16.90
CA LYS H 5 8.43 15.39 -16.34
C LYS H 5 8.17 14.24 -15.35
N SER H 6 8.61 13.04 -15.70
CA SER H 6 8.46 11.89 -14.82
C SER H 6 9.23 12.15 -13.52
N ILE H 7 10.49 12.55 -13.66
CA ILE H 7 11.35 12.84 -12.52
C ILE H 7 10.78 13.92 -11.60
N VAL H 8 10.19 14.97 -12.16
CA VAL H 8 9.60 16.04 -11.37
C VAL H 8 8.38 15.55 -10.55
N ASN H 9 7.54 14.72 -11.14
CA ASN H 9 6.37 14.19 -10.43
C ASN H 9 6.81 13.26 -9.31
N ALA H 10 7.76 12.39 -9.61
CA ALA H 10 8.30 11.44 -8.64
C ALA H 10 8.89 12.15 -7.43
N ASP H 11 9.66 13.22 -7.67
CA ASP H 11 10.29 13.98 -6.60
C ASP H 11 9.21 14.71 -5.78
N ALA H 12 8.19 15.23 -6.46
CA ALA H 12 7.08 15.90 -5.79
C ALA H 12 6.39 14.94 -4.80
N GLU H 13 6.57 13.64 -4.99
CA GLU H 13 5.99 12.65 -4.11
C GLU H 13 7.09 11.92 -3.35
N ALA H 14 8.29 12.48 -3.35
CA ALA H 14 9.43 11.92 -2.65
C ALA H 14 9.63 10.43 -2.86
N ARG H 15 9.47 9.98 -4.10
CA ARG H 15 9.63 8.56 -4.41
C ARG H 15 10.47 8.28 -5.65
N TYR H 16 10.79 7.02 -5.87
CA TYR H 16 11.52 6.61 -7.05
C TYR H 16 10.50 6.60 -8.16
N LEU H 17 10.95 6.60 -9.42
CA LEU H 17 9.99 6.59 -10.51
C LEU H 17 9.24 5.27 -10.49
N SER H 18 7.93 5.36 -10.68
CA SER H 18 7.06 4.19 -10.69
C SER H 18 7.32 3.31 -11.90
N PRO H 19 6.84 2.07 -11.85
CA PRO H 19 7.03 1.14 -12.98
C PRO H 19 6.41 1.75 -14.25
N GLY H 20 5.23 2.34 -14.10
CA GLY H 20 4.57 2.96 -15.22
C GLY H 20 5.48 3.98 -15.87
N GLU H 21 5.98 4.91 -15.06
CA GLU H 21 6.87 5.96 -15.55
C GLU H 21 8.15 5.45 -16.21
N LEU H 22 8.79 4.44 -15.64
CA LEU H 22 10.03 3.90 -16.21
C LEU H 22 9.83 3.23 -17.56
N ASP H 23 8.67 2.59 -17.73
CA ASP H 23 8.32 1.92 -18.99
C ASP H 23 8.07 2.99 -20.06
N ARG H 24 7.42 4.09 -19.67
CA ARG H 24 7.18 5.19 -20.59
C ARG H 24 8.51 5.76 -21.09
N ILE H 25 9.51 5.83 -20.23
CA ILE H 25 10.82 6.33 -20.62
C ILE H 25 11.53 5.39 -21.60
N LYS H 26 11.39 4.08 -21.42
CA LYS H 26 12.04 3.16 -22.35
C LYS H 26 11.37 3.14 -23.73
N SER H 27 10.06 3.40 -23.76
CA SER H 27 9.33 3.46 -25.01
C SER H 27 9.75 4.75 -25.70
N PHE H 28 9.85 5.84 -24.93
CA PHE H 28 10.27 7.13 -25.47
C PHE H 28 11.66 7.08 -26.14
N VAL H 29 12.65 6.52 -25.45
CA VAL H 29 13.99 6.45 -26.02
C VAL H 29 14.11 5.52 -27.23
N SER H 30 13.21 4.55 -27.32
CA SER H 30 13.22 3.61 -28.45
C SER H 30 12.83 4.33 -29.76
N SER H 31 11.99 5.35 -29.67
CA SER H 31 11.57 6.14 -30.84
C SER H 31 12.38 7.45 -31.00
N GLY H 32 13.50 7.54 -30.29
CA GLY H 32 14.36 8.71 -30.31
C GLY H 32 14.92 9.14 -31.66
N GLU H 33 15.57 8.21 -32.37
CA GLU H 33 16.14 8.51 -33.69
C GLU H 33 15.08 8.73 -34.76
N LYS H 34 13.91 8.13 -34.56
CA LYS H 34 12.81 8.29 -35.49
C LYS H 34 12.49 9.81 -35.50
N ARG H 35 12.36 10.39 -34.31
CA ARG H 35 12.07 11.82 -34.21
C ARG H 35 13.24 12.71 -34.65
N LEU H 36 14.46 12.24 -34.41
CA LEU H 36 15.65 12.98 -34.83
C LEU H 36 15.65 13.19 -36.35
N ARG H 37 15.22 12.17 -37.09
CA ARG H 37 15.19 12.24 -38.54
C ARG H 37 14.16 13.22 -39.05
N ILE H 38 12.99 13.25 -38.42
CA ILE H 38 11.93 14.19 -38.81
C ILE H 38 12.44 15.61 -38.63
N ALA H 39 13.16 15.83 -37.54
CA ALA H 39 13.72 17.15 -37.25
C ALA H 39 14.81 17.47 -38.28
N GLN H 40 15.61 16.47 -38.63
CA GLN H 40 16.68 16.65 -39.60
C GLN H 40 16.13 17.14 -40.94
N ILE H 41 15.03 16.55 -41.37
CA ILE H 41 14.41 16.95 -42.62
C ILE H 41 13.95 18.39 -42.62
N LEU H 42 13.34 18.83 -41.51
CA LEU H 42 12.87 20.23 -41.40
C LEU H 42 14.05 21.18 -41.40
N THR H 43 15.14 20.79 -40.74
CA THR H 43 16.36 21.57 -40.69
C THR H 43 16.97 21.72 -42.09
N ASP H 44 17.06 20.61 -42.81
CA ASP H 44 17.61 20.58 -44.17
C ASP H 44 16.86 21.49 -45.15
N ASN H 45 15.55 21.60 -44.99
CA ASN H 45 14.77 22.42 -45.90
C ASN H 45 14.31 23.71 -45.26
N ARG H 46 14.99 24.11 -44.19
CA ARG H 46 14.62 25.31 -43.46
C ARG H 46 14.49 26.57 -44.29
N GLU H 47 15.37 26.74 -45.26
CA GLU H 47 15.34 27.94 -46.09
C GLU H 47 14.08 28.01 -46.91
N ARG H 48 13.75 26.93 -47.61
CA ARG H 48 12.56 26.90 -48.44
C ARG H 48 11.31 26.99 -47.59
N ILE H 49 11.30 26.31 -46.45
CA ILE H 49 10.13 26.32 -45.58
C ILE H 49 9.80 27.74 -45.13
N VAL H 50 10.82 28.50 -44.75
CA VAL H 50 10.62 29.87 -44.30
C VAL H 50 10.29 30.87 -45.42
N LYS H 51 11.05 30.83 -46.52
CA LYS H 51 10.81 31.74 -47.64
C LYS H 51 9.42 31.56 -48.23
N GLN H 52 9.10 30.32 -48.58
CA GLN H 52 7.81 29.98 -49.17
C GLN H 52 6.64 30.26 -48.23
N ALA H 53 6.83 30.01 -46.93
CA ALA H 53 5.80 30.26 -45.93
C ALA H 53 5.53 31.76 -45.91
N GLY H 54 6.60 32.54 -45.97
CA GLY H 54 6.49 33.98 -45.99
C GLY H 54 5.67 34.41 -47.19
N ASP H 55 6.12 34.03 -48.39
CA ASP H 55 5.41 34.36 -49.64
C ASP H 55 3.92 34.06 -49.52
N GLN H 56 3.61 32.90 -48.96
CA GLN H 56 2.24 32.45 -48.77
C GLN H 56 1.52 33.33 -47.75
N LEU H 57 2.23 33.70 -46.70
CA LEU H 57 1.67 34.55 -45.65
C LEU H 57 1.34 35.92 -46.19
N PHE H 58 2.28 36.52 -46.91
CA PHE H 58 2.09 37.85 -47.47
C PHE H 58 0.99 37.88 -48.52
N GLN H 59 0.68 36.73 -49.09
CA GLN H 59 -0.39 36.64 -50.07
C GLN H 59 -1.74 36.71 -49.34
N LYS H 60 -1.87 35.99 -48.23
CA LYS H 60 -3.11 35.99 -47.43
C LYS H 60 -3.25 37.26 -46.61
N ARG H 61 -2.12 37.80 -46.15
CA ARG H 61 -2.09 39.01 -45.32
C ARG H 61 -1.23 40.11 -45.93
N PRO H 62 -1.66 40.67 -47.07
CA PRO H 62 -0.91 41.74 -47.76
C PRO H 62 -0.75 43.00 -46.89
N ASP H 63 -1.63 43.16 -45.91
CA ASP H 63 -1.61 44.29 -45.02
C ASP H 63 -0.32 44.42 -44.23
N VAL H 64 0.26 43.29 -43.81
CA VAL H 64 1.48 43.33 -43.00
C VAL H 64 2.72 43.84 -43.73
N VAL H 65 2.68 43.77 -45.06
CA VAL H 65 3.80 44.23 -45.89
C VAL H 65 3.48 45.49 -46.69
N SER H 66 2.26 45.99 -46.55
CA SER H 66 1.85 47.20 -47.24
C SER H 66 2.11 48.35 -46.27
N PRO H 67 2.17 49.60 -46.77
CA PRO H 67 2.40 50.79 -45.94
C PRO H 67 1.55 50.78 -44.67
N GLY H 68 2.20 51.02 -43.54
CA GLY H 68 1.49 50.99 -42.27
C GLY H 68 1.62 49.64 -41.60
N GLY H 69 1.94 48.61 -42.38
CA GLY H 69 2.08 47.27 -41.85
C GLY H 69 3.36 47.12 -41.05
N ASN H 70 3.34 46.23 -40.05
CA ASN H 70 4.49 45.99 -39.19
C ASN H 70 5.71 45.49 -39.99
N ALA H 71 5.47 44.66 -41.01
CA ALA H 71 6.55 44.10 -41.82
C ALA H 71 6.78 44.85 -43.13
N TYR H 72 6.40 46.11 -43.17
CA TYR H 72 6.56 46.96 -44.35
C TYR H 72 8.01 47.34 -44.64
N GLY H 73 8.50 47.01 -45.84
CA GLY H 73 9.86 47.35 -46.22
C GLY H 73 10.80 46.16 -46.29
N GLN H 74 11.84 46.25 -47.11
CA GLN H 74 12.80 45.16 -47.27
C GLN H 74 13.43 44.79 -45.93
N GLU H 75 13.84 45.78 -45.16
CA GLU H 75 14.48 45.52 -43.87
C GLU H 75 13.50 44.84 -42.89
N MET H 76 12.29 45.36 -42.79
CA MET H 76 11.28 44.79 -41.88
C MET H 76 10.78 43.41 -42.28
N THR H 77 10.68 43.15 -43.58
CA THR H 77 10.23 41.86 -44.07
C THR H 77 11.26 40.80 -43.69
N ALA H 78 12.54 41.16 -43.79
CA ALA H 78 13.62 40.23 -43.45
C ALA H 78 13.51 39.80 -41.98
N THR H 79 13.26 40.75 -41.08
CA THR H 79 13.10 40.44 -39.66
C THR H 79 11.90 39.50 -39.49
N CYS H 80 10.82 39.74 -40.22
CA CYS H 80 9.66 38.88 -40.15
C CYS H 80 10.04 37.43 -40.47
N LEU H 81 10.77 37.20 -41.56
CA LEU H 81 11.18 35.84 -41.92
C LEU H 81 12.18 35.30 -40.90
N ARG H 82 12.91 36.21 -40.26
CA ARG H 82 13.88 35.87 -39.22
C ARG H 82 13.09 35.23 -38.06
N ASP H 83 11.94 35.80 -37.72
CA ASP H 83 11.09 35.28 -36.65
C ASP H 83 10.53 33.91 -37.02
N LEU H 84 10.10 33.74 -38.26
CA LEU H 84 9.56 32.46 -38.72
C LEU H 84 10.63 31.38 -38.61
N ASP H 85 11.86 31.73 -38.93
CA ASP H 85 12.97 30.80 -38.84
C ASP H 85 13.24 30.45 -37.35
N TYR H 86 13.04 31.41 -36.47
CA TYR H 86 13.22 31.17 -35.04
C TYR H 86 12.25 30.08 -34.62
N TYR H 87 10.99 30.23 -35.03
CA TYR H 87 9.97 29.26 -34.69
C TYR H 87 10.15 27.89 -35.31
N LEU H 88 10.66 27.84 -36.55
CA LEU H 88 10.92 26.58 -37.21
C LEU H 88 11.98 25.86 -36.38
N ARG H 89 13.01 26.59 -35.98
CA ARG H 89 14.09 26.03 -35.14
C ARG H 89 13.52 25.49 -33.83
N LEU H 90 12.66 26.28 -33.17
CA LEU H 90 12.05 25.87 -31.92
C LEU H 90 11.21 24.62 -32.12
N ILE H 91 10.45 24.59 -33.22
CA ILE H 91 9.63 23.42 -33.55
C ILE H 91 10.47 22.15 -33.68
N THR H 92 11.66 22.27 -34.28
CA THR H 92 12.53 21.11 -34.42
C THR H 92 13.04 20.64 -33.05
N TYR H 93 13.24 21.57 -32.12
CA TYR H 93 13.68 21.23 -30.78
C TYR H 93 12.56 20.43 -30.13
N GLY H 94 11.35 20.98 -30.24
CA GLY H 94 10.18 20.33 -29.67
C GLY H 94 10.04 18.90 -30.16
N ILE H 95 10.26 18.68 -31.46
CA ILE H 95 10.17 17.34 -32.02
C ILE H 95 11.19 16.36 -31.41
N VAL H 96 12.44 16.76 -31.22
CA VAL H 96 13.38 15.82 -30.63
C VAL H 96 13.11 15.58 -29.14
N ALA H 97 12.58 16.60 -28.44
CA ALA H 97 12.24 16.48 -27.03
C ALA H 97 10.97 15.66 -26.84
N GLY H 98 10.17 15.58 -27.91
CA GLY H 98 8.94 14.81 -27.85
C GLY H 98 7.83 15.60 -27.19
N ASP H 99 8.09 16.87 -26.91
CA ASP H 99 7.08 17.74 -26.30
C ASP H 99 7.34 19.22 -26.59
N VAL H 100 6.38 20.07 -26.25
CA VAL H 100 6.45 21.50 -26.50
C VAL H 100 7.18 22.35 -25.48
N THR H 101 7.76 21.73 -24.45
CA THR H 101 8.44 22.48 -23.42
C THR H 101 9.54 23.42 -23.91
N PRO H 102 10.38 22.99 -24.88
CA PRO H 102 11.42 23.92 -25.34
C PRO H 102 10.79 25.11 -26.08
N ILE H 103 9.78 24.83 -26.88
CA ILE H 103 9.09 25.86 -27.63
C ILE H 103 8.51 26.89 -26.69
N GLU H 104 7.80 26.38 -25.69
CA GLU H 104 7.15 27.18 -24.67
C GLU H 104 8.11 28.10 -23.91
N GLU H 105 9.17 27.52 -23.38
CA GLU H 105 10.13 28.29 -22.60
C GLU H 105 10.93 29.32 -23.37
N ILE H 106 11.26 29.00 -24.61
CA ILE H 106 12.07 29.90 -25.42
C ILE H 106 11.26 30.91 -26.20
N GLY H 107 10.12 30.50 -26.75
CA GLY H 107 9.38 31.45 -27.55
C GLY H 107 7.91 31.66 -27.35
N ILE H 108 7.34 31.08 -26.29
CA ILE H 108 5.92 31.27 -26.06
C ILE H 108 5.60 32.11 -24.81
N VAL H 109 6.24 31.81 -23.69
CA VAL H 109 6.03 32.57 -22.45
C VAL H 109 6.45 34.04 -22.68
N GLY H 110 5.48 34.95 -22.52
CA GLY H 110 5.72 36.37 -22.71
C GLY H 110 5.66 36.86 -24.15
N VAL H 111 5.28 35.96 -25.05
CA VAL H 111 5.24 36.29 -26.46
C VAL H 111 4.27 37.41 -26.80
N ARG H 112 3.13 37.44 -26.10
CA ARG H 112 2.12 38.45 -26.34
C ARG H 112 2.58 39.84 -25.93
N GLU H 113 3.26 39.92 -24.81
CA GLU H 113 3.77 41.18 -24.30
C GLU H 113 4.81 41.71 -25.25
N MET H 114 5.71 40.84 -25.69
CA MET H 114 6.76 41.21 -26.64
C MET H 114 6.17 41.74 -27.95
N TYR H 115 5.31 40.94 -28.60
CA TYR H 115 4.71 41.36 -29.85
C TYR H 115 3.79 42.57 -29.71
N LYS H 116 3.13 42.72 -28.57
CA LYS H 116 2.26 43.87 -28.37
C LYS H 116 3.12 45.14 -28.29
N SER H 117 4.23 45.09 -27.57
CA SER H 117 5.12 46.22 -27.46
C SER H 117 5.66 46.60 -28.84
N LEU H 118 6.00 45.59 -29.64
CA LEU H 118 6.50 45.81 -31.00
C LEU H 118 5.43 46.26 -31.98
N GLY H 119 4.18 45.91 -31.70
CA GLY H 119 3.09 46.29 -32.58
C GLY H 119 2.94 45.26 -33.69
N THR H 120 3.39 44.05 -33.44
CA THR H 120 3.30 42.97 -34.42
C THR H 120 1.99 42.25 -34.27
N PRO H 121 1.23 42.07 -35.37
CA PRO H 121 -0.05 41.36 -35.25
C PRO H 121 0.27 39.88 -35.04
N ILE H 122 0.17 39.42 -33.79
CA ILE H 122 0.49 38.06 -33.40
C ILE H 122 -0.26 36.98 -34.19
N ASP H 123 -1.53 37.24 -34.52
CA ASP H 123 -2.34 36.29 -35.30
C ASP H 123 -1.73 36.10 -36.69
N ALA H 124 -1.05 37.12 -37.20
CA ALA H 124 -0.40 37.03 -38.49
C ALA H 124 0.88 36.17 -38.36
N VAL H 125 1.52 36.22 -37.20
CA VAL H 125 2.70 35.40 -36.96
C VAL H 125 2.19 33.96 -36.92
N ALA H 126 1.05 33.75 -36.24
CA ALA H 126 0.42 32.45 -36.14
C ALA H 126 0.18 31.91 -37.55
N ALA H 127 -0.40 32.77 -38.39
CA ALA H 127 -0.67 32.43 -39.79
C ALA H 127 0.61 32.00 -40.49
N GLY H 128 1.72 32.71 -40.24
CA GLY H 128 2.99 32.36 -40.85
C GLY H 128 3.50 30.99 -40.46
N VAL H 129 3.28 30.61 -39.20
CA VAL H 129 3.69 29.30 -38.71
C VAL H 129 2.85 28.21 -39.40
N SER H 130 1.55 28.46 -39.56
CA SER H 130 0.67 27.51 -40.24
C SER H 130 1.11 27.35 -41.69
N ALA H 131 1.59 28.47 -42.28
CA ALA H 131 2.09 28.45 -43.64
C ALA H 131 3.32 27.56 -43.67
N MET H 132 4.20 27.73 -42.68
CA MET H 132 5.41 26.90 -42.60
C MET H 132 5.02 25.43 -42.55
N LYS H 133 3.92 25.12 -41.85
CA LYS H 133 3.43 23.74 -41.77
C LYS H 133 3.03 23.23 -43.15
N ASN H 134 2.29 24.06 -43.89
CA ASN H 134 1.83 23.73 -45.25
C ASN H 134 3.00 23.37 -46.17
N VAL H 135 4.05 24.18 -46.11
CA VAL H 135 5.24 23.93 -46.93
C VAL H 135 5.98 22.68 -46.44
N ALA H 136 6.02 22.47 -45.13
CA ALA H 136 6.68 21.30 -44.56
C ALA H 136 5.98 20.02 -45.02
N SER H 137 4.65 20.08 -45.08
CA SER H 137 3.87 18.94 -45.51
C SER H 137 4.12 18.55 -46.97
N SER H 138 4.93 19.31 -47.68
CA SER H 138 5.23 18.97 -49.06
C SER H 138 6.60 18.30 -49.14
N ILE H 139 7.27 18.15 -48.00
CA ILE H 139 8.60 17.55 -47.93
C ILE H 139 8.55 16.32 -47.05
N LEU H 140 7.63 16.33 -46.10
CA LEU H 140 7.46 15.25 -45.17
C LEU H 140 6.43 14.22 -45.64
N SER H 141 6.72 12.95 -45.36
CA SER H 141 5.80 11.88 -45.72
C SER H 141 4.55 12.12 -44.90
N ALA H 142 3.40 11.62 -45.37
CA ALA H 142 2.16 11.84 -44.64
C ALA H 142 2.27 11.51 -43.15
N GLU H 143 3.07 10.50 -42.82
CA GLU H 143 3.27 10.05 -41.44
C GLU H 143 4.06 11.07 -40.62
N ASP H 144 5.16 11.53 -41.17
CA ASP H 144 6.01 12.52 -40.50
C ASP H 144 5.36 13.89 -40.41
N ALA H 145 4.61 14.27 -41.44
CA ALA H 145 3.92 15.56 -41.47
C ALA H 145 2.83 15.60 -40.42
N ALA H 146 2.26 14.43 -40.15
CA ALA H 146 1.19 14.30 -39.17
C ALA H 146 1.74 14.48 -37.76
N GLU H 147 2.92 13.90 -37.51
CA GLU H 147 3.56 14.02 -36.22
C GLU H 147 4.08 15.44 -35.99
N ALA H 148 4.80 15.97 -36.98
CA ALA H 148 5.35 17.33 -36.92
C ALA H 148 4.22 18.35 -36.83
N GLY H 149 3.14 18.06 -37.54
CA GLY H 149 2.00 18.95 -37.57
C GLY H 149 1.52 19.35 -36.20
N ALA H 150 1.63 18.45 -35.23
CA ALA H 150 1.18 18.73 -33.88
C ALA H 150 1.97 19.87 -33.23
N TYR H 151 3.24 19.97 -33.58
CA TYR H 151 4.08 21.02 -33.04
C TYR H 151 3.81 22.37 -33.70
N PHE H 152 3.56 22.36 -35.01
CA PHE H 152 3.25 23.59 -35.73
C PHE H 152 1.92 24.13 -35.23
N ASP H 153 0.97 23.23 -34.99
CA ASP H 153 -0.35 23.61 -34.50
C ASP H 153 -0.33 24.20 -33.10
N TYR H 154 0.50 23.64 -32.23
CA TYR H 154 0.63 24.17 -30.89
C TYR H 154 1.13 25.62 -31.01
N VAL H 155 2.20 25.84 -31.78
CA VAL H 155 2.76 27.18 -31.95
C VAL H 155 1.73 28.15 -32.53
N ALA H 156 1.05 27.78 -33.60
CA ALA H 156 0.03 28.63 -34.19
C ALA H 156 -1.07 28.91 -33.15
N GLY H 157 -1.52 27.87 -32.45
CA GLY H 157 -2.57 28.05 -31.46
C GLY H 157 -2.13 28.94 -30.30
N ALA H 158 -0.87 28.83 -29.92
CA ALA H 158 -0.30 29.62 -28.83
C ALA H 158 -0.12 31.09 -29.24
N LEU H 159 0.14 31.35 -30.52
CA LEU H 159 0.31 32.71 -31.05
C LEU H 159 -1.00 33.32 -31.54
N ALA H 160 -2.11 32.64 -31.29
CA ALA H 160 -3.43 33.08 -31.72
C ALA H 160 -3.73 34.55 -31.45
N MET I 1 15.47 22.10 -13.69
CA MET I 1 16.38 20.97 -14.04
C MET I 1 16.19 20.65 -15.50
N GLN I 2 17.18 19.97 -16.06
CA GLN I 2 17.09 19.56 -17.45
C GLN I 2 17.69 18.18 -17.56
N ASP I 3 17.22 17.44 -18.55
CA ASP I 3 17.73 16.10 -18.81
C ASP I 3 18.78 16.28 -19.90
N ALA I 4 19.44 15.21 -20.29
CA ALA I 4 20.46 15.29 -21.31
C ALA I 4 19.92 15.86 -22.63
N ILE I 5 18.64 15.66 -22.90
CA ILE I 5 18.06 16.15 -24.14
C ILE I 5 17.92 17.67 -24.18
N THR I 6 17.31 18.24 -23.15
CA THR I 6 17.10 19.69 -23.07
C THR I 6 18.43 20.41 -22.87
N ALA I 7 19.40 19.70 -22.29
CA ALA I 7 20.75 20.26 -22.11
C ALA I 7 21.32 20.57 -23.49
N VAL I 8 21.13 19.65 -24.43
CA VAL I 8 21.62 19.82 -25.81
C VAL I 8 20.84 20.90 -26.54
N ILE I 9 19.51 20.87 -26.40
CA ILE I 9 18.66 21.87 -27.03
C ILE I 9 19.10 23.27 -26.57
N ASN I 10 19.34 23.42 -25.27
CA ASN I 10 19.75 24.71 -24.71
C ASN I 10 21.07 25.27 -25.20
N SER I 11 22.09 24.43 -25.32
CA SER I 11 23.36 24.92 -25.80
C SER I 11 23.27 25.27 -27.29
N SER I 12 22.41 24.59 -28.05
CA SER I 12 22.24 24.92 -29.46
C SER I 12 21.50 26.24 -29.56
N ASP I 13 20.48 26.39 -28.70
CA ASP I 13 19.66 27.60 -28.68
C ASP I 13 20.41 28.87 -28.28
N VAL I 14 21.27 28.79 -27.27
CA VAL I 14 22.04 29.94 -26.84
C VAL I 14 22.91 30.45 -27.99
N GLN I 15 23.10 29.62 -29.02
CA GLN I 15 23.89 29.98 -30.19
C GLN I 15 23.00 30.31 -31.38
N GLY I 16 21.71 30.00 -31.25
CA GLY I 16 20.76 30.25 -32.32
C GLY I 16 20.90 29.28 -33.46
N LYS I 17 21.38 28.08 -33.14
CA LYS I 17 21.61 27.07 -34.17
C LYS I 17 20.62 25.91 -34.14
N TYR I 18 20.30 25.38 -35.32
CA TYR I 18 19.45 24.22 -35.42
C TYR I 18 20.40 23.14 -34.90
N LEU I 19 19.87 22.00 -34.46
CA LEU I 19 20.72 20.92 -33.97
C LEU I 19 21.62 20.36 -35.08
N ASP I 20 22.93 20.44 -34.89
CA ASP I 20 23.88 19.93 -35.89
C ASP I 20 24.24 18.47 -35.63
N THR I 21 25.12 17.91 -36.44
CA THR I 21 25.49 16.51 -36.26
C THR I 21 26.14 16.22 -34.91
N ALA I 22 26.92 17.16 -34.39
CA ALA I 22 27.55 16.96 -33.08
C ALA I 22 26.46 16.80 -32.01
N ALA I 23 25.49 17.70 -32.06
CA ALA I 23 24.37 17.69 -31.13
C ALA I 23 23.56 16.41 -31.26
N LEU I 24 23.22 16.02 -32.47
CA LEU I 24 22.44 14.81 -32.66
C LEU I 24 23.18 13.55 -32.22
N GLU I 25 24.52 13.53 -32.31
CA GLU I 25 25.26 12.35 -31.85
C GLU I 25 25.22 12.24 -30.34
N LYS I 26 25.26 13.40 -29.66
CA LYS I 26 25.16 13.45 -28.20
C LYS I 26 23.80 12.89 -27.80
N LEU I 27 22.75 13.30 -28.51
CA LEU I 27 21.41 12.81 -28.23
C LEU I 27 21.32 11.29 -28.47
N LYS I 28 21.90 10.80 -29.56
CA LYS I 28 21.87 9.37 -29.85
C LYS I 28 22.52 8.57 -28.73
N SER I 29 23.66 9.08 -28.26
CA SER I 29 24.42 8.43 -27.18
C SER I 29 23.54 8.28 -25.94
N TYR I 30 22.66 9.26 -25.71
CA TYR I 30 21.75 9.22 -24.57
C TYR I 30 20.67 8.18 -24.80
N PHE I 31 20.02 8.26 -25.95
CA PHE I 31 18.96 7.33 -26.33
C PHE I 31 19.42 5.88 -26.28
N SER I 32 20.64 5.62 -26.73
CA SER I 32 21.18 4.28 -26.73
C SER I 32 21.44 3.76 -25.31
N THR I 33 21.69 4.66 -24.36
CA THR I 33 21.94 4.29 -22.96
C THR I 33 20.64 4.26 -22.14
N GLY I 34 19.56 4.75 -22.72
CA GLY I 34 18.26 4.81 -22.04
C GLY I 34 17.80 3.57 -21.27
N GLU I 35 17.66 2.44 -21.94
CA GLU I 35 17.22 1.23 -21.26
C GLU I 35 18.18 0.82 -20.14
N LEU I 36 19.48 1.01 -20.32
CA LEU I 36 20.47 0.67 -19.30
C LEU I 36 20.25 1.55 -18.06
N ARG I 37 19.87 2.81 -18.27
CA ARG I 37 19.60 3.75 -17.18
C ARG I 37 18.36 3.30 -16.43
N VAL I 38 17.31 2.95 -17.17
CA VAL I 38 16.06 2.48 -16.58
C VAL I 38 16.28 1.20 -15.77
N ARG I 39 17.16 0.33 -16.26
CA ARG I 39 17.48 -0.91 -15.58
C ARG I 39 18.05 -0.58 -14.20
N ALA I 40 19.17 0.14 -14.20
CA ALA I 40 19.84 0.53 -12.97
C ALA I 40 18.86 1.21 -12.01
N ALA I 41 18.03 2.12 -12.53
CA ALA I 41 17.06 2.84 -11.72
C ALA I 41 16.09 1.90 -11.01
N THR I 42 15.62 0.89 -11.73
CA THR I 42 14.70 -0.09 -11.17
C THR I 42 15.40 -0.96 -10.14
N THR I 43 16.63 -1.34 -10.44
CA THR I 43 17.43 -2.14 -9.52
C THR I 43 17.73 -1.36 -8.23
N ILE I 44 18.18 -0.11 -8.36
CA ILE I 44 18.49 0.73 -7.22
C ILE I 44 17.27 0.95 -6.34
N ALA I 45 16.13 1.28 -6.95
CA ALA I 45 14.91 1.51 -6.19
C ALA I 45 14.52 0.28 -5.38
N ALA I 46 14.68 -0.88 -5.99
CA ALA I 46 14.36 -2.15 -5.35
C ALA I 46 15.24 -2.39 -4.13
N ASN I 47 16.51 -2.01 -4.24
CA ASN I 47 17.49 -2.17 -3.18
C ASN I 47 17.76 -0.89 -2.37
N ALA I 48 16.91 0.13 -2.48
CA ALA I 48 17.16 1.38 -1.76
C ALA I 48 17.55 1.26 -0.29
N ALA I 49 16.73 0.55 0.49
CA ALA I 49 16.99 0.39 1.91
C ALA I 49 18.26 -0.40 2.22
N ALA I 50 18.50 -1.47 1.47
CA ALA I 50 19.69 -2.31 1.67
C ALA I 50 20.97 -1.60 1.29
N ILE I 51 20.89 -0.70 0.30
CA ILE I 51 22.05 0.06 -0.14
C ILE I 51 22.52 1.00 0.98
N VAL I 52 21.58 1.76 1.53
CA VAL I 52 21.88 2.67 2.62
C VAL I 52 22.36 1.84 3.81
N LYS I 53 21.64 0.75 4.11
CA LYS I 53 22.01 -0.11 5.23
C LYS I 53 23.45 -0.59 5.18
N GLU I 54 23.85 -1.12 4.03
CA GLU I 54 25.21 -1.61 3.90
C GLU I 54 26.24 -0.48 3.90
N ALA I 55 25.93 0.63 3.24
CA ALA I 55 26.83 1.76 3.20
C ALA I 55 27.10 2.24 4.63
N VAL I 56 26.03 2.40 5.41
CA VAL I 56 26.13 2.82 6.80
C VAL I 56 26.95 1.80 7.59
N ALA I 57 26.68 0.52 7.36
CA ALA I 57 27.40 -0.54 8.05
C ALA I 57 28.89 -0.47 7.76
N LYS I 58 29.23 -0.20 6.51
CA LYS I 58 30.62 -0.12 6.11
C LYS I 58 31.37 1.15 6.48
N SER I 59 30.66 2.28 6.53
CA SER I 59 31.35 3.54 6.80
C SER I 59 31.09 4.29 8.10
N LEU I 60 30.01 3.98 8.81
CA LEU I 60 29.69 4.75 9.99
C LEU I 60 29.48 4.00 11.28
N LEU I 61 28.93 2.80 11.17
CA LEU I 61 28.63 2.02 12.36
C LEU I 61 29.86 1.62 13.16
N TYR I 62 29.65 1.46 14.47
CA TYR I 62 30.69 1.05 15.41
C TYR I 62 31.92 1.96 15.39
N SER I 63 31.66 3.26 15.32
CA SER I 63 32.70 4.26 15.30
C SER I 63 32.27 5.39 16.23
N ASP I 64 33.16 6.36 16.44
CA ASP I 64 32.89 7.50 17.30
C ASP I 64 31.65 8.25 16.83
N ILE I 65 31.34 8.13 15.55
CA ILE I 65 30.19 8.82 14.98
C ILE I 65 28.85 8.38 15.59
N THR I 66 28.69 7.08 15.86
CA THR I 66 27.44 6.56 16.42
C THR I 66 27.41 6.42 17.95
N ARG I 67 28.57 6.58 18.58
CA ARG I 67 28.67 6.49 20.03
C ARG I 67 28.38 7.85 20.62
N PRO I 68 28.03 7.90 21.93
CA PRO I 68 27.76 9.17 22.59
C PRO I 68 28.83 10.21 22.20
N GLY I 69 28.39 11.39 21.80
CA GLY I 69 29.34 12.42 21.38
C GLY I 69 29.45 12.53 19.86
N GLY I 70 29.06 11.48 19.13
CA GLY I 70 29.11 11.53 17.68
C GLY I 70 27.87 12.19 17.11
N MET I 72 25.91 11.05 14.94
CA MET I 72 24.89 10.05 14.65
C MET I 72 24.31 9.47 15.93
N TYR I 73 24.78 9.98 17.07
CA TYR I 73 24.28 9.54 18.35
C TYR I 73 22.92 10.24 18.57
N THR I 74 22.02 9.55 19.27
CA THR I 74 20.61 9.88 19.56
C THR I 74 19.84 9.30 18.37
N THR I 75 18.69 8.71 18.63
CA THR I 75 17.90 8.10 17.56
C THR I 75 17.49 9.15 16.52
N ARG I 76 17.19 10.35 17.00
CA ARG I 76 16.78 11.49 16.16
C ARG I 76 17.82 11.78 15.08
N ARG I 77 19.08 11.84 15.49
CA ARG I 77 20.17 12.10 14.56
C ARG I 77 20.51 10.93 13.67
N TYR I 78 20.39 9.72 14.20
CA TYR I 78 20.64 8.55 13.40
C TYR I 78 19.64 8.54 12.23
N ALA I 79 18.36 8.72 12.56
CA ALA I 79 17.30 8.73 11.56
C ALA I 79 17.49 9.84 10.53
N ALA I 80 17.90 11.03 10.99
CA ALA I 80 18.12 12.15 10.09
C ALA I 80 19.23 11.83 9.11
N CYS I 81 20.27 11.18 9.59
CA CYS I 81 21.39 10.80 8.75
C CYS I 81 20.99 9.83 7.62
N ILE I 82 20.33 8.73 7.97
CA ILE I 82 19.93 7.79 6.95
C ILE I 82 18.83 8.37 6.04
N ARG I 83 18.08 9.36 6.53
CA ARG I 83 17.08 9.98 5.70
C ARG I 83 17.84 10.74 4.61
N ASP I 84 18.94 11.39 4.99
CA ASP I 84 19.78 12.13 4.05
C ASP I 84 20.36 11.17 3.02
N LEU I 85 20.83 10.02 3.50
CA LEU I 85 21.39 9.00 2.62
C LEU I 85 20.32 8.53 1.64
N ASP I 86 19.09 8.41 2.12
CA ASP I 86 17.99 8.01 1.27
C ASP I 86 17.80 9.03 0.15
N TYR I 87 17.87 10.32 0.52
CA TYR I 87 17.75 11.42 -0.44
C TYR I 87 18.88 11.38 -1.47
N TYR I 88 20.10 11.23 -0.99
CA TYR I 88 21.25 11.18 -1.88
C TYR I 88 21.14 10.10 -2.95
N LEU I 89 20.73 8.91 -2.54
CA LEU I 89 20.57 7.79 -3.48
C LEU I 89 19.43 8.05 -4.45
N ARG I 90 18.31 8.56 -3.94
CA ARG I 90 17.16 8.85 -4.78
C ARG I 90 17.47 9.92 -5.83
N TYR I 91 18.14 11.00 -5.42
CA TYR I 91 18.49 12.07 -6.34
C TYR I 91 19.58 11.68 -7.32
N ALA I 92 20.55 10.91 -6.87
CA ALA I 92 21.61 10.44 -7.75
C ALA I 92 20.94 9.57 -8.83
N THR I 93 19.92 8.81 -8.45
CA THR I 93 19.20 7.96 -9.40
C THR I 93 18.46 8.81 -10.42
N TYR I 94 17.82 9.90 -9.99
CA TYR I 94 17.13 10.82 -10.90
C TYR I 94 18.13 11.41 -11.89
N ALA I 95 19.23 11.94 -11.36
CA ALA I 95 20.28 12.53 -12.17
C ALA I 95 20.84 11.54 -13.15
N MET I 96 21.02 10.30 -12.72
CA MET I 96 21.53 9.23 -13.58
C MET I 96 20.52 9.00 -14.72
N LEU I 97 19.24 8.90 -14.39
CA LEU I 97 18.18 8.71 -15.38
C LEU I 97 18.19 9.84 -16.41
N ALA I 98 18.26 11.07 -15.92
CA ALA I 98 18.28 12.27 -16.75
C ALA I 98 19.58 12.42 -17.53
N GLY I 99 20.65 11.79 -17.06
CA GLY I 99 21.93 11.91 -17.73
C GLY I 99 22.43 13.36 -17.63
N ASP I 100 21.96 14.07 -16.60
CA ASP I 100 22.32 15.46 -16.39
C ASP I 100 22.31 15.76 -14.88
N PRO I 101 23.37 16.43 -14.39
CA PRO I 101 23.53 16.79 -12.98
C PRO I 101 22.80 18.04 -12.47
N SER I 102 22.11 18.75 -13.35
CA SER I 102 21.40 19.96 -12.93
C SER I 102 20.44 19.76 -11.76
N ILE I 103 19.75 18.63 -11.69
CA ILE I 103 18.82 18.42 -10.60
C ILE I 103 19.54 18.37 -9.24
N LEU I 104 20.80 17.95 -9.24
CA LEU I 104 21.56 17.89 -8.00
C LEU I 104 21.88 19.31 -7.49
N ASP I 105 22.26 20.19 -8.40
CA ASP I 105 22.56 21.58 -8.05
C ASP I 105 21.31 22.26 -7.51
N GLU I 106 20.23 22.17 -8.28
CA GLU I 106 18.97 22.80 -7.94
C GLU I 106 18.26 22.27 -6.71
N ARG I 107 18.15 20.95 -6.60
CA ARG I 107 17.44 20.37 -5.48
C ARG I 107 18.22 19.73 -4.35
N VAL I 108 19.51 19.50 -4.56
CA VAL I 108 20.29 18.88 -3.50
C VAL I 108 21.32 19.81 -2.87
N LEU I 109 22.27 20.25 -3.68
CA LEU I 109 23.35 21.11 -3.23
C LEU I 109 22.91 22.54 -2.93
N ASN I 110 21.69 22.89 -3.36
CA ASN I 110 21.13 24.22 -3.16
C ASN I 110 21.06 24.60 -1.68
N GLY I 111 22.16 25.14 -1.15
CA GLY I 111 22.21 25.56 0.25
C GLY I 111 22.47 24.45 1.25
N LEU I 112 23.13 23.39 0.81
CA LEU I 112 23.40 22.25 1.66
C LEU I 112 24.63 22.39 2.57
N LYS I 113 25.73 22.89 2.02
CA LYS I 113 26.96 23.05 2.81
C LYS I 113 26.74 23.98 4.00
N GLU I 114 25.92 25.02 3.80
CA GLU I 114 25.60 25.98 4.84
C GLU I 114 24.86 25.29 5.96
N THR I 115 23.72 24.69 5.62
CA THR I 115 22.89 23.96 6.56
C THR I 115 23.72 23.00 7.44
N TYR I 116 24.55 22.18 6.80
CA TYR I 116 25.39 21.21 7.52
C TYR I 116 26.33 21.89 8.48
N ASN I 117 26.99 22.97 8.03
CA ASN I 117 27.93 23.70 8.87
C ASN I 117 27.22 24.37 10.05
N SER I 118 26.00 24.83 9.82
CA SER I 118 25.17 25.44 10.85
C SER I 118 24.80 24.42 11.92
N LEU I 119 24.38 23.22 11.50
CA LEU I 119 23.97 22.17 12.43
C LEU I 119 25.12 21.37 13.02
N GLY I 120 26.28 21.47 12.40
CA GLY I 120 27.43 20.73 12.90
C GLY I 120 27.54 19.32 12.34
N VAL I 121 26.89 19.05 11.22
CA VAL I 121 26.93 17.72 10.58
C VAL I 121 28.29 17.52 9.92
N PRO I 122 29.00 16.43 10.23
CA PRO I 122 30.32 16.20 9.61
C PRO I 122 30.22 15.90 8.11
N ILE I 123 30.60 16.88 7.31
CA ILE I 123 30.56 16.77 5.86
C ILE I 123 31.49 15.69 5.30
N SER I 124 32.67 15.60 5.87
CA SER I 124 33.65 14.62 5.43
C SER I 124 33.13 13.17 5.62
N ALA I 125 32.48 12.91 6.76
CA ALA I 125 31.94 11.58 7.03
C ALA I 125 30.72 11.30 6.14
N THR I 126 29.96 12.35 5.84
CA THR I 126 28.80 12.23 4.97
C THR I 126 29.30 11.83 3.57
N VAL I 127 30.43 12.40 3.16
CA VAL I 127 31.01 12.07 1.86
C VAL I 127 31.46 10.60 1.86
N GLN I 128 32.06 10.15 2.96
CA GLN I 128 32.48 8.75 3.07
C GLN I 128 31.27 7.84 2.96
N ALA I 129 30.17 8.23 3.62
CA ALA I 129 28.95 7.46 3.58
C ALA I 129 28.41 7.42 2.13
N ILE I 130 28.43 8.55 1.44
CA ILE I 130 28.00 8.61 0.04
C ILE I 130 28.92 7.74 -0.85
N GLN I 131 30.23 7.78 -0.58
CA GLN I 131 31.19 6.98 -1.32
C GLN I 131 30.92 5.50 -1.13
N ALA I 132 30.51 5.12 0.08
CA ALA I 132 30.20 3.72 0.36
C ALA I 132 28.95 3.29 -0.41
N MET I 133 27.97 4.18 -0.55
CA MET I 133 26.75 3.88 -1.32
C MET I 133 27.14 3.68 -2.79
N LYS I 134 28.12 4.45 -3.24
CA LYS I 134 28.61 4.35 -4.60
C LYS I 134 29.20 2.96 -4.84
N GLU I 135 30.03 2.51 -3.91
CA GLU I 135 30.66 1.19 -4.00
C GLU I 135 29.60 0.07 -3.97
N VAL I 136 28.67 0.16 -3.02
CA VAL I 136 27.60 -0.82 -2.90
C VAL I 136 26.69 -0.84 -4.13
N THR I 137 26.31 0.33 -4.61
CA THR I 137 25.47 0.43 -5.79
C THR I 137 26.20 -0.19 -6.98
N ALA I 138 27.48 0.14 -7.12
CA ALA I 138 28.24 -0.38 -8.23
C ALA I 138 28.18 -1.89 -8.26
N SER I 139 28.36 -2.53 -7.11
CA SER I 139 28.32 -3.99 -7.08
C SER I 139 26.92 -4.57 -7.38
N LEU I 140 25.87 -3.77 -7.22
CA LEU I 140 24.53 -4.23 -7.47
C LEU I 140 24.07 -4.11 -8.92
N VAL I 141 24.41 -2.98 -9.53
CA VAL I 141 24.01 -2.71 -10.92
C VAL I 141 25.08 -3.01 -11.98
N GLY I 142 26.24 -3.48 -11.53
CA GLY I 142 27.30 -3.82 -12.46
C GLY I 142 28.20 -2.64 -12.84
N PRO I 143 29.39 -2.92 -13.39
CA PRO I 143 30.42 -1.96 -13.82
C PRO I 143 29.95 -0.68 -14.52
N ASP I 144 29.37 -0.81 -15.70
CA ASP I 144 28.92 0.34 -16.48
C ASP I 144 27.92 1.23 -15.76
N ALA I 145 26.85 0.63 -15.24
CA ALA I 145 25.82 1.36 -14.53
C ALA I 145 26.41 1.94 -13.23
N GLY I 146 27.29 1.16 -12.60
CA GLY I 146 27.95 1.57 -11.38
C GLY I 146 28.82 2.79 -11.61
N LYS I 147 29.37 2.89 -12.82
CA LYS I 147 30.21 4.01 -13.19
C LYS I 147 29.36 5.26 -13.48
N GLU I 148 28.24 5.09 -14.17
CA GLU I 148 27.38 6.24 -14.46
C GLU I 148 26.76 6.78 -13.17
N MET I 149 26.40 5.90 -12.24
CA MET I 149 25.83 6.33 -10.96
C MET I 149 26.95 7.05 -10.22
N GLY I 150 28.15 6.48 -10.30
CA GLY I 150 29.32 7.05 -9.66
C GLY I 150 29.54 8.51 -10.01
N VAL I 151 29.27 8.87 -11.25
CA VAL I 151 29.41 10.25 -11.72
C VAL I 151 28.54 11.20 -10.86
N TYR I 152 27.35 10.75 -10.50
CA TYR I 152 26.44 11.58 -9.73
C TYR I 152 26.67 11.56 -8.23
N PHE I 153 27.13 10.42 -7.73
CA PHE I 153 27.44 10.31 -6.30
C PHE I 153 28.60 11.26 -6.06
N ASP I 154 29.61 11.18 -6.93
CA ASP I 154 30.80 12.01 -6.84
C ASP I 154 30.47 13.49 -7.00
N TYR I 155 29.52 13.78 -7.88
CA TYR I 155 29.09 15.15 -8.11
C TYR I 155 28.50 15.73 -6.83
N ILE I 156 27.77 14.91 -6.09
CA ILE I 156 27.19 15.36 -4.83
C ILE I 156 28.33 15.61 -3.86
N CYS I 157 29.27 14.67 -3.79
CA CYS I 157 30.44 14.77 -2.90
C CYS I 157 31.31 16.01 -3.17
N SER I 158 31.41 16.41 -4.43
CA SER I 158 32.19 17.58 -4.79
C SER I 158 31.46 18.83 -4.34
N GLY I 159 30.13 18.82 -4.43
CA GLY I 159 29.33 19.96 -4.02
C GLY I 159 29.34 20.21 -2.52
N LEU I 160 29.66 19.19 -1.76
CA LEU I 160 29.73 19.28 -0.30
C LEU I 160 31.10 19.76 0.11
N SER I 161 32.09 19.46 -0.73
CA SER I 161 33.47 19.84 -0.47
C SER I 161 33.81 21.29 -0.82
N SER J 1 12.58 19.40 32.42
CA SER J 1 11.86 19.20 33.70
C SER J 1 10.74 20.22 33.83
N ILE J 2 10.08 20.22 34.99
CA ILE J 2 8.97 21.13 35.25
C ILE J 2 9.38 22.60 35.16
N VAL J 3 10.65 22.88 35.42
CA VAL J 3 11.13 24.26 35.35
C VAL J 3 11.01 24.74 33.91
N THR J 4 11.65 24.02 32.99
CA THR J 4 11.62 24.34 31.57
C THR J 4 10.20 24.44 31.06
N LYS J 5 9.37 23.44 31.37
CA LYS J 5 7.98 23.42 30.92
C LYS J 5 7.20 24.65 31.39
N SER J 6 7.36 25.04 32.65
CA SER J 6 6.67 26.21 33.18
C SER J 6 7.17 27.48 32.47
N ILE J 7 8.48 27.61 32.31
CA ILE J 7 9.05 28.77 31.65
C ILE J 7 8.60 28.88 30.18
N VAL J 8 8.53 27.75 29.46
CA VAL J 8 8.09 27.83 28.07
C VAL J 8 6.61 28.22 27.99
N ASN J 9 5.80 27.80 28.97
CA ASN J 9 4.38 28.16 28.99
C ASN J 9 4.25 29.65 29.27
N ALA J 10 4.97 30.10 30.30
CA ALA J 10 4.97 31.50 30.68
C ALA J 10 5.40 32.36 29.47
N ASP J 11 6.48 31.96 28.81
CA ASP J 11 6.98 32.69 27.65
C ASP J 11 6.00 32.71 26.47
N ALA J 12 5.24 31.63 26.31
CA ALA J 12 4.25 31.51 25.24
C ALA J 12 3.18 32.56 25.40
N GLU J 13 2.93 32.97 26.64
CA GLU J 13 1.94 34.00 26.95
C GLU J 13 2.61 35.33 27.28
N ALA J 14 3.92 35.43 27.05
CA ALA J 14 4.69 36.64 27.30
C ALA J 14 4.45 37.21 28.69
N ARG J 15 4.49 36.36 29.71
CA ARG J 15 4.24 36.76 31.09
C ARG J 15 5.15 36.05 32.07
N TYR J 16 5.22 36.58 33.29
CA TYR J 16 6.01 35.96 34.34
C TYR J 16 5.24 34.72 34.82
N LEU J 17 5.85 33.90 35.65
CA LEU J 17 5.18 32.68 36.12
C LEU J 17 4.01 32.94 37.06
N SER J 18 3.03 32.05 37.00
CA SER J 18 1.85 32.16 37.85
C SER J 18 2.20 31.60 39.24
N PRO J 19 1.36 31.85 40.24
CA PRO J 19 1.64 31.34 41.59
C PRO J 19 1.76 29.82 41.58
N GLY J 20 0.91 29.18 40.79
CA GLY J 20 0.90 27.72 40.70
C GLY J 20 2.15 27.17 40.06
N GLU J 21 2.63 27.83 39.01
CA GLU J 21 3.84 27.38 38.35
C GLU J 21 5.01 27.48 39.33
N LEU J 22 5.13 28.61 40.02
CA LEU J 22 6.19 28.82 41.01
C LEU J 22 6.12 27.75 42.10
N ASP J 23 4.90 27.43 42.54
CA ASP J 23 4.70 26.40 43.55
C ASP J 23 5.15 25.04 43.05
N ARG J 24 4.74 24.69 41.83
CA ARG J 24 5.15 23.41 41.25
C ARG J 24 6.67 23.28 41.20
N ILE J 25 7.36 24.39 40.97
CA ILE J 25 8.80 24.39 40.96
C ILE J 25 9.33 24.20 42.38
N LYS J 26 8.73 24.87 43.36
CA LYS J 26 9.15 24.73 44.75
C LYS J 26 9.07 23.27 45.18
N SER J 27 7.96 22.63 44.86
CA SER J 27 7.80 21.23 45.23
C SER J 27 8.72 20.32 44.42
N PHE J 28 9.00 20.70 43.17
CA PHE J 28 9.89 19.91 42.33
C PHE J 28 11.32 19.84 42.90
N VAL J 29 11.84 20.97 43.36
CA VAL J 29 13.18 21.01 43.93
C VAL J 29 13.28 20.32 45.31
N SER J 30 12.22 20.38 46.11
CA SER J 30 12.27 19.72 47.42
C SER J 30 12.20 18.20 47.28
N SER J 31 11.49 17.71 46.26
CA SER J 31 11.41 16.26 46.03
C SER J 31 12.63 15.72 45.27
N GLY J 32 13.61 16.59 45.01
CA GLY J 32 14.79 16.17 44.27
C GLY J 32 15.55 14.98 44.84
N GLU J 33 15.70 14.94 46.16
CA GLU J 33 16.43 13.85 46.81
C GLU J 33 15.83 12.47 46.51
N LYS J 34 14.51 12.32 46.66
CA LYS J 34 13.86 11.04 46.37
C LYS J 34 14.12 10.57 44.93
N ARG J 35 14.04 11.49 43.97
CA ARG J 35 14.26 11.15 42.57
C ARG J 35 15.70 10.69 42.32
N LEU J 36 16.67 11.40 42.90
CA LEU J 36 18.08 11.02 42.74
C LEU J 36 18.33 9.63 43.32
N ARG J 37 17.67 9.34 44.44
CA ARG J 37 17.80 8.04 45.11
C ARG J 37 17.28 6.87 44.28
N ILE J 38 16.07 7.01 43.75
CA ILE J 38 15.47 5.95 42.90
C ILE J 38 16.37 5.69 41.69
N ALA J 39 16.81 6.77 41.04
CA ALA J 39 17.70 6.66 39.90
C ALA J 39 18.98 5.93 40.30
N GLN J 40 19.57 6.32 41.43
CA GLN J 40 20.79 5.67 41.89
C GLN J 40 20.68 4.16 42.07
N ILE J 41 19.55 3.69 42.58
CA ILE J 41 19.34 2.26 42.75
C ILE J 41 19.49 1.54 41.41
N LEU J 42 18.93 2.13 40.36
CA LEU J 42 19.00 1.53 39.02
C LEU J 42 20.43 1.57 38.47
N THR J 43 21.12 2.70 38.68
CA THR J 43 22.49 2.89 38.23
C THR J 43 23.42 1.82 38.82
N ASP J 44 23.26 1.57 40.12
CA ASP J 44 24.08 0.61 40.81
C ASP J 44 23.78 -0.83 40.45
N ASN J 45 22.56 -1.11 40.03
CA ASN J 45 22.21 -2.46 39.64
C ASN J 45 22.02 -2.63 38.14
N ARG J 46 22.59 -1.72 37.37
CA ARG J 46 22.44 -1.77 35.92
C ARG J 46 22.94 -3.07 35.29
N GLU J 47 24.08 -3.58 35.73
CA GLU J 47 24.65 -4.81 35.20
C GLU J 47 23.66 -5.98 35.26
N ARG J 48 23.17 -6.29 36.45
CA ARG J 48 22.23 -7.38 36.63
C ARG J 48 20.91 -7.14 35.90
N ILE J 49 20.38 -5.92 36.00
CA ILE J 49 19.14 -5.55 35.35
C ILE J 49 19.22 -5.81 33.84
N VAL J 50 20.32 -5.38 33.24
CA VAL J 50 20.50 -5.58 31.81
C VAL J 50 20.73 -7.05 31.46
N LYS J 51 21.67 -7.69 32.14
CA LYS J 51 21.98 -9.09 31.89
C LYS J 51 20.78 -10.02 32.06
N GLN J 52 20.04 -9.88 33.15
CA GLN J 52 18.87 -10.71 33.40
C GLN J 52 17.72 -10.40 32.46
N ALA J 53 17.58 -9.13 32.10
CA ALA J 53 16.52 -8.71 31.18
C ALA J 53 16.80 -9.38 29.84
N GLY J 54 18.07 -9.47 29.47
CA GLY J 54 18.47 -10.12 28.23
C GLY J 54 18.08 -11.59 28.28
N ASP J 55 18.35 -12.24 29.41
CA ASP J 55 18.00 -13.65 29.59
C ASP J 55 16.51 -13.88 29.36
N GLN J 56 15.67 -13.07 30.02
CA GLN J 56 14.22 -13.21 29.88
C GLN J 56 13.78 -13.05 28.43
N LEU J 57 14.25 -11.96 27.82
CA LEU J 57 13.93 -11.63 26.43
C LEU J 57 14.26 -12.79 25.51
N PHE J 58 15.49 -13.28 25.59
CA PHE J 58 15.91 -14.37 24.72
C PHE J 58 15.16 -15.67 24.98
N GLN J 59 14.67 -15.84 26.21
CA GLN J 59 13.89 -17.02 26.58
C GLN J 59 12.55 -16.95 25.85
N LYS J 60 11.95 -15.76 25.82
CA LYS J 60 10.66 -15.58 25.14
C LYS J 60 10.73 -15.12 23.68
N ARG J 61 11.93 -14.77 23.21
CA ARG J 61 12.16 -14.35 21.83
C ARG J 61 13.46 -14.95 21.30
N PRO J 62 13.57 -16.29 21.35
CA PRO J 62 14.77 -17.00 20.90
C PRO J 62 15.07 -16.76 19.43
N ASP J 63 14.06 -16.29 18.70
CA ASP J 63 14.20 -16.01 17.27
C ASP J 63 15.26 -14.92 17.00
N VAL J 64 15.33 -13.90 17.85
CA VAL J 64 16.31 -12.83 17.63
C VAL J 64 17.77 -13.30 17.83
N VAL J 65 17.95 -14.39 18.58
CA VAL J 65 19.27 -14.96 18.84
C VAL J 65 19.54 -16.27 18.09
N SER J 66 18.65 -16.63 17.16
CA SER J 66 18.80 -17.85 16.34
C SER J 66 19.38 -17.44 14.98
N PRO J 67 19.92 -18.41 14.21
CA PRO J 67 20.48 -18.05 12.90
C PRO J 67 19.50 -17.23 12.06
N GLY J 68 19.96 -16.08 11.56
CA GLY J 68 19.11 -15.20 10.75
C GLY J 68 18.54 -14.06 11.58
N GLY J 69 18.53 -14.24 12.90
CA GLY J 69 18.02 -13.21 13.80
C GLY J 69 18.99 -12.05 13.89
N ASN J 70 18.46 -10.87 14.25
CA ASN J 70 19.26 -9.64 14.36
C ASN J 70 20.39 -9.73 15.39
N ALA J 71 20.12 -10.38 16.52
CA ALA J 71 21.08 -10.52 17.60
C ALA J 71 21.82 -11.85 17.60
N TYR J 72 21.80 -12.56 16.47
CA TYR J 72 22.47 -13.86 16.42
C TYR J 72 23.99 -13.73 16.61
N GLY J 73 24.53 -14.52 17.52
CA GLY J 73 25.96 -14.49 17.77
C GLY J 73 26.34 -13.75 19.03
N GLN J 74 27.59 -13.92 19.44
CA GLN J 74 28.11 -13.29 20.64
C GLN J 74 28.15 -11.77 20.55
N GLU J 75 28.83 -11.29 19.53
CA GLU J 75 29.00 -9.86 19.33
C GLU J 75 27.65 -9.15 19.20
N MET J 76 26.79 -9.70 18.36
CA MET J 76 25.47 -9.15 18.12
C MET J 76 24.62 -9.09 19.39
N THR J 77 24.62 -10.17 20.16
CA THR J 77 23.87 -10.22 21.41
C THR J 77 24.40 -9.17 22.41
N ALA J 78 25.73 -9.02 22.47
CA ALA J 78 26.34 -8.03 23.36
C ALA J 78 25.83 -6.64 23.00
N THR J 79 25.79 -6.34 21.70
CA THR J 79 25.29 -5.05 21.23
C THR J 79 23.82 -4.88 21.61
N CYS J 80 23.08 -5.98 21.62
CA CYS J 80 21.68 -5.94 22.00
C CYS J 80 21.57 -5.48 23.45
N LEU J 81 22.42 -6.03 24.32
CA LEU J 81 22.43 -5.62 25.73
C LEU J 81 22.96 -4.20 25.87
N ARG J 82 23.83 -3.81 24.94
CA ARG J 82 24.39 -2.47 24.92
C ARG J 82 23.24 -1.46 24.77
N ASP J 83 22.31 -1.77 23.87
CA ASP J 83 21.15 -0.92 23.65
C ASP J 83 20.23 -0.90 24.87
N LEU J 84 20.11 -2.03 25.55
CA LEU J 84 19.27 -2.11 26.75
C LEU J 84 19.87 -1.22 27.84
N ASP J 85 21.19 -1.23 27.92
CA ASP J 85 21.89 -0.40 28.91
C ASP J 85 21.64 1.06 28.54
N TYR J 86 21.64 1.36 27.24
CA TYR J 86 21.38 2.72 26.75
C TYR J 86 20.04 3.20 27.29
N TYR J 87 19.02 2.37 27.13
CA TYR J 87 17.67 2.68 27.60
C TYR J 87 17.51 2.81 29.11
N LEU J 88 18.20 1.98 29.89
CA LEU J 88 18.16 2.07 31.36
C LEU J 88 18.74 3.42 31.74
N ARG J 89 19.86 3.77 31.12
CA ARG J 89 20.53 5.03 31.37
C ARG J 89 19.59 6.21 31.12
N LEU J 90 18.88 6.18 30.00
CA LEU J 90 17.93 7.23 29.65
C LEU J 90 16.83 7.30 30.70
N ILE J 91 16.40 6.13 31.17
CA ILE J 91 15.35 6.06 32.18
C ILE J 91 15.81 6.75 33.46
N THR J 92 17.07 6.59 33.85
CA THR J 92 17.54 7.27 35.05
C THR J 92 17.50 8.78 34.83
N TYR J 93 17.86 9.23 33.63
CA TYR J 93 17.82 10.65 33.30
C TYR J 93 16.38 11.17 33.46
N GLY J 94 15.43 10.39 32.92
CA GLY J 94 14.03 10.75 33.00
C GLY J 94 13.58 10.85 34.44
N ILE J 95 13.97 9.86 35.24
CA ILE J 95 13.62 9.84 36.65
C ILE J 95 14.08 11.08 37.42
N VAL J 96 15.34 11.51 37.24
CA VAL J 96 15.78 12.69 37.98
C VAL J 96 15.12 13.98 37.45
N ALA J 97 14.85 14.01 36.14
CA ALA J 97 14.23 15.18 35.53
C ALA J 97 12.75 15.31 35.94
N GLY J 98 12.11 14.18 36.21
CA GLY J 98 10.71 14.19 36.61
C GLY J 98 9.74 14.03 35.43
N ASP J 99 10.29 13.89 34.23
CA ASP J 99 9.49 13.72 33.02
C ASP J 99 10.25 12.91 31.99
N VAL J 100 9.59 12.56 30.89
CA VAL J 100 10.19 11.76 29.82
C VAL J 100 10.92 12.50 28.70
N THR J 101 10.99 13.82 28.79
CA THR J 101 11.67 14.59 27.76
C THR J 101 13.10 14.12 27.44
N PRO J 102 13.91 13.79 28.47
CA PRO J 102 15.28 13.33 28.17
C PRO J 102 15.27 12.03 27.34
N ILE J 103 14.42 11.09 27.76
CA ILE J 103 14.29 9.81 27.08
C ILE J 103 13.84 10.04 25.66
N GLU J 104 12.84 10.90 25.53
CA GLU J 104 12.26 11.21 24.23
C GLU J 104 13.22 11.81 23.22
N GLU J 105 13.95 12.86 23.60
CA GLU J 105 14.85 13.46 22.64
C GLU J 105 16.16 12.73 22.39
N ILE J 106 16.51 11.80 23.28
CA ILE J 106 17.73 11.03 23.09
C ILE J 106 17.49 9.67 22.43
N GLY J 107 16.46 8.94 22.86
CA GLY J 107 16.24 7.62 22.30
C GLY J 107 14.88 7.27 21.74
N ILE J 108 13.99 8.23 21.57
CA ILE J 108 12.68 7.88 21.04
C ILE J 108 12.39 8.48 19.66
N VAL J 109 12.74 9.74 19.44
CA VAL J 109 12.48 10.35 18.14
C VAL J 109 13.36 9.70 17.07
N GLY J 110 12.71 9.13 16.05
CA GLY J 110 13.40 8.47 14.96
C GLY J 110 13.84 7.05 15.27
N VAL J 111 13.45 6.53 16.42
CA VAL J 111 13.85 5.18 16.82
C VAL J 111 13.35 4.10 15.86
N ARG J 112 12.16 4.29 15.30
CA ARG J 112 11.62 3.30 14.39
C ARG J 112 12.38 3.28 13.08
N GLU J 113 12.85 4.45 12.65
CA GLU J 113 13.59 4.54 11.41
C GLU J 113 14.95 3.90 11.59
N MET J 114 15.54 4.12 12.75
CA MET J 114 16.84 3.55 13.06
C MET J 114 16.79 2.02 13.07
N TYR J 115 15.91 1.48 13.90
CA TYR J 115 15.79 0.04 14.03
C TYR J 115 15.30 -0.64 12.77
N LYS J 116 14.46 0.04 12.00
CA LYS J 116 13.99 -0.53 10.75
C LYS J 116 15.19 -0.70 9.81
N SER J 117 16.06 0.32 9.76
CA SER J 117 17.26 0.27 8.93
C SER J 117 18.20 -0.84 9.37
N LEU J 118 18.37 -0.98 10.68
CA LEU J 118 19.24 -1.99 11.26
C LEU J 118 18.71 -3.40 11.11
N GLY J 119 17.39 -3.53 10.97
CA GLY J 119 16.77 -4.84 10.83
C GLY J 119 16.44 -5.44 12.18
N THR J 120 16.39 -4.59 13.20
CA THR J 120 16.10 -5.00 14.57
C THR J 120 14.60 -4.95 14.83
N PRO J 121 14.00 -6.06 15.28
CA PRO J 121 12.56 -6.00 15.55
C PRO J 121 12.32 -5.12 16.80
N ILE J 122 11.81 -3.91 16.58
CA ILE J 122 11.56 -2.96 17.67
C ILE J 122 10.65 -3.46 18.80
N ASP J 123 9.68 -4.32 18.48
CA ASP J 123 8.80 -4.88 19.49
C ASP J 123 9.61 -5.73 20.48
N ALA J 124 10.67 -6.36 19.97
CA ALA J 124 11.56 -7.17 20.80
C ALA J 124 12.38 -6.24 21.71
N VAL J 125 12.76 -5.07 21.20
CA VAL J 125 13.49 -4.10 22.03
C VAL J 125 12.52 -3.66 23.14
N ALA J 126 11.24 -3.47 22.78
CA ALA J 126 10.21 -3.09 23.76
C ALA J 126 10.13 -4.16 24.85
N ALA J 127 10.14 -5.43 24.44
CA ALA J 127 10.09 -6.55 25.37
C ALA J 127 11.32 -6.55 26.30
N GLY J 128 12.50 -6.25 25.75
CA GLY J 128 13.71 -6.19 26.55
C GLY J 128 13.59 -5.11 27.60
N VAL J 129 12.99 -3.99 27.23
CA VAL J 129 12.78 -2.89 28.15
C VAL J 129 11.78 -3.27 29.27
N SER J 130 10.72 -3.98 28.91
CA SER J 130 9.73 -4.46 29.89
C SER J 130 10.41 -5.50 30.81
N ALA J 131 11.30 -6.31 30.24
CA ALA J 131 12.04 -7.31 31.02
C ALA J 131 12.88 -6.58 32.08
N MET J 132 13.51 -5.47 31.69
CA MET J 132 14.29 -4.69 32.63
C MET J 132 13.39 -4.13 33.73
N LYS J 133 12.16 -3.76 33.38
CA LYS J 133 11.23 -3.24 34.40
C LYS J 133 10.98 -4.35 35.41
N ASN J 134 10.77 -5.55 34.90
CA ASN J 134 10.54 -6.74 35.72
C ASN J 134 11.67 -6.97 36.72
N VAL J 135 12.90 -7.06 36.20
CA VAL J 135 14.07 -7.27 37.06
C VAL J 135 14.24 -6.16 38.10
N ALA J 136 14.04 -4.91 37.71
CA ALA J 136 14.17 -3.78 38.65
C ALA J 136 13.09 -3.88 39.73
N SER J 137 12.00 -4.55 39.39
CA SER J 137 10.88 -4.74 40.32
C SER J 137 11.15 -5.82 41.37
N SER J 138 12.41 -6.01 41.69
CA SER J 138 12.82 -6.98 42.69
C SER J 138 13.99 -6.35 43.43
N ILE J 139 14.19 -5.07 43.18
CA ILE J 139 15.27 -4.29 43.78
C ILE J 139 14.63 -3.07 44.43
N LEU J 140 13.60 -2.55 43.77
CA LEU J 140 12.90 -1.37 44.26
C LEU J 140 11.71 -1.71 45.14
N SER J 141 11.42 -0.79 46.06
CA SER J 141 10.28 -0.94 46.95
C SER J 141 9.06 -0.69 46.07
N ALA J 142 7.86 -0.95 46.57
CA ALA J 142 6.66 -0.71 45.78
C ALA J 142 6.50 0.78 45.46
N GLU J 143 6.75 1.64 46.46
CA GLU J 143 6.64 3.08 46.28
C GLU J 143 7.53 3.49 45.12
N ASP J 144 8.78 3.07 45.19
CA ASP J 144 9.77 3.39 44.16
C ASP J 144 9.52 2.72 42.81
N ALA J 145 9.12 1.45 42.83
CA ALA J 145 8.82 0.72 41.61
C ALA J 145 7.68 1.37 40.83
N ALA J 146 6.77 2.02 41.54
CA ALA J 146 5.66 2.71 40.89
C ALA J 146 6.19 3.93 40.16
N GLU J 147 7.03 4.69 40.84
CA GLU J 147 7.62 5.91 40.26
C GLU J 147 8.46 5.62 39.01
N ALA J 148 9.37 4.66 39.12
CA ALA J 148 10.24 4.29 38.01
C ALA J 148 9.50 3.50 36.93
N GLY J 149 8.54 2.68 37.34
CA GLY J 149 7.77 1.89 36.39
C GLY J 149 7.13 2.73 35.32
N ALA J 150 6.71 3.93 35.69
CA ALA J 150 6.08 4.88 34.76
C ALA J 150 7.00 5.17 33.57
N TYR J 151 8.30 5.25 33.82
CA TYR J 151 9.27 5.52 32.77
C TYR J 151 9.55 4.29 31.88
N PHE J 152 9.64 3.11 32.49
CA PHE J 152 9.87 1.87 31.73
C PHE J 152 8.68 1.66 30.81
N ASP J 153 7.50 1.99 31.31
CA ASP J 153 6.25 1.86 30.56
C ASP J 153 6.22 2.82 29.39
N TYR J 154 6.64 4.07 29.60
CA TYR J 154 6.67 5.03 28.51
C TYR J 154 7.59 4.47 27.43
N VAL J 155 8.80 4.10 27.82
CA VAL J 155 9.78 3.55 26.88
C VAL J 155 9.26 2.34 26.12
N ALA J 156 8.74 1.34 26.83
CA ALA J 156 8.23 0.14 26.18
C ALA J 156 7.12 0.44 25.18
N GLY J 157 6.19 1.32 25.56
CA GLY J 157 5.08 1.67 24.69
C GLY J 157 5.52 2.48 23.48
N ALA J 158 6.49 3.36 23.68
CA ALA J 158 7.02 4.19 22.61
C ALA J 158 7.81 3.34 21.61
N LEU J 159 8.36 2.23 22.07
CA LEU J 159 9.14 1.31 21.23
C LEU J 159 8.25 0.26 20.57
N ALA J 160 7.30 -0.26 21.33
CA ALA J 160 6.35 -1.30 20.88
C ALA J 160 5.95 -1.22 19.40
N MET K 1 15.58 25.31 24.63
CA MET K 1 16.23 25.78 25.89
C MET K 1 16.33 24.61 26.85
N GLN K 2 17.13 24.78 27.89
CA GLN K 2 17.29 23.78 28.91
C GLN K 2 17.58 24.46 30.24
N ASP K 3 17.28 23.75 31.31
CA ASP K 3 17.52 24.24 32.65
C ASP K 3 18.74 23.50 33.18
N ALA K 4 19.16 23.87 34.39
CA ALA K 4 20.32 23.25 35.00
C ALA K 4 20.26 21.73 35.05
N ILE K 5 19.09 21.18 35.33
CA ILE K 5 18.91 19.72 35.41
C ILE K 5 19.22 19.09 34.05
N THR K 6 18.51 19.54 33.02
CA THR K 6 18.67 19.04 31.66
C THR K 6 20.11 19.22 31.19
N ALA K 7 20.69 20.38 31.48
CA ALA K 7 22.06 20.65 31.08
C ALA K 7 23.01 19.57 31.62
N VAL K 8 22.85 19.16 32.87
CA VAL K 8 23.69 18.12 33.47
C VAL K 8 23.43 16.76 32.81
N ILE K 9 22.15 16.45 32.59
CA ILE K 9 21.76 15.22 31.93
C ILE K 9 22.41 15.17 30.54
N ASN K 10 22.40 16.29 29.84
CA ASN K 10 23.00 16.36 28.50
C ASN K 10 24.50 16.16 28.49
N SER K 11 25.18 16.71 29.48
CA SER K 11 26.63 16.56 29.54
C SER K 11 26.97 15.11 29.87
N SER K 12 26.16 14.46 30.71
CA SER K 12 26.39 13.06 31.03
C SER K 12 26.13 12.23 29.79
N ASP K 13 25.04 12.55 29.08
CA ASP K 13 24.67 11.85 27.86
C ASP K 13 25.75 11.88 26.77
N VAL K 14 26.39 13.04 26.54
CA VAL K 14 27.44 13.13 25.52
C VAL K 14 28.65 12.25 25.85
N GLN K 15 28.82 11.92 27.13
CA GLN K 15 29.89 11.05 27.60
C GLN K 15 29.38 9.60 27.61
N GLY K 16 28.06 9.46 27.46
CA GLY K 16 27.42 8.16 27.46
C GLY K 16 27.47 7.54 28.83
N LYS K 17 27.50 8.37 29.86
CA LYS K 17 27.60 7.88 31.23
C LYS K 17 26.38 8.13 32.09
N TYR K 18 26.15 7.26 33.06
CA TYR K 18 25.06 7.42 34.03
C TYR K 18 25.54 8.62 34.87
N LEU K 19 24.61 9.31 35.52
CA LEU K 19 24.98 10.47 36.33
C LEU K 19 25.99 10.07 37.41
N ASP K 20 27.19 10.65 37.31
CA ASP K 20 28.25 10.37 38.26
C ASP K 20 28.23 11.34 39.44
N THR K 21 29.21 11.22 40.32
CA THR K 21 29.29 12.07 41.49
C THR K 21 29.29 13.56 41.17
N ALA K 22 30.17 13.97 40.25
CA ALA K 22 30.27 15.37 39.84
C ALA K 22 28.92 15.95 39.39
N ALA K 23 28.22 15.20 38.52
CA ALA K 23 26.91 15.59 38.01
C ALA K 23 25.87 15.68 39.12
N LEU K 24 25.75 14.63 39.93
CA LEU K 24 24.79 14.58 41.03
C LEU K 24 25.00 15.74 42.00
N GLU K 25 26.25 16.13 42.18
CA GLU K 25 26.58 17.25 43.04
C GLU K 25 26.01 18.54 42.42
N LYS K 26 26.13 18.65 41.10
CA LYS K 26 25.61 19.80 40.37
C LYS K 26 24.08 19.87 40.48
N LEU K 27 23.43 18.71 40.39
CA LEU K 27 21.97 18.64 40.52
C LEU K 27 21.55 19.06 41.92
N LYS K 28 22.20 18.51 42.94
CA LYS K 28 21.93 18.83 44.34
C LYS K 28 22.02 20.33 44.60
N SER K 29 23.05 20.94 44.04
CA SER K 29 23.29 22.37 44.15
C SER K 29 22.11 23.20 43.59
N TYR K 30 21.52 22.75 42.49
CA TYR K 30 20.41 23.47 41.90
C TYR K 30 19.19 23.37 42.80
N PHE K 31 18.87 22.15 43.19
CA PHE K 31 17.73 21.87 44.06
C PHE K 31 17.77 22.72 45.34
N SER K 32 18.95 22.88 45.90
CA SER K 32 19.13 23.66 47.11
C SER K 32 18.94 25.16 46.87
N THR K 33 19.14 25.63 45.64
CA THR K 33 18.97 27.05 45.34
C THR K 33 17.60 27.34 44.74
N GLY K 34 16.86 26.28 44.43
CA GLY K 34 15.55 26.42 43.83
C GLY K 34 14.64 27.42 44.52
N GLU K 35 14.49 27.26 45.82
CA GLU K 35 13.64 28.13 46.63
C GLU K 35 14.03 29.60 46.49
N LEU K 36 15.33 29.88 46.54
CA LEU K 36 15.79 31.24 46.42
C LEU K 36 15.61 31.81 45.02
N ARG K 37 15.67 30.93 44.02
CA ARG K 37 15.48 31.34 42.63
C ARG K 37 14.02 31.71 42.41
N VAL K 38 13.11 30.89 42.96
CA VAL K 38 11.67 31.14 42.84
C VAL K 38 11.29 32.45 43.55
N ARG K 39 11.89 32.69 44.72
CA ARG K 39 11.61 33.91 45.49
C ARG K 39 12.02 35.16 44.74
N ALA K 40 13.20 35.13 44.14
CA ALA K 40 13.70 36.26 43.37
C ALA K 40 12.78 36.50 42.17
N ALA K 41 12.38 35.42 41.50
CA ALA K 41 11.49 35.48 40.34
C ALA K 41 10.14 36.09 40.72
N THR K 42 9.64 35.72 41.90
CA THR K 42 8.38 36.22 42.44
C THR K 42 8.49 37.74 42.71
N THR K 43 9.65 38.15 43.24
CA THR K 43 9.89 39.56 43.56
C THR K 43 10.02 40.40 42.30
N ILE K 44 10.85 39.94 41.36
CA ILE K 44 11.05 40.66 40.10
C ILE K 44 9.73 40.82 39.33
N ALA K 45 8.93 39.77 39.27
CA ALA K 45 7.65 39.84 38.58
C ALA K 45 6.76 40.94 39.15
N ALA K 46 6.65 40.98 40.48
CA ALA K 46 5.82 41.98 41.15
C ALA K 46 6.35 43.40 41.06
N ASN K 47 7.61 43.55 40.67
CA ASN K 47 8.26 44.85 40.55
C ASN K 47 8.78 45.14 39.14
N ALA K 48 8.39 44.32 38.17
CA ALA K 48 8.86 44.47 36.78
C ALA K 48 8.79 45.89 36.18
N ALA K 49 7.62 46.54 36.24
CA ALA K 49 7.50 47.88 35.69
C ALA K 49 8.36 48.91 36.45
N ALA K 50 8.40 48.78 37.77
CA ALA K 50 9.16 49.68 38.62
C ALA K 50 10.65 49.61 38.33
N ILE K 51 11.15 48.40 38.09
CA ILE K 51 12.57 48.19 37.77
C ILE K 51 12.93 48.89 36.47
N VAL K 52 12.12 48.68 35.44
CA VAL K 52 12.35 49.29 34.15
C VAL K 52 12.30 50.82 34.24
N LYS K 53 11.30 51.33 34.94
CA LYS K 53 11.11 52.77 35.12
C LYS K 53 12.35 53.43 35.73
N GLU K 54 12.85 52.84 36.82
CA GLU K 54 14.03 53.38 37.48
C GLU K 54 15.28 53.28 36.63
N ALA K 55 15.47 52.15 35.95
CA ALA K 55 16.63 51.95 35.08
C ALA K 55 16.63 52.95 33.92
N VAL K 56 15.48 53.15 33.32
CA VAL K 56 15.35 54.10 32.21
C VAL K 56 15.72 55.50 32.69
N ALA K 57 15.17 55.90 33.84
CA ALA K 57 15.44 57.21 34.42
C ALA K 57 16.93 57.36 34.69
N LYS K 58 17.56 56.33 35.24
CA LYS K 58 18.99 56.38 35.54
C LYS K 58 19.91 56.45 34.32
N SER K 59 19.59 55.69 33.29
CA SER K 59 20.47 55.62 32.14
C SER K 59 20.07 56.27 30.81
N LEU K 60 18.78 56.51 30.59
CA LEU K 60 18.36 57.06 29.31
C LEU K 60 17.75 58.44 29.31
N LEU K 61 16.90 58.72 30.29
CA LEU K 61 16.21 60.00 30.35
C LEU K 61 17.09 61.22 30.45
N TYR K 62 16.54 62.33 29.96
CA TYR K 62 17.20 63.64 29.98
C TYR K 62 18.58 63.66 29.38
N SER K 63 18.74 62.96 28.27
CA SER K 63 20.02 62.90 27.58
C SER K 63 19.74 63.11 26.10
N ASP K 64 20.77 62.99 25.27
CA ASP K 64 20.60 63.15 23.82
C ASP K 64 19.74 62.03 23.27
N ILE K 65 19.77 60.88 23.94
CA ILE K 65 19.02 59.71 23.50
C ILE K 65 17.52 59.96 23.40
N THR K 66 16.99 60.78 24.30
CA THR K 66 15.56 61.07 24.31
C THR K 66 15.15 62.38 23.64
N ARG K 67 16.11 63.25 23.34
CA ARG K 67 15.80 64.53 22.70
C ARG K 67 15.78 64.34 21.19
N PRO K 68 15.19 65.29 20.46
CA PRO K 68 15.13 65.17 18.99
C PRO K 68 16.50 64.78 18.45
N GLY K 69 16.52 63.76 17.59
CA GLY K 69 17.79 63.31 17.04
C GLY K 69 18.26 62.01 17.67
N GLY K 70 17.76 61.69 18.87
CA GLY K 70 18.15 60.48 19.56
C GLY K 70 17.31 59.30 19.12
N MET K 72 15.75 57.30 20.99
CA MET K 72 14.60 57.13 21.87
C MET K 72 13.63 58.28 21.67
N TYR K 73 13.94 59.19 20.74
CA TYR K 73 13.04 60.29 20.45
C TYR K 73 11.91 59.69 19.61
N THR K 74 10.72 60.25 19.80
CA THR K 74 9.43 59.87 19.21
C THR K 74 8.82 58.87 20.20
N THR K 75 7.55 59.04 20.53
CA THR K 75 6.88 58.16 21.49
C THR K 75 6.98 56.74 21.01
N ARG K 76 6.96 56.56 19.69
CA ARG K 76 7.04 55.24 19.07
C ARG K 76 8.34 54.51 19.46
N ARG K 77 9.46 55.20 19.40
CA ARG K 77 10.74 54.59 19.75
C ARG K 77 10.95 54.48 21.26
N TYR K 78 10.44 55.46 22.01
CA TYR K 78 10.54 55.41 23.47
C TYR K 78 9.85 54.11 23.91
N ALA K 79 8.63 53.90 23.44
CA ALA K 79 7.86 52.71 23.77
C ALA K 79 8.56 51.42 23.35
N ALA K 80 9.21 51.43 22.18
CA ALA K 80 9.92 50.27 21.65
C ALA K 80 11.10 49.94 22.54
N CYS K 81 11.79 50.98 22.99
CA CYS K 81 12.93 50.81 23.88
C CYS K 81 12.57 50.18 25.22
N ILE K 82 11.60 50.76 25.93
CA ILE K 82 11.22 50.21 27.23
C ILE K 82 10.58 48.85 27.08
N ARG K 83 9.95 48.58 25.93
CA ARG K 83 9.37 47.27 25.69
C ARG K 83 10.51 46.22 25.66
N ASP K 84 11.64 46.56 25.03
CA ASP K 84 12.80 45.68 24.96
C ASP K 84 13.34 45.41 26.36
N LEU K 85 13.45 46.47 27.16
CA LEU K 85 13.91 46.38 28.55
C LEU K 85 13.00 45.39 29.29
N ASP K 86 11.69 45.48 29.02
CA ASP K 86 10.72 44.58 29.63
C ASP K 86 11.15 43.15 29.32
N TYR K 87 11.42 42.91 28.04
CA TYR K 87 11.83 41.58 27.57
C TYR K 87 13.12 41.09 28.20
N TYR K 88 14.13 41.94 28.27
CA TYR K 88 15.41 41.56 28.87
C TYR K 88 15.20 41.13 30.32
N LEU K 89 14.44 41.91 31.06
CA LEU K 89 14.16 41.62 32.45
C LEU K 89 13.42 40.29 32.61
N ARG K 90 12.38 40.05 31.80
CA ARG K 90 11.65 38.80 31.91
C ARG K 90 12.49 37.61 31.51
N TYR K 91 13.27 37.76 30.45
CA TYR K 91 14.13 36.67 29.99
C TYR K 91 15.28 36.40 30.94
N ALA K 92 15.85 37.45 31.53
CA ALA K 92 16.93 37.28 32.51
C ALA K 92 16.38 36.50 33.73
N THR K 93 15.13 36.79 34.09
CA THR K 93 14.46 36.11 35.20
C THR K 93 14.26 34.63 34.84
N TYR K 94 13.79 34.37 33.63
CA TYR K 94 13.60 32.98 33.20
C TYR K 94 14.92 32.21 33.32
N ALA K 95 16.00 32.82 32.84
CA ALA K 95 17.33 32.23 32.84
C ALA K 95 17.79 31.94 34.24
N MET K 96 17.62 32.93 35.11
CA MET K 96 18.02 32.80 36.50
C MET K 96 17.21 31.67 37.15
N LEU K 97 15.90 31.62 36.89
CA LEU K 97 15.07 30.55 37.41
C LEU K 97 15.58 29.19 36.95
N ALA K 98 15.91 29.08 35.67
CA ALA K 98 16.41 27.83 35.09
C ALA K 98 17.86 27.54 35.49
N GLY K 99 18.59 28.57 35.87
CA GLY K 99 19.98 28.39 36.23
C GLY K 99 20.78 27.98 35.01
N ASP K 100 20.39 28.49 33.84
CA ASP K 100 21.05 28.16 32.59
C ASP K 100 20.74 29.27 31.59
N PRO K 101 21.75 29.73 30.84
CA PRO K 101 21.61 30.80 29.85
C PRO K 101 21.14 30.40 28.46
N SER K 102 20.84 29.12 28.22
CA SER K 102 20.41 28.69 26.91
C SER K 102 19.20 29.43 26.35
N ILE K 103 18.25 29.80 27.22
CA ILE K 103 17.08 30.52 26.75
C ILE K 103 17.47 31.92 26.22
N LEU K 104 18.59 32.45 26.69
CA LEU K 104 19.07 33.76 26.24
C LEU K 104 19.64 33.67 24.82
N ASP K 105 20.35 32.58 24.56
CA ASP K 105 20.92 32.37 23.23
C ASP K 105 19.80 32.07 22.25
N GLU K 106 18.91 31.17 22.66
CA GLU K 106 17.82 30.79 21.82
C GLU K 106 16.75 31.85 21.59
N ARG K 107 16.31 32.55 22.65
CA ARG K 107 15.24 33.54 22.52
C ARG K 107 15.53 35.02 22.71
N VAL K 108 16.78 35.42 22.78
CA VAL K 108 17.09 36.82 22.98
C VAL K 108 18.13 37.30 21.98
N LEU K 109 19.33 36.73 22.12
CA LEU K 109 20.48 37.08 21.30
C LEU K 109 20.38 36.53 19.88
N ASN K 110 19.39 35.68 19.66
CA ASN K 110 19.13 35.05 18.36
C ASN K 110 18.65 36.08 17.33
N GLY K 111 19.60 36.70 16.61
CA GLY K 111 19.24 37.70 15.61
C GLY K 111 19.05 39.09 16.20
N LEU K 112 19.45 39.26 17.45
CA LEU K 112 19.30 40.54 18.13
C LEU K 112 20.21 41.65 17.65
N LYS K 113 21.53 41.48 17.77
CA LYS K 113 22.40 42.57 17.35
C LYS K 113 22.28 42.82 15.84
N GLU K 114 21.84 41.80 15.11
CA GLU K 114 21.62 41.92 13.65
C GLU K 114 20.52 42.96 13.49
N THR K 115 19.36 42.69 14.10
CA THR K 115 18.21 43.59 14.08
C THR K 115 18.60 45.00 14.55
N TYR K 116 19.30 45.10 15.68
CA TYR K 116 19.73 46.41 16.20
C TYR K 116 20.61 47.20 15.23
N ASN K 117 21.51 46.51 14.54
CA ASN K 117 22.39 47.17 13.60
C ASN K 117 21.69 47.71 12.37
N SER K 118 20.78 46.93 11.81
CA SER K 118 20.05 47.35 10.64
C SER K 118 19.08 48.51 10.94
N LEU K 119 18.65 48.61 12.20
CA LEU K 119 17.74 49.67 12.63
C LEU K 119 18.44 50.92 13.16
N GLY K 120 19.71 50.78 13.54
CA GLY K 120 20.45 51.91 14.05
C GLY K 120 20.28 52.12 15.54
N VAL K 121 19.81 51.08 16.23
CA VAL K 121 19.60 51.14 17.68
C VAL K 121 20.98 51.08 18.35
N PRO K 122 21.34 52.12 19.14
CA PRO K 122 22.64 52.17 19.81
C PRO K 122 22.81 51.07 20.87
N ILE K 123 23.59 50.05 20.50
CA ILE K 123 23.86 48.91 21.35
C ILE K 123 24.54 49.34 22.64
N SER K 124 25.40 50.34 22.53
CA SER K 124 26.11 50.84 23.69
C SER K 124 25.16 51.34 24.77
N ALA K 125 24.21 52.18 24.38
CA ALA K 125 23.24 52.72 25.32
C ALA K 125 22.35 51.60 25.85
N THR K 126 22.01 50.63 25.02
CA THR K 126 21.19 49.51 25.44
C THR K 126 21.92 48.76 26.55
N VAL K 127 23.21 48.51 26.37
CA VAL K 127 23.99 47.82 27.39
C VAL K 127 23.94 48.61 28.69
N GLN K 128 24.06 49.94 28.63
CA GLN K 128 23.99 50.75 29.83
C GLN K 128 22.63 50.62 30.51
N ALA K 129 21.57 50.64 29.72
CA ALA K 129 20.22 50.50 30.27
C ALA K 129 20.11 49.16 31.00
N ILE K 130 20.63 48.09 30.39
CA ILE K 130 20.59 46.76 31.00
C ILE K 130 21.43 46.70 32.27
N GLN K 131 22.61 47.34 32.26
CA GLN K 131 23.48 47.37 33.42
C GLN K 131 22.77 48.10 34.55
N ALA K 132 22.04 49.16 34.21
CA ALA K 132 21.26 49.94 35.16
C ALA K 132 20.17 49.05 35.76
N MET K 133 19.50 48.26 34.92
CA MET K 133 18.49 47.33 35.43
C MET K 133 19.11 46.36 36.42
N LYS K 134 20.34 45.92 36.15
CA LYS K 134 21.02 44.98 37.03
C LYS K 134 21.19 45.55 38.43
N GLU K 135 21.68 46.79 38.51
CA GLU K 135 21.89 47.47 39.78
C GLU K 135 20.55 47.60 40.51
N VAL K 136 19.52 48.01 39.77
CA VAL K 136 18.18 48.19 40.34
C VAL K 136 17.63 46.87 40.87
N THR K 137 17.74 45.82 40.08
CA THR K 137 17.25 44.51 40.49
C THR K 137 18.01 43.99 41.70
N ALA K 138 19.33 44.24 41.74
CA ALA K 138 20.16 43.79 42.84
C ALA K 138 19.73 44.41 44.18
N SER K 139 19.42 45.70 44.17
CA SER K 139 18.96 46.38 45.39
C SER K 139 17.66 45.76 45.89
N LEU K 140 16.79 45.39 44.95
CA LEU K 140 15.52 44.79 45.30
C LEU K 140 15.59 43.35 45.79
N VAL K 141 16.17 42.46 45.00
CA VAL K 141 16.26 41.05 45.36
C VAL K 141 17.34 40.65 46.38
N GLY K 142 18.20 41.60 46.75
CA GLY K 142 19.23 41.30 47.72
C GLY K 142 20.53 40.96 47.04
N PRO K 143 21.64 40.89 47.79
CA PRO K 143 22.98 40.58 47.29
C PRO K 143 23.16 39.31 46.44
N ASP K 144 22.89 38.16 47.03
CA ASP K 144 23.07 36.89 46.36
C ASP K 144 22.24 36.69 45.09
N ALA K 145 20.95 37.04 45.16
CA ALA K 145 20.06 36.93 44.02
C ALA K 145 20.45 37.97 42.99
N GLY K 146 20.92 39.12 43.48
CA GLY K 146 21.35 40.19 42.58
C GLY K 146 22.55 39.73 41.79
N LYS K 147 23.46 39.00 42.43
CA LYS K 147 24.67 38.46 41.81
C LYS K 147 24.28 37.48 40.71
N GLU K 148 23.39 36.55 41.05
CA GLU K 148 22.90 35.56 40.09
C GLU K 148 22.24 36.24 38.88
N MET K 149 21.27 37.11 39.14
CA MET K 149 20.60 37.85 38.07
C MET K 149 21.65 38.57 37.21
N GLY K 150 22.64 39.14 37.89
CA GLY K 150 23.72 39.83 37.22
C GLY K 150 24.41 38.98 36.17
N VAL K 151 24.62 37.68 36.43
CA VAL K 151 25.29 36.84 35.43
C VAL K 151 24.46 36.70 34.16
N TYR K 152 23.14 36.77 34.30
CA TYR K 152 22.25 36.66 33.16
C TYR K 152 22.10 37.99 32.41
N PHE K 153 22.10 39.10 33.14
CA PHE K 153 22.03 40.42 32.53
C PHE K 153 23.32 40.59 31.73
N ASP K 154 24.46 40.30 32.38
CA ASP K 154 25.79 40.39 31.78
C ASP K 154 25.93 39.53 30.53
N TYR K 155 25.25 38.39 30.54
CA TYR K 155 25.24 37.46 29.42
C TYR K 155 24.59 38.12 28.20
N ILE K 156 23.43 38.73 28.41
CA ILE K 156 22.72 39.43 27.33
C ILE K 156 23.65 40.54 26.84
N CYS K 157 24.23 41.29 27.77
CA CYS K 157 25.12 42.36 27.41
C CYS K 157 26.29 41.89 26.55
N SER K 158 26.87 40.75 26.89
CA SER K 158 27.98 40.21 26.12
C SER K 158 27.56 39.80 24.70
N GLY K 159 26.36 39.22 24.58
CA GLY K 159 25.87 38.81 23.27
C GLY K 159 25.62 39.99 22.36
N LEU K 160 25.46 41.16 22.96
CA LEU K 160 25.24 42.41 22.23
C LEU K 160 26.61 43.02 21.95
N SER K 161 27.59 42.58 22.73
CA SER K 161 28.99 43.03 22.70
C SER K 161 29.15 44.35 23.46
N SER L 1 1.69 63.04 3.29
CA SER L 1 0.55 63.90 2.93
C SER L 1 -0.31 63.16 1.91
N ILE L 2 -1.32 63.83 1.36
CA ILE L 2 -2.19 63.19 0.37
C ILE L 2 -1.40 62.68 -0.84
N VAL L 3 -0.26 63.32 -1.11
CA VAL L 3 0.57 62.93 -2.22
C VAL L 3 1.11 61.52 -1.96
N THR L 4 1.68 61.32 -0.77
CA THR L 4 2.20 60.01 -0.37
C THR L 4 1.07 58.99 -0.30
N LYS L 5 -0.07 59.38 0.25
CA LYS L 5 -1.21 58.45 0.38
C LYS L 5 -1.69 57.95 -0.98
N SER L 6 -1.86 58.86 -1.93
CA SER L 6 -2.30 58.54 -3.27
C SER L 6 -1.30 57.62 -3.97
N ILE L 7 -0.01 57.96 -3.89
CA ILE L 7 1.03 57.16 -4.52
C ILE L 7 1.08 55.75 -3.91
N VAL L 8 0.87 55.65 -2.59
CA VAL L 8 0.87 54.36 -1.90
C VAL L 8 -0.31 53.52 -2.41
N ASN L 9 -1.50 54.11 -2.44
CA ASN L 9 -2.68 53.41 -2.94
C ASN L 9 -2.46 52.99 -4.39
N ALA L 10 -2.00 53.92 -5.21
CA ALA L 10 -1.71 53.66 -6.62
C ALA L 10 -0.76 52.47 -6.79
N ASP L 11 0.34 52.50 -6.04
CA ASP L 11 1.33 51.44 -6.13
C ASP L 11 0.83 50.08 -5.62
N ALA L 12 -0.09 50.07 -4.67
CA ALA L 12 -0.64 48.83 -4.14
C ALA L 12 -1.35 48.09 -5.27
N GLU L 13 -1.96 48.85 -6.17
CA GLU L 13 -2.68 48.32 -7.32
C GLU L 13 -1.79 48.36 -8.58
N ALA L 14 -0.49 48.56 -8.41
CA ALA L 14 0.47 48.62 -9.51
C ALA L 14 -0.01 49.49 -10.69
N ARG L 15 -0.47 50.70 -10.39
CA ARG L 15 -0.99 51.59 -11.42
C ARG L 15 -0.62 53.04 -11.20
N TYR L 16 -0.92 53.83 -12.21
CA TYR L 16 -0.69 55.24 -12.15
C TYR L 16 -1.88 55.85 -11.39
N LEU L 17 -1.81 57.12 -11.03
CA LEU L 17 -2.89 57.73 -10.28
C LEU L 17 -4.23 57.88 -11.01
N SER L 18 -5.31 57.72 -10.25
CA SER L 18 -6.65 57.84 -10.80
C SER L 18 -6.95 59.33 -10.92
N PRO L 19 -7.97 59.70 -11.72
CA PRO L 19 -8.29 61.13 -11.86
C PRO L 19 -8.62 61.78 -10.51
N GLY L 20 -9.28 61.02 -9.63
CA GLY L 20 -9.62 61.53 -8.31
C GLY L 20 -8.39 61.85 -7.48
N GLU L 21 -7.43 60.92 -7.48
CA GLU L 21 -6.17 61.10 -6.74
C GLU L 21 -5.43 62.33 -7.26
N LEU L 22 -5.33 62.45 -8.59
CA LEU L 22 -4.67 63.60 -9.21
C LEU L 22 -5.36 64.91 -8.76
N ASP L 23 -6.69 64.89 -8.71
CA ASP L 23 -7.46 66.06 -8.31
C ASP L 23 -7.26 66.43 -6.84
N ARG L 24 -7.25 65.44 -5.96
CA ARG L 24 -7.00 65.69 -4.55
C ARG L 24 -5.63 66.32 -4.37
N ILE L 25 -4.64 65.87 -5.15
CA ILE L 25 -3.30 66.44 -5.08
C ILE L 25 -3.30 67.88 -5.58
N LYS L 26 -4.00 68.14 -6.68
CA LYS L 26 -4.09 69.49 -7.24
C LYS L 26 -4.67 70.45 -6.19
N SER L 27 -5.71 69.98 -5.50
CA SER L 27 -6.41 70.72 -4.47
C SER L 27 -5.52 70.94 -3.23
N PHE L 28 -4.76 69.92 -2.86
CA PHE L 28 -3.85 70.02 -1.73
C PHE L 28 -2.79 71.10 -1.99
N VAL L 29 -2.18 71.07 -3.17
CA VAL L 29 -1.15 72.06 -3.48
C VAL L 29 -1.67 73.48 -3.59
N SER L 30 -2.88 73.67 -4.13
CA SER L 30 -3.43 75.02 -4.26
C SER L 30 -3.74 75.66 -2.91
N SER L 31 -4.04 74.84 -1.91
CA SER L 31 -4.31 75.37 -0.57
C SER L 31 -3.04 75.38 0.28
N GLY L 32 -1.91 75.08 -0.34
CA GLY L 32 -0.66 75.04 0.39
C GLY L 32 -0.32 76.31 1.13
N GLU L 33 -0.28 77.42 0.39
CA GLU L 33 0.04 78.72 0.95
C GLU L 33 -0.81 79.11 2.14
N LYS L 34 -2.11 78.84 2.09
CA LYS L 34 -2.98 79.16 3.20
C LYS L 34 -2.53 78.38 4.45
N ARG L 35 -2.28 77.08 4.28
CA ARG L 35 -1.85 76.23 5.39
C ARG L 35 -0.52 76.62 6.00
N LEU L 36 0.39 77.09 5.17
CA LEU L 36 1.68 77.54 5.68
C LEU L 36 1.44 78.77 6.57
N ARG L 37 0.54 79.66 6.16
CA ARG L 37 0.27 80.87 6.95
C ARG L 37 -0.32 80.52 8.31
N ILE L 38 -1.21 79.54 8.35
CA ILE L 38 -1.80 79.12 9.61
C ILE L 38 -0.71 78.57 10.52
N ALA L 39 0.18 77.76 9.95
CA ALA L 39 1.28 77.19 10.71
C ALA L 39 2.24 78.30 11.17
N GLN L 40 2.48 79.30 10.32
CA GLN L 40 3.38 80.39 10.70
C GLN L 40 2.84 81.17 11.89
N ILE L 41 1.53 81.42 11.93
CA ILE L 41 0.90 82.15 13.05
C ILE L 41 1.07 81.37 14.35
N LEU L 42 0.81 80.07 14.30
CA LEU L 42 0.98 79.23 15.49
C LEU L 42 2.44 79.24 15.91
N THR L 43 3.34 79.09 14.94
CA THR L 43 4.78 79.10 15.21
C THR L 43 5.25 80.40 15.86
N ASP L 44 4.82 81.52 15.28
CA ASP L 44 5.19 82.85 15.77
C ASP L 44 4.66 83.10 17.18
N ASN L 45 3.50 82.54 17.50
CA ASN L 45 2.91 82.70 18.82
C ASN L 45 3.03 81.50 19.75
N ARG L 46 4.00 80.62 19.48
CA ARG L 46 4.16 79.42 20.29
C ARG L 46 4.42 79.64 21.78
N GLU L 47 5.26 80.62 22.11
CA GLU L 47 5.62 80.91 23.50
C GLU L 47 4.36 81.24 24.31
N ARG L 48 3.56 82.17 23.79
CA ARG L 48 2.31 82.57 24.44
C ARG L 48 1.30 81.42 24.49
N ILE L 49 1.17 80.67 23.41
CA ILE L 49 0.24 79.54 23.36
C ILE L 49 0.56 78.45 24.40
N VAL L 50 1.84 78.13 24.57
CA VAL L 50 2.26 77.11 25.54
C VAL L 50 2.17 77.65 26.99
N LYS L 51 2.69 78.85 27.17
CA LYS L 51 2.71 79.54 28.46
C LYS L 51 1.28 79.67 29.01
N GLN L 52 0.37 80.24 28.23
CA GLN L 52 -1.02 80.41 28.67
C GLN L 52 -1.79 79.11 28.84
N ALA L 53 -1.55 78.13 27.98
CA ALA L 53 -2.22 76.85 28.10
C ALA L 53 -1.76 76.19 29.40
N GLY L 54 -0.50 76.40 29.76
CA GLY L 54 0.02 75.84 31.00
C GLY L 54 -0.76 76.43 32.17
N ASP L 55 -0.92 77.74 32.19
CA ASP L 55 -1.65 78.42 33.26
C ASP L 55 -3.06 77.89 33.38
N GLN L 56 -3.73 77.76 32.25
CA GLN L 56 -5.09 77.23 32.21
C GLN L 56 -5.13 75.82 32.76
N LEU L 57 -4.22 74.97 32.28
CA LEU L 57 -4.16 73.58 32.72
C LEU L 57 -3.98 73.49 34.22
N PHE L 58 -3.02 74.24 34.75
CA PHE L 58 -2.72 74.22 36.17
C PHE L 58 -3.81 74.77 37.07
N GLN L 59 -4.75 75.49 36.47
CA GLN L 59 -5.88 76.04 37.21
C GLN L 59 -6.92 74.95 37.31
N LYS L 60 -7.19 74.28 36.20
CA LYS L 60 -8.17 73.20 36.17
C LYS L 60 -7.67 71.91 36.82
N ARG L 61 -6.35 71.69 36.76
CA ARG L 61 -5.72 70.50 37.33
C ARG L 61 -4.54 70.87 38.22
N PRO L 62 -4.80 71.51 39.36
CA PRO L 62 -3.72 71.90 40.27
C PRO L 62 -3.00 70.71 40.88
N ASP L 63 -3.62 69.54 40.82
CA ASP L 63 -3.02 68.33 41.35
C ASP L 63 -1.67 67.97 40.71
N VAL L 64 -1.58 68.10 39.39
CA VAL L 64 -0.36 67.77 38.67
C VAL L 64 0.84 68.63 39.08
N VAL L 65 0.59 69.85 39.55
CA VAL L 65 1.68 70.72 39.99
C VAL L 65 1.77 70.87 41.51
N SER L 66 0.96 70.10 42.24
CA SER L 66 0.96 70.11 43.70
C SER L 66 1.85 68.95 44.13
N PRO L 67 2.27 68.92 45.41
CA PRO L 67 3.12 67.83 45.92
C PRO L 67 2.51 66.47 45.59
N GLY L 68 3.35 65.58 45.07
CA GLY L 68 2.91 64.25 44.69
C GLY L 68 2.53 64.17 43.22
N GLY L 69 2.30 65.32 42.59
CA GLY L 69 1.92 65.35 41.18
C GLY L 69 3.10 65.17 40.26
N ASN L 70 2.84 64.62 39.07
CA ASN L 70 3.86 64.36 38.04
C ASN L 70 4.70 65.58 37.66
N ALA L 71 4.05 66.75 37.53
CA ALA L 71 4.72 67.99 37.17
C ALA L 71 5.08 68.87 38.38
N TYR L 72 5.05 68.29 39.57
CA TYR L 72 5.36 69.01 40.80
C TYR L 72 6.80 69.52 40.85
N GLY L 73 6.97 70.82 41.02
CA GLY L 73 8.29 71.40 41.08
C GLY L 73 8.60 72.25 39.86
N GLN L 74 9.61 73.09 39.97
CA GLN L 74 10.02 73.97 38.87
C GLN L 74 10.51 73.20 37.63
N GLU L 75 11.50 72.33 37.82
CA GLU L 75 12.07 71.56 36.73
C GLU L 75 11.05 70.64 36.06
N MET L 76 10.17 70.04 36.86
CA MET L 76 9.14 69.15 36.33
C MET L 76 8.10 69.94 35.53
N THR L 77 7.70 71.10 36.04
CA THR L 77 6.72 71.97 35.36
C THR L 77 7.27 72.41 33.99
N ALA L 78 8.56 72.72 33.94
CA ALA L 78 9.20 73.11 32.70
C ALA L 78 9.08 71.98 31.68
N THR L 79 9.45 70.76 32.09
CA THR L 79 9.35 69.59 31.22
C THR L 79 7.92 69.38 30.73
N CYS L 80 6.95 69.65 31.59
CA CYS L 80 5.54 69.55 31.21
C CYS L 80 5.27 70.52 30.05
N LEU L 81 5.72 71.77 30.22
CA LEU L 81 5.54 72.79 29.19
C LEU L 81 6.34 72.44 27.93
N ARG L 82 7.44 71.72 28.14
CA ARG L 82 8.30 71.27 27.06
C ARG L 82 7.48 70.30 26.19
N ASP L 83 6.77 69.38 26.82
CA ASP L 83 5.95 68.43 26.10
C ASP L 83 4.83 69.13 25.34
N LEU L 84 4.26 70.17 25.94
CA LEU L 84 3.19 70.91 25.28
C LEU L 84 3.76 71.58 24.03
N ASP L 85 4.96 72.13 24.14
CA ASP L 85 5.61 72.76 23.00
C ASP L 85 5.87 71.70 21.92
N TYR L 86 6.30 70.51 22.33
CA TYR L 86 6.53 69.39 21.42
C TYR L 86 5.28 69.17 20.55
N TYR L 87 4.11 69.08 21.20
CA TYR L 87 2.85 68.86 20.50
C TYR L 87 2.35 70.00 19.64
N LEU L 88 2.65 71.24 20.02
CA LEU L 88 2.24 72.39 19.21
C LEU L 88 3.06 72.27 17.92
N ARG L 89 4.36 72.04 18.07
CA ARG L 89 5.27 71.89 16.95
C ARG L 89 4.75 70.84 15.99
N LEU L 90 4.41 69.66 16.52
CA LEU L 90 3.86 68.55 15.74
C LEU L 90 2.58 68.97 15.02
N ILE L 91 1.73 69.72 15.71
CA ILE L 91 0.50 70.18 15.10
C ILE L 91 0.78 71.09 13.91
N THR L 92 1.81 71.94 14.00
CA THR L 92 2.14 72.80 12.85
C THR L 92 2.57 71.95 11.65
N TYR L 93 3.27 70.84 11.91
CA TYR L 93 3.71 69.92 10.84
C TYR L 93 2.48 69.32 10.18
N GLY L 94 1.55 68.85 11.01
CA GLY L 94 0.34 68.25 10.49
C GLY L 94 -0.43 69.23 9.61
N ILE L 95 -0.48 70.48 10.05
CA ILE L 95 -1.20 71.48 9.29
C ILE L 95 -0.64 71.64 7.88
N VAL L 96 0.69 71.72 7.75
CA VAL L 96 1.28 71.87 6.42
C VAL L 96 1.14 70.59 5.59
N ALA L 97 1.22 69.43 6.24
CA ALA L 97 1.10 68.15 5.54
C ALA L 97 -0.33 67.89 5.12
N GLY L 98 -1.27 68.56 5.79
CA GLY L 98 -2.68 68.37 5.46
C GLY L 98 -3.30 67.16 6.12
N ASP L 99 -2.53 66.46 6.95
CA ASP L 99 -3.03 65.30 7.67
C ASP L 99 -2.28 65.11 8.98
N VAL L 100 -2.73 64.15 9.78
CA VAL L 100 -2.18 63.87 11.10
C VAL L 100 -1.06 62.84 11.13
N THR L 101 -0.62 62.39 9.97
CA THR L 101 0.44 61.40 9.89
C THR L 101 1.76 61.79 10.58
N PRO L 102 2.21 63.06 10.46
CA PRO L 102 3.46 63.43 11.12
C PRO L 102 3.28 63.38 12.64
N ILE L 103 2.10 63.80 13.10
CA ILE L 103 1.77 63.81 14.52
C ILE L 103 1.74 62.38 15.04
N GLU L 104 1.02 61.53 14.32
CA GLU L 104 0.88 60.14 14.67
C GLU L 104 2.21 59.38 14.79
N GLU L 105 3.05 59.49 13.77
CA GLU L 105 4.32 58.79 13.75
C GLU L 105 5.37 59.28 14.73
N ILE L 106 5.34 60.58 15.04
CA ILE L 106 6.31 61.16 15.96
C ILE L 106 5.83 61.19 17.41
N GLY L 107 4.57 61.55 17.63
CA GLY L 107 4.06 61.68 18.98
C GLY L 107 2.81 60.95 19.44
N ILE L 108 2.25 60.07 18.63
CA ILE L 108 1.05 59.34 19.08
C ILE L 108 1.27 57.83 19.25
N VAL L 109 1.94 57.19 18.31
CA VAL L 109 2.20 55.75 18.42
C VAL L 109 3.09 55.54 19.64
N GLY L 110 2.67 54.69 20.56
CA GLY L 110 3.42 54.40 21.77
C GLY L 110 3.33 55.41 22.91
N VAL L 111 2.53 56.45 22.73
CA VAL L 111 2.41 57.50 23.75
C VAL L 111 1.88 57.01 25.09
N ARG L 112 0.87 56.14 25.07
CA ARG L 112 0.30 55.62 26.31
C ARG L 112 1.33 54.87 27.12
N GLU L 113 2.12 54.07 26.43
CA GLU L 113 3.17 53.28 27.06
C GLU L 113 4.21 54.19 27.69
N MET L 114 4.67 55.18 26.93
CA MET L 114 5.66 56.12 27.43
C MET L 114 5.20 56.84 28.68
N TYR L 115 4.05 57.52 28.60
CA TYR L 115 3.53 58.27 29.77
C TYR L 115 3.17 57.36 30.94
N LYS L 116 2.64 56.18 30.64
CA LYS L 116 2.29 55.22 31.66
C LYS L 116 3.56 54.85 32.39
N SER L 117 4.66 54.71 31.66
CA SER L 117 5.94 54.36 32.26
C SER L 117 6.45 55.48 33.15
N LEU L 118 6.37 56.71 32.65
CA LEU L 118 6.81 57.89 33.38
C LEU L 118 5.87 58.23 34.54
N GLY L 119 4.63 57.77 34.47
CA GLY L 119 3.67 58.05 35.52
C GLY L 119 2.89 59.35 35.32
N THR L 120 3.02 59.93 34.12
CA THR L 120 2.35 61.18 33.76
C THR L 120 0.88 60.90 33.48
N PRO L 121 -0.05 61.62 34.13
CA PRO L 121 -1.48 61.35 33.86
C PRO L 121 -1.80 61.84 32.44
N ILE L 122 -1.90 60.91 31.51
CA ILE L 122 -2.12 61.24 30.11
C ILE L 122 -3.32 62.14 29.80
N ASP L 123 -4.41 61.95 30.52
CA ASP L 123 -5.61 62.76 30.33
C ASP L 123 -5.33 64.24 30.65
N ALA L 124 -4.34 64.49 31.51
CA ALA L 124 -3.97 65.85 31.86
C ALA L 124 -3.16 66.47 30.71
N VAL L 125 -2.44 65.62 29.97
CA VAL L 125 -1.67 66.12 28.83
C VAL L 125 -2.70 66.50 27.77
N ALA L 126 -3.71 65.66 27.58
CA ALA L 126 -4.77 65.91 26.61
C ALA L 126 -5.45 67.23 26.96
N ALA L 127 -5.67 67.46 28.25
CA ALA L 127 -6.30 68.69 28.70
C ALA L 127 -5.39 69.87 28.37
N GLY L 128 -4.07 69.65 28.43
CA GLY L 128 -3.12 70.69 28.10
C GLY L 128 -3.19 71.07 26.63
N VAL L 129 -3.38 70.09 25.76
CA VAL L 129 -3.48 70.35 24.32
C VAL L 129 -4.75 71.13 24.00
N SER L 130 -5.85 70.79 24.65
CA SER L 130 -7.11 71.48 24.46
C SER L 130 -7.01 72.93 24.94
N ALA L 131 -6.22 73.16 25.97
CA ALA L 131 -5.99 74.50 26.48
C ALA L 131 -5.20 75.30 25.43
N MET L 132 -4.23 74.66 24.78
CA MET L 132 -3.45 75.30 23.71
C MET L 132 -4.39 75.62 22.56
N LYS L 133 -5.32 74.70 22.28
CA LYS L 133 -6.32 74.90 21.23
C LYS L 133 -7.11 76.15 21.57
N ASN L 134 -7.54 76.25 22.82
CA ASN L 134 -8.31 77.39 23.32
C ASN L 134 -7.55 78.71 23.07
N VAL L 135 -6.29 78.76 23.51
CA VAL L 135 -5.46 79.94 23.31
C VAL L 135 -5.27 80.29 21.82
N ALA L 136 -4.87 79.30 21.02
CA ALA L 136 -4.66 79.49 19.59
C ALA L 136 -5.89 80.03 18.91
N SER L 137 -7.05 79.51 19.29
CA SER L 137 -8.31 79.92 18.71
C SER L 137 -8.67 81.40 18.95
N SER L 138 -8.04 82.02 19.96
CA SER L 138 -8.29 83.44 20.22
C SER L 138 -7.33 84.28 19.38
N ILE L 139 -6.24 83.65 18.92
CA ILE L 139 -5.21 84.27 18.08
C ILE L 139 -5.57 84.15 16.58
N LEU L 140 -6.05 82.98 16.18
CA LEU L 140 -6.42 82.71 14.80
C LEU L 140 -7.80 83.21 14.45
N SER L 141 -8.03 83.39 13.16
CA SER L 141 -9.32 83.85 12.65
C SER L 141 -10.29 82.66 12.78
N ALA L 142 -11.59 82.94 12.68
CA ALA L 142 -12.60 81.89 12.78
C ALA L 142 -12.33 80.75 11.79
N GLU L 143 -11.94 81.11 10.57
CA GLU L 143 -11.67 80.15 9.51
C GLU L 143 -10.42 79.31 9.84
N ASP L 144 -9.32 79.95 10.24
CA ASP L 144 -8.09 79.22 10.57
C ASP L 144 -8.21 78.40 11.85
N ALA L 145 -8.98 78.89 12.81
CA ALA L 145 -9.19 78.19 14.08
C ALA L 145 -9.94 76.87 13.88
N ALA L 146 -10.92 76.88 12.98
CA ALA L 146 -11.69 75.67 12.69
C ALA L 146 -10.77 74.68 11.99
N GLU L 147 -9.91 75.18 11.09
CA GLU L 147 -8.97 74.32 10.37
C GLU L 147 -7.94 73.69 11.29
N ALA L 148 -7.24 74.51 12.08
CA ALA L 148 -6.23 74.05 13.02
C ALA L 148 -6.84 73.24 14.15
N GLY L 149 -8.07 73.58 14.52
CA GLY L 149 -8.78 72.89 15.59
C GLY L 149 -8.85 71.39 15.42
N ALA L 150 -9.04 70.93 14.18
CA ALA L 150 -9.11 69.50 13.89
C ALA L 150 -7.86 68.76 14.36
N TYR L 151 -6.70 69.40 14.19
CA TYR L 151 -5.44 68.80 14.59
C TYR L 151 -5.32 68.78 16.10
N PHE L 152 -5.73 69.88 16.75
CA PHE L 152 -5.69 69.93 18.21
C PHE L 152 -6.60 68.85 18.78
N ASP L 153 -7.76 68.69 18.16
CA ASP L 153 -8.73 67.70 18.58
C ASP L 153 -8.19 66.30 18.38
N TYR L 154 -7.52 66.05 17.26
CA TYR L 154 -6.94 64.73 17.01
C TYR L 154 -5.99 64.39 18.15
N VAL L 155 -5.06 65.29 18.44
CA VAL L 155 -4.11 65.06 19.51
C VAL L 155 -4.78 64.84 20.87
N ALA L 156 -5.69 65.73 21.28
CA ALA L 156 -6.36 65.60 22.57
C ALA L 156 -7.10 64.27 22.64
N GLY L 157 -7.77 63.91 21.56
CA GLY L 157 -8.50 62.66 21.51
C GLY L 157 -7.60 61.44 21.59
N ALA L 158 -6.43 61.52 20.96
CA ALA L 158 -5.49 60.40 20.98
C ALA L 158 -4.79 60.25 22.33
N LEU L 159 -4.70 61.34 23.10
CA LEU L 159 -4.07 61.32 24.42
C LEU L 159 -5.08 61.08 25.54
N ALA L 160 -6.34 60.94 25.16
CA ALA L 160 -7.44 60.74 26.10
C ALA L 160 -7.17 59.62 27.11
N MET M 1 8.20 55.77 2.85
CA MET M 1 8.59 56.79 1.83
C MET M 1 8.12 58.15 2.30
N GLN M 2 8.79 59.18 1.82
CA GLN M 2 8.43 60.56 2.13
C GLN M 2 8.23 61.31 0.83
N ASP M 3 7.45 62.37 0.91
CA ASP M 3 7.24 63.25 -0.22
C ASP M 3 8.01 64.51 0.19
N ALA M 4 8.14 65.48 -0.70
CA ALA M 4 8.86 66.69 -0.39
C ALA M 4 8.46 67.34 0.93
N ILE M 5 7.17 67.34 1.25
CA ILE M 5 6.66 67.96 2.49
C ILE M 5 7.13 67.21 3.73
N THR M 6 6.87 65.91 3.77
CA THR M 6 7.24 65.09 4.91
C THR M 6 8.75 65.01 5.11
N ALA M 7 9.51 65.18 4.03
CA ALA M 7 10.97 65.16 4.12
C ALA M 7 11.46 66.43 4.85
N VAL M 8 10.81 67.56 4.62
CA VAL M 8 11.17 68.80 5.29
C VAL M 8 10.74 68.69 6.77
N ILE M 9 9.53 68.17 7.00
CA ILE M 9 9.03 67.98 8.36
C ILE M 9 9.96 67.07 9.14
N ASN M 10 10.33 65.95 8.54
CA ASN M 10 11.22 64.99 9.19
C ASN M 10 12.55 65.61 9.56
N SER M 11 13.12 66.44 8.67
CA SER M 11 14.40 67.07 8.99
C SER M 11 14.28 68.15 10.07
N SER M 12 13.19 68.90 10.09
CA SER M 12 13.01 69.90 11.14
C SER M 12 12.81 69.18 12.48
N ASP M 13 12.03 68.10 12.43
CA ASP M 13 11.72 67.30 13.60
C ASP M 13 12.97 66.73 14.26
N VAL M 14 13.86 66.16 13.46
CA VAL M 14 15.08 65.59 14.00
C VAL M 14 15.91 66.66 14.74
N GLN M 15 15.68 67.92 14.41
CA GLN M 15 16.36 69.03 15.06
C GLN M 15 15.53 69.63 16.19
N GLY M 16 14.29 69.18 16.33
CA GLY M 16 13.41 69.70 17.36
C GLY M 16 12.99 71.13 17.06
N LYS M 17 12.98 71.48 15.79
CA LYS M 17 12.63 72.83 15.39
C LYS M 17 11.31 73.01 14.66
N TYR M 18 10.67 74.14 14.90
CA TYR M 18 9.46 74.47 14.17
C TYR M 18 10.00 74.79 12.77
N LEU M 19 9.12 74.86 11.77
CA LEU M 19 9.59 75.14 10.42
C LEU M 19 10.16 76.55 10.35
N ASP M 20 11.44 76.67 9.98
CA ASP M 20 12.09 77.97 9.86
C ASP M 20 11.92 78.52 8.46
N THR M 21 12.64 79.60 8.14
CA THR M 21 12.51 80.21 6.82
C THR M 21 12.94 79.29 5.67
N ALA M 22 14.12 78.71 5.76
CA ALA M 22 14.61 77.82 4.73
C ALA M 22 13.61 76.68 4.46
N ALA M 23 13.09 76.09 5.53
CA ALA M 23 12.12 75.00 5.46
C ALA M 23 10.85 75.47 4.74
N LEU M 24 10.33 76.60 5.16
CA LEU M 24 9.12 77.15 4.56
C LEU M 24 9.30 77.47 3.07
N GLU M 25 10.47 77.97 2.70
CA GLU M 25 10.75 78.28 1.30
C GLU M 25 10.79 77.00 0.46
N LYS M 26 11.17 75.89 1.09
CA LYS M 26 11.18 74.58 0.41
C LYS M 26 9.76 74.09 0.22
N LEU M 27 8.96 74.18 1.28
CA LEU M 27 7.57 73.78 1.22
C LEU M 27 6.85 74.59 0.14
N LYS M 28 7.13 75.89 0.08
CA LYS M 28 6.53 76.76 -0.91
C LYS M 28 7.01 76.38 -2.31
N SER M 29 8.28 76.01 -2.42
CA SER M 29 8.84 75.61 -3.69
C SER M 29 8.13 74.38 -4.24
N TYR M 30 7.77 73.45 -3.37
CA TYR M 30 7.07 72.24 -3.81
C TYR M 30 5.65 72.59 -4.25
N PHE M 31 4.93 73.35 -3.44
CA PHE M 31 3.56 73.75 -3.77
C PHE M 31 3.48 74.48 -5.10
N SER M 32 4.43 75.39 -5.35
CA SER M 32 4.41 76.14 -6.60
C SER M 32 4.70 75.29 -7.85
N THR M 33 5.24 74.08 -7.66
CA THR M 33 5.53 73.16 -8.77
C THR M 33 4.54 71.99 -8.79
N GLY M 34 3.70 71.91 -7.77
CA GLY M 34 2.74 70.82 -7.68
C GLY M 34 1.92 70.62 -8.94
N GLU M 35 1.45 71.71 -9.52
CA GLU M 35 0.64 71.68 -10.73
C GLU M 35 1.37 71.03 -11.91
N LEU M 36 2.63 71.39 -12.07
CA LEU M 36 3.47 70.85 -13.15
C LEU M 36 3.71 69.35 -12.97
N ARG M 37 3.93 68.92 -11.72
CA ARG M 37 4.18 67.50 -11.38
C ARG M 37 2.94 66.66 -11.70
N VAL M 38 1.77 67.15 -11.34
CA VAL M 38 0.52 66.45 -11.63
C VAL M 38 0.33 66.33 -13.15
N ARG M 39 0.52 67.43 -13.88
CA ARG M 39 0.36 67.39 -15.32
C ARG M 39 1.30 66.41 -15.97
N ALA M 40 2.58 66.48 -15.63
CA ALA M 40 3.55 65.55 -16.21
C ALA M 40 3.18 64.11 -15.85
N ALA M 41 2.72 63.88 -14.61
CA ALA M 41 2.35 62.53 -14.17
C ALA M 41 1.17 61.99 -14.97
N THR M 42 0.20 62.86 -15.24
CA THR M 42 -0.98 62.51 -16.02
C THR M 42 -0.59 62.16 -17.46
N THR M 43 0.36 62.91 -18.02
CA THR M 43 0.84 62.71 -19.37
C THR M 43 1.64 61.41 -19.51
N ILE M 44 2.60 61.19 -18.61
CA ILE M 44 3.40 59.97 -18.65
C ILE M 44 2.49 58.75 -18.51
N ALA M 45 1.57 58.80 -17.53
CA ALA M 45 0.66 57.69 -17.31
C ALA M 45 -0.12 57.34 -18.58
N ALA M 46 -0.51 58.36 -19.33
CA ALA M 46 -1.27 58.17 -20.56
C ALA M 46 -0.41 57.72 -21.73
N ASN M 47 0.91 57.88 -21.62
CA ASN M 47 1.82 57.49 -22.69
C ASN M 47 2.82 56.42 -22.25
N ALA M 48 2.56 55.77 -21.13
CA ALA M 48 3.47 54.78 -20.55
C ALA M 48 4.03 53.72 -21.48
N ALA M 49 3.17 52.99 -22.18
CA ALA M 49 3.62 51.93 -23.09
C ALA M 49 4.43 52.49 -24.27
N ALA M 50 4.01 53.64 -24.77
CA ALA M 50 4.66 54.32 -25.90
C ALA M 50 6.09 54.72 -25.56
N ILE M 51 6.26 55.28 -24.36
CA ILE M 51 7.57 55.68 -23.89
C ILE M 51 8.52 54.47 -23.84
N VAL M 52 8.07 53.38 -23.21
CA VAL M 52 8.86 52.17 -23.10
C VAL M 52 9.20 51.60 -24.47
N LYS M 53 8.22 51.58 -25.38
CA LYS M 53 8.42 51.07 -26.72
C LYS M 53 9.53 51.84 -27.45
N GLU M 54 9.45 53.16 -27.41
CA GLU M 54 10.46 53.95 -28.08
C GLU M 54 11.83 53.84 -27.43
N ALA M 55 11.86 53.71 -26.11
CA ALA M 55 13.13 53.56 -25.40
C ALA M 55 13.80 52.25 -25.78
N VAL M 56 13.06 51.16 -25.71
CA VAL M 56 13.59 49.84 -26.07
C VAL M 56 14.12 49.87 -27.49
N ALA M 57 13.32 50.44 -28.39
CA ALA M 57 13.66 50.55 -29.80
C ALA M 57 14.99 51.26 -30.03
N LYS M 58 15.17 52.38 -29.33
CA LYS M 58 16.39 53.18 -29.46
C LYS M 58 17.63 52.60 -28.80
N SER M 59 17.48 51.76 -27.78
CA SER M 59 18.64 51.24 -27.05
C SER M 59 18.89 49.74 -26.92
N LEU M 60 17.92 48.89 -27.23
CA LEU M 60 18.10 47.46 -27.05
C LEU M 60 17.87 46.60 -28.26
N LEU M 61 16.91 46.98 -29.09
CA LEU M 61 16.61 46.17 -30.27
C LEU M 61 17.74 46.11 -31.27
N TYR M 62 17.77 45.03 -32.02
CA TYR M 62 18.77 44.80 -33.05
C TYR M 62 20.20 44.78 -32.55
N SER M 63 20.39 44.21 -31.37
CA SER M 63 21.72 44.13 -30.78
C SER M 63 21.95 42.73 -30.25
N ASP M 64 23.09 42.51 -29.61
CA ASP M 64 23.41 41.22 -29.04
C ASP M 64 22.48 40.87 -27.91
N ILE M 65 21.85 41.89 -27.31
CA ILE M 65 20.93 41.69 -26.19
C ILE M 65 19.72 40.86 -26.57
N THR M 66 19.14 41.16 -27.73
CA THR M 66 17.95 40.45 -28.24
C THR M 66 18.22 39.18 -29.07
N ARG M 67 19.47 39.00 -29.50
CA ARG M 67 19.87 37.81 -30.28
C ARG M 67 20.19 36.64 -29.38
N PRO M 68 20.19 35.41 -29.93
CA PRO M 68 20.52 34.26 -29.09
C PRO M 68 21.82 34.51 -28.31
N GLY M 69 21.78 34.32 -27.01
CA GLY M 69 22.96 34.54 -26.22
C GLY M 69 22.84 35.77 -25.35
N GLY M 70 21.99 36.71 -25.76
CA GLY M 70 21.79 37.92 -24.99
C GLY M 70 20.73 37.73 -23.93
N MET M 72 18.08 39.49 -23.34
CA MET M 72 16.72 39.77 -23.79
C MET M 72 16.26 38.69 -24.79
N TYR M 73 17.09 37.69 -25.02
CA TYR M 73 16.74 36.59 -25.91
C TYR M 73 15.75 35.72 -25.14
N THR M 74 14.80 35.13 -25.88
CA THR M 74 13.68 34.29 -25.40
C THR M 74 12.58 35.31 -25.10
N THR M 75 11.37 35.01 -25.53
CA THR M 75 10.23 35.90 -25.32
C THR M 75 9.98 36.17 -23.83
N ARG M 76 10.31 35.19 -23.00
CA ARG M 76 10.17 35.29 -21.55
C ARG M 76 11.06 36.40 -20.99
N ARG M 77 12.32 36.44 -21.41
CA ARG M 77 13.23 37.47 -20.95
C ARG M 77 12.94 38.84 -21.57
N TYR M 78 12.54 38.85 -22.83
CA TYR M 78 12.19 40.12 -23.47
C TYR M 78 11.06 40.77 -22.64
N ALA M 79 10.00 40.01 -22.39
CA ALA M 79 8.86 40.49 -21.61
C ALA M 79 9.27 40.94 -20.20
N ALA M 80 10.23 40.23 -19.59
CA ALA M 80 10.70 40.56 -18.24
C ALA M 80 11.39 41.90 -18.28
N CYS M 81 12.20 42.11 -19.31
CA CYS M 81 12.90 43.38 -19.46
C CYS M 81 11.95 44.56 -19.64
N ILE M 82 10.99 44.47 -20.56
CA ILE M 82 10.07 45.60 -20.74
C ILE M 82 9.18 45.80 -19.54
N ARG M 83 8.99 44.73 -18.75
CA ARG M 83 8.20 44.81 -17.54
C ARG M 83 9.00 45.70 -16.55
N ASP M 84 10.31 45.49 -16.49
CA ASP M 84 11.19 46.27 -15.62
C ASP M 84 11.10 47.72 -15.98
N LEU M 85 11.19 48.01 -17.28
CA LEU M 85 11.11 49.39 -17.78
C LEU M 85 9.78 50.06 -17.40
N ASP M 86 8.71 49.30 -17.43
CA ASP M 86 7.41 49.81 -17.03
C ASP M 86 7.49 50.24 -15.56
N TYR M 87 8.20 49.44 -14.76
CA TYR M 87 8.40 49.72 -13.32
C TYR M 87 9.17 50.99 -13.12
N TYR M 88 10.32 51.07 -13.76
CA TYR M 88 11.17 52.25 -13.66
C TYR M 88 10.39 53.49 -14.00
N LEU M 89 9.66 53.46 -15.11
CA LEU M 89 8.89 54.62 -15.52
C LEU M 89 7.82 54.98 -14.48
N ARG M 90 7.05 54.01 -14.02
CA ARG M 90 6.00 54.28 -13.03
C ARG M 90 6.58 54.79 -11.71
N TYR M 91 7.71 54.23 -11.29
CA TYR M 91 8.35 54.64 -10.05
C TYR M 91 9.01 55.99 -10.13
N ALA M 92 9.65 56.29 -11.27
CA ALA M 92 10.28 57.59 -11.45
C ALA M 92 9.18 58.66 -11.45
N THR M 93 8.00 58.29 -11.97
CA THR M 93 6.85 59.21 -12.02
C THR M 93 6.36 59.46 -10.58
N TYR M 94 6.28 58.40 -9.78
CA TYR M 94 5.86 58.53 -8.38
C TYR M 94 6.82 59.48 -7.63
N ALA M 95 8.12 59.23 -7.75
CA ALA M 95 9.14 60.04 -7.10
C ALA M 95 9.08 61.50 -7.54
N MET M 96 8.92 61.72 -8.84
CA MET M 96 8.83 63.08 -9.41
C MET M 96 7.64 63.83 -8.82
N LEU M 97 6.52 63.12 -8.72
CA LEU M 97 5.28 63.65 -8.19
C LEU M 97 5.46 64.01 -6.71
N ALA M 98 6.10 63.11 -5.97
CA ALA M 98 6.38 63.30 -4.54
C ALA M 98 7.47 64.32 -4.34
N GLY M 99 8.31 64.49 -5.35
CA GLY M 99 9.42 65.42 -5.27
C GLY M 99 10.47 64.92 -4.30
N ASP M 100 10.64 63.60 -4.22
CA ASP M 100 11.58 63.00 -3.29
C ASP M 100 11.92 61.59 -3.74
N PRO M 101 13.20 61.20 -3.67
CA PRO M 101 13.59 59.87 -4.10
C PRO M 101 13.50 58.71 -3.11
N SER M 102 12.94 58.93 -1.92
CA SER M 102 12.86 57.86 -0.93
C SER M 102 12.10 56.63 -1.43
N ILE M 103 11.01 56.83 -2.17
CA ILE M 103 10.26 55.70 -2.69
C ILE M 103 11.16 54.82 -3.55
N LEU M 104 12.15 55.42 -4.21
CA LEU M 104 13.07 54.67 -5.07
C LEU M 104 14.00 53.80 -4.24
N ASP M 105 14.55 54.36 -3.17
CA ASP M 105 15.43 53.62 -2.28
C ASP M 105 14.69 52.49 -1.57
N GLU M 106 13.47 52.79 -1.13
CA GLU M 106 12.65 51.83 -0.41
C GLU M 106 11.94 50.78 -1.22
N ARG M 107 11.52 51.11 -2.43
CA ARG M 107 10.78 50.15 -3.27
C ARG M 107 11.44 49.72 -4.58
N VAL M 108 12.58 50.29 -4.93
CA VAL M 108 13.19 49.91 -6.18
C VAL M 108 14.62 49.39 -6.11
N LEU M 109 15.52 50.23 -5.61
CA LEU M 109 16.94 49.94 -5.55
C LEU M 109 17.46 48.88 -4.57
N ASN M 110 16.59 48.44 -3.67
CA ASN M 110 16.88 47.41 -2.64
C ASN M 110 17.64 46.19 -3.10
N GLY M 111 18.97 46.26 -3.17
CA GLY M 111 19.77 45.12 -3.61
C GLY M 111 19.39 44.66 -5.01
N LEU M 112 18.72 45.55 -5.73
CA LEU M 112 18.28 45.27 -7.08
C LEU M 112 19.57 44.98 -7.85
N LYS M 113 20.59 45.78 -7.56
CA LYS M 113 21.90 45.66 -8.19
C LYS M 113 22.41 44.23 -8.13
N GLU M 114 22.30 43.62 -6.95
CA GLU M 114 22.78 42.26 -6.76
C GLU M 114 21.87 41.20 -7.36
N THR M 115 20.56 41.41 -7.30
CA THR M 115 19.62 40.46 -7.87
C THR M 115 19.94 40.35 -9.38
N TYR M 116 20.18 41.49 -10.00
CA TYR M 116 20.52 41.52 -11.41
C TYR M 116 21.78 40.73 -11.65
N ASN M 117 22.82 41.09 -10.90
CA ASN M 117 24.11 40.43 -11.01
C ASN M 117 23.96 38.92 -10.86
N SER M 118 23.16 38.48 -9.89
CA SER M 118 22.95 37.07 -9.66
C SER M 118 22.29 36.37 -10.85
N LEU M 119 21.27 37.01 -11.43
CA LEU M 119 20.55 36.47 -12.58
C LEU M 119 21.27 36.67 -13.90
N GLY M 120 22.27 37.55 -13.92
CA GLY M 120 23.00 37.80 -15.15
C GLY M 120 22.41 38.93 -15.98
N VAL M 121 21.52 39.73 -15.39
CA VAL M 121 20.90 40.87 -16.09
C VAL M 121 21.94 41.97 -16.23
N PRO M 122 22.31 42.36 -17.46
CA PRO M 122 23.33 43.41 -17.67
C PRO M 122 22.92 44.81 -17.17
N ILE M 123 23.72 45.36 -16.26
CA ILE M 123 23.43 46.66 -15.67
C ILE M 123 23.62 47.82 -16.64
N SER M 124 24.74 47.83 -17.35
CA SER M 124 25.03 48.90 -18.29
C SER M 124 23.91 49.03 -19.32
N ALA M 125 23.45 47.90 -19.83
CA ALA M 125 22.40 47.87 -20.82
C ALA M 125 21.09 48.41 -20.23
N THR M 126 20.78 48.00 -19.00
CA THR M 126 19.59 48.46 -18.31
C THR M 126 19.65 49.98 -18.16
N VAL M 127 20.81 50.49 -17.77
CA VAL M 127 21.04 51.91 -17.59
C VAL M 127 20.82 52.66 -18.92
N GLN M 128 21.33 52.11 -20.03
CA GLN M 128 21.16 52.73 -21.34
C GLN M 128 19.69 52.88 -21.67
N ALA M 129 18.91 51.85 -21.36
CA ALA M 129 17.47 51.85 -21.62
C ALA M 129 16.75 52.93 -20.80
N ILE M 130 17.08 53.04 -19.52
CA ILE M 130 16.48 54.05 -18.63
C ILE M 130 16.85 55.43 -19.14
N GLN M 131 18.10 55.58 -19.58
CA GLN M 131 18.57 56.84 -20.13
C GLN M 131 17.78 57.18 -21.38
N ALA M 132 17.53 56.18 -22.22
CA ALA M 132 16.72 56.40 -23.42
C ALA M 132 15.30 56.83 -23.02
N MET M 133 14.74 56.18 -21.99
CA MET M 133 13.42 56.54 -21.49
C MET M 133 13.42 58.00 -21.05
N LYS M 134 14.50 58.43 -20.41
CA LYS M 134 14.61 59.82 -19.97
C LYS M 134 14.47 60.80 -21.14
N GLU M 135 15.14 60.52 -22.23
CA GLU M 135 15.07 61.37 -23.42
C GLU M 135 13.68 61.36 -24.04
N VAL M 136 13.08 60.18 -24.15
CA VAL M 136 11.74 60.08 -24.71
C VAL M 136 10.73 60.84 -23.83
N THR M 137 10.80 60.62 -22.51
CA THR M 137 9.90 61.28 -21.56
C THR M 137 10.04 62.79 -21.69
N ALA M 138 11.28 63.27 -21.68
CA ALA M 138 11.55 64.70 -21.79
C ALA M 138 10.91 65.34 -23.04
N SER M 139 10.98 64.63 -24.18
CA SER M 139 10.41 65.14 -25.42
C SER M 139 8.91 65.36 -25.30
N LEU M 140 8.27 64.43 -24.59
CA LEU M 140 6.85 64.43 -24.36
C LEU M 140 6.36 65.44 -23.34
N VAL M 141 6.92 65.40 -22.12
CA VAL M 141 6.48 66.31 -21.06
C VAL M 141 7.07 67.72 -21.11
N GLY M 142 8.09 67.91 -21.92
CA GLY M 142 8.69 69.22 -22.02
C GLY M 142 9.95 69.35 -21.19
N PRO M 143 10.66 70.46 -21.33
CA PRO M 143 11.91 70.78 -20.64
C PRO M 143 11.89 70.72 -19.10
N ASP M 144 11.04 71.54 -18.49
CA ASP M 144 10.96 71.58 -17.03
C ASP M 144 10.63 70.25 -16.41
N ALA M 145 9.56 69.64 -16.90
CA ALA M 145 9.11 68.34 -16.41
C ALA M 145 10.11 67.26 -16.78
N GLY M 146 10.75 67.43 -17.94
CA GLY M 146 11.72 66.46 -18.41
C GLY M 146 12.94 66.46 -17.52
N LYS M 147 13.36 67.65 -17.10
CA LYS M 147 14.51 67.81 -16.21
C LYS M 147 14.21 67.14 -14.87
N GLU M 148 13.05 67.45 -14.29
CA GLU M 148 12.65 66.89 -13.01
C GLU M 148 12.55 65.38 -13.03
N MET M 149 12.01 64.81 -14.12
CA MET M 149 11.91 63.35 -14.26
C MET M 149 13.31 62.76 -14.38
N GLY M 150 14.18 63.49 -15.09
CA GLY M 150 15.55 63.06 -15.28
C GLY M 150 16.28 62.88 -13.96
N VAL M 151 15.91 63.65 -12.96
CA VAL M 151 16.53 63.54 -11.63
C VAL M 151 16.28 62.14 -11.10
N TYR M 152 15.05 61.68 -11.25
CA TYR M 152 14.67 60.37 -10.75
C TYR M 152 15.09 59.18 -11.61
N PHE M 153 15.15 59.38 -12.93
CA PHE M 153 15.64 58.33 -13.82
C PHE M 153 17.12 58.15 -13.48
N ASP M 154 17.86 59.26 -13.46
CA ASP M 154 19.29 59.23 -13.12
C ASP M 154 19.53 58.69 -11.72
N TYR M 155 18.61 58.97 -10.79
CA TYR M 155 18.70 58.47 -9.43
C TYR M 155 18.67 56.93 -9.47
N ILE M 156 17.74 56.37 -10.24
CA ILE M 156 17.64 54.93 -10.36
C ILE M 156 18.93 54.39 -10.97
N CYS M 157 19.42 55.02 -12.02
CA CYS M 157 20.64 54.57 -12.67
C CYS M 157 21.82 54.58 -11.70
N SER M 158 21.96 55.63 -10.91
CA SER M 158 23.04 55.71 -9.94
C SER M 158 22.98 54.53 -8.98
N GLY M 159 21.78 54.22 -8.50
CA GLY M 159 21.61 53.12 -7.57
C GLY M 159 21.94 51.75 -8.13
N LEU M 160 22.00 51.63 -9.44
CA LEU M 160 22.30 50.36 -10.08
C LEU M 160 23.79 50.24 -10.32
N SER M 161 24.42 51.40 -10.52
CA SER M 161 25.85 51.49 -10.78
C SER M 161 26.65 51.30 -9.48
N GLY N 1 5.45 50.95 6.34
CA GLY N 1 5.50 49.73 5.48
C GLY N 1 6.91 49.20 5.26
N ARG N 2 7.86 49.67 6.07
CA ARG N 2 9.25 49.25 5.96
C ARG N 2 9.34 47.73 6.04
N LEU N 3 10.34 47.17 5.36
CA LEU N 3 10.54 45.72 5.30
C LEU N 3 11.92 45.27 5.82
N PHE N 4 11.97 44.03 6.29
CA PHE N 4 13.19 43.36 6.80
C PHE N 4 13.48 42.15 5.90
N LYS N 5 14.76 41.89 5.62
CA LYS N 5 15.13 40.72 4.82
C LYS N 5 15.85 39.79 5.78
N ILE N 6 15.20 38.71 6.19
CA ILE N 6 15.78 37.78 7.15
C ILE N 6 16.18 36.42 6.57
N THR N 7 17.22 35.83 7.16
CA THR N 7 17.76 34.53 6.77
C THR N 7 17.96 33.68 8.03
N ALA N 8 17.38 32.48 8.05
CA ALA N 8 17.48 31.61 9.22
C ALA N 8 17.55 30.12 8.85
N CYS N 9 17.75 29.27 9.86
CA CYS N 9 17.81 27.82 9.69
C CYS N 9 16.98 27.21 10.81
N VAL N 10 16.01 26.37 10.47
CA VAL N 10 15.11 25.74 11.46
C VAL N 10 15.07 24.19 11.35
N PRO N 11 15.36 23.46 12.46
CA PRO N 11 15.34 21.99 12.49
C PRO N 11 13.94 21.41 12.38
N SER N 12 13.84 20.09 12.50
CA SER N 12 12.57 19.38 12.39
C SER N 12 11.69 19.35 13.66
N GLN N 13 10.63 18.53 13.57
CA GLN N 13 9.68 18.32 14.66
C GLN N 13 10.15 17.01 15.30
N THR N 14 9.22 16.12 15.63
CA THR N 14 9.57 14.81 16.16
C THR N 14 9.46 13.91 14.90
N ARG N 15 9.00 14.53 13.80
CA ARG N 15 8.82 13.87 12.51
C ARG N 15 10.12 13.85 11.73
N ILE N 16 10.37 12.74 11.04
CA ILE N 16 11.55 12.61 10.19
C ILE N 16 10.92 12.86 8.81
N ARG N 17 10.93 14.14 8.41
CA ARG N 17 10.35 14.60 7.14
C ARG N 17 10.99 13.88 5.93
N THR N 18 10.19 13.11 5.20
CA THR N 18 10.67 12.40 4.02
C THR N 18 10.55 13.29 2.77
N GLN N 19 9.59 14.20 2.84
CA GLN N 19 9.32 15.19 1.79
C GLN N 19 10.49 16.17 1.89
N ARG N 20 11.00 16.67 0.75
CA ARG N 20 12.12 17.62 0.75
C ARG N 20 11.80 18.83 1.63
N GLU N 21 12.66 19.08 2.63
CA GLU N 21 12.47 20.20 3.55
C GLU N 21 13.62 21.21 3.54
N LEU N 22 14.67 20.94 2.77
CA LEU N 22 15.82 21.83 2.67
C LEU N 22 15.47 23.27 2.26
N GLN N 23 14.41 23.43 1.47
CA GLN N 23 13.97 24.75 1.03
C GLN N 23 13.20 25.45 2.15
N ASN N 24 12.78 24.67 3.14
CA ASN N 24 12.03 25.17 4.30
C ASN N 24 12.96 25.33 5.52
N THR N 25 14.13 24.71 5.45
CA THR N 25 15.10 24.77 6.53
C THR N 25 15.91 26.07 6.52
N TYR N 26 16.68 26.31 5.46
CA TYR N 26 17.48 27.54 5.35
C TYR N 26 16.67 28.49 4.45
N PHE N 27 16.32 29.68 4.96
CA PHE N 27 15.51 30.60 4.15
C PHE N 27 15.82 32.10 4.24
N THR N 28 15.38 32.83 3.22
CA THR N 28 15.50 34.29 3.12
C THR N 28 14.11 34.78 2.75
N LYS N 29 13.40 35.34 3.72
CA LYS N 29 12.04 35.84 3.49
C LYS N 29 11.99 37.33 3.84
N LEU N 30 11.13 38.06 3.13
CA LEU N 30 10.94 39.48 3.40
C LEU N 30 9.81 39.56 4.43
N VAL N 31 10.12 40.13 5.58
CA VAL N 31 9.16 40.26 6.69
C VAL N 31 8.88 41.74 6.99
N PRO N 32 7.62 42.18 6.83
CA PRO N 32 7.27 43.59 7.12
C PRO N 32 7.62 43.93 8.58
N TYR N 33 8.13 45.14 8.81
CA TYR N 33 8.54 45.58 10.16
C TYR N 33 7.47 45.30 11.22
N GLU N 34 6.23 45.61 10.88
CA GLU N 34 5.07 45.41 11.76
C GLU N 34 4.81 43.97 12.16
N ASN N 35 5.53 43.03 11.55
CA ASN N 35 5.38 41.60 11.85
C ASN N 35 6.70 40.95 12.25
N TRP N 36 7.80 41.72 12.25
CA TRP N 36 9.12 41.16 12.59
C TRP N 36 9.28 40.60 14.02
N PHE N 37 8.82 41.34 15.04
CA PHE N 37 8.94 40.89 16.43
C PHE N 37 8.29 39.52 16.60
N ARG N 38 7.14 39.34 15.95
CA ARG N 38 6.36 38.10 15.97
C ARG N 38 7.06 36.94 15.25
N GLU N 39 7.50 37.18 14.01
CA GLU N 39 8.20 36.16 13.23
C GLU N 39 9.53 35.78 13.90
N GLN N 40 10.30 36.79 14.32
CA GLN N 40 11.58 36.54 14.99
C GLN N 40 11.36 35.63 16.20
N GLN N 41 10.31 35.89 16.98
CA GLN N 41 10.00 35.07 18.16
C GLN N 41 9.57 33.62 17.88
N ARG N 42 8.78 33.41 16.82
CA ARG N 42 8.32 32.07 16.42
C ARG N 42 9.54 31.23 16.04
N ILE N 43 10.41 31.79 15.20
CA ILE N 43 11.65 31.15 14.74
C ILE N 43 12.54 30.73 15.93
N GLN N 44 12.62 31.61 16.94
CA GLN N 44 13.42 31.37 18.15
C GLN N 44 12.86 30.22 19.01
N LYS N 45 11.57 30.27 19.30
CA LYS N 45 10.88 29.26 20.11
C LYS N 45 10.93 27.88 19.43
N MET N 46 11.00 27.89 18.09
CA MET N 46 11.10 26.68 17.26
C MET N 46 12.47 26.02 17.43
N GLY N 47 13.47 26.83 17.77
CA GLY N 47 14.82 26.33 17.93
C GLY N 47 15.67 26.67 16.71
N GLY N 48 15.16 27.56 15.85
CA GLY N 48 15.87 27.96 14.66
C GLY N 48 16.85 29.08 14.93
N LYS N 49 17.96 29.11 14.18
CA LYS N 49 19.02 30.12 14.34
C LYS N 49 18.88 31.20 13.26
N ILE N 50 18.79 32.46 13.67
CA ILE N 50 18.67 33.59 12.74
C ILE N 50 20.06 34.06 12.29
N VAL N 51 20.40 33.77 11.04
CA VAL N 51 21.70 34.10 10.44
C VAL N 51 21.88 35.55 10.04
N LYS N 52 20.91 36.11 9.31
CA LYS N 52 21.02 37.48 8.85
C LYS N 52 19.69 38.23 8.98
N VAL N 53 19.78 39.55 9.18
CA VAL N 53 18.59 40.39 9.27
C VAL N 53 18.99 41.73 8.65
N GLU N 54 18.27 42.13 7.61
CA GLU N 54 18.54 43.39 6.91
C GLU N 54 17.26 44.23 6.88
N LEU N 55 17.45 45.54 6.68
CA LEU N 55 16.34 46.48 6.57
C LEU N 55 16.21 46.73 5.08
N ALA N 56 15.40 45.91 4.43
CA ALA N 56 15.19 46.01 2.99
C ALA N 56 14.93 47.43 2.49
N THR N 57 14.05 48.18 3.17
CA THR N 57 13.71 49.55 2.77
C THR N 57 14.86 50.59 2.89
N GLY N 58 15.97 50.20 3.52
CA GLY N 58 17.10 51.09 3.62
C GLY N 58 17.23 52.07 4.77
N LYS N 59 16.61 53.25 4.65
CA LYS N 59 16.73 54.29 5.67
C LYS N 59 16.33 53.99 7.12
N GLN N 60 17.31 54.11 8.01
CA GLN N 60 17.15 53.87 9.44
C GLN N 60 17.02 55.19 10.19
N GLY N 61 16.38 55.15 11.36
CA GLY N 61 16.20 56.35 12.16
C GLY N 61 15.12 57.30 11.67
N ILE N 62 14.17 56.80 10.88
CA ILE N 62 13.09 57.63 10.35
C ILE N 62 12.08 58.01 11.46
N ASN N 63 11.70 59.29 11.50
CA ASN N 63 10.72 59.80 12.46
C ASN N 63 9.33 59.86 11.83
N THR N 64 9.27 60.33 10.60
CA THR N 64 8.02 60.43 9.83
C THR N 64 8.33 60.10 8.35
N GLY N 65 7.39 59.43 7.68
CA GLY N 65 7.57 59.01 6.30
C GLY N 65 7.96 57.54 6.34
N LEU N 66 7.13 56.73 6.99
CA LEU N 66 7.35 55.28 7.15
C LEU N 66 6.59 54.41 6.15
N ALA N 67 5.71 55.04 5.35
CA ALA N 67 4.87 54.36 4.35
C ALA N 67 5.62 53.46 3.35
#